data_1PTO
#
_entry.id   1PTO
#
_cell.length_a   163.800
_cell.length_b   98.200
_cell.length_c   194.500
_cell.angle_alpha   90.00
_cell.angle_beta   90.00
_cell.angle_gamma   90.00
#
_symmetry.space_group_name_H-M   'P 21 21 21'
#
loop_
_entity.id
_entity.type
_entity.pdbx_description
1 polymer 'PERTUSSIS TOXIN (SUBUNIT S1)'
2 polymer 'PERTUSSIS TOXIN'
3 polymer 'PERTUSSIS TOXIN'
4 polymer 'PERTUSSIS TOXIN (SUBUNIT S4)'
5 polymer 'PERTUSSIS TOXIN (SUBUNIT S5)'
6 polymer 'PERTUSSIS TOXIN (SUBUNIT S2)'
7 branched 'N-acetyl-alpha-neuraminic acid-(2-6)-beta-D-galactopyranose'
#
loop_
_entity_poly.entity_id
_entity_poly.type
_entity_poly.pdbx_seq_one_letter_code
_entity_poly.pdbx_strand_id
1 'polypeptide(L)'
;APVTSPAWADDPPATVYRYDSRPPEDVFQNGFTAWGNNDNVLEHLTGRSCQVGSSNSAFVSTSSSRRYTEVYLEHRMQEA
VEAERAGRGTGHFIGYIYEVRADNNFYGAASSYFEYVDTYGDNAGRILAGALATYQSEYLAHRRIPPENIRRVTRVYHNG
ITGETTTTEYSNARYVSQQTRANPNPYTSRRSVASIVGTLVRMAPVVGACMARQAESSEAMAAWSERAGEAMVLVYYESI
AYSF
;
A,G
2 'polypeptide(L)'
;GIVIPPQEQITQHGSPYGRCANKTRALTVAELRGSGDLQEYLRHVTRGWSIFALYDGTYLGGEYGGVIKDGTPGGAFDLK
TTFCIMTTRNTGQPATDHYYSNVTATRLLSSTNSRLCAVFVRSGQPVIGACTSPYDGKYWSMYSRLRKMLYLIYVAGISV
RVHVSKEEQYYDYEDATFETYALTGISICNPGSSLC
;
B
3 'polypeptide(L)'
;GIVIPPKALFTQQGGAYGRCPNGTRALTVAELRGNAELQTYLRQITPGWSIYGLYDGTYLGQAYGGIIKDAPPGAGFIYR
ETFCITTIYKTGQPAADHYYSKVTATRLLASTNSRLCAVFVRDGQSVIGACASPYEGRYRDMYDALRRLLYMIYMSGLAV
RVHVSKEEQYYDYEDATFQTYALTGISLCNPAASIC
;
C,I
4 'polypeptide(L)'
;DVPYVLVKTNMVVTSVAMKPYEVTPTRMLVCGIAAKLGAAASSPDAHVPFCFGKDLKRPGSSPMEVMLRAVFMQQRPLRM
FLGPKQLTFEGKPALELIRMVECSGKQDCP
;
D,E,J,K
5 'polypeptide(L)'
;LPTHLYKNFTVQELALKLKGKNQEFCLTAFMSGRSLVRACLSDAGHEHDTWFDTMLGFAISAYALKSRIALTVEDSPYPG
TPGDLLELQICPLNGYCE
;
F,L
6 'polypeptide(L)'
;TPGIVIPPQEQITQHGSPYGRCANKTRALTVAELRGSGDLQEYLRHVTRGWSIFALYDGTYLGGEYGGVIKDGTPGGAFD
LKTTFCIMTTRNTGQPATDHYYSNVTATRLLSSTNSRLCAVFVRSGQPVIGACTSPYDGKYWSMYSRLRKMLYLIYVAGI
SVRVHVSKEEQYYDYEDATFETYALTGISICNPGSSLC
;
H
#
# COMPACT_ATOMS: atom_id res chain seq x y z
N ASP A 11 -37.58 -12.53 -32.48
CA ASP A 11 -38.64 -13.55 -32.59
C ASP A 11 -38.07 -14.92 -32.94
N PRO A 12 -38.64 -16.01 -32.36
CA PRO A 12 -38.10 -17.33 -32.69
C PRO A 12 -38.52 -17.68 -34.13
N PRO A 13 -37.80 -18.61 -34.76
CA PRO A 13 -38.15 -18.96 -36.12
C PRO A 13 -39.42 -19.77 -36.14
N ALA A 14 -39.98 -19.89 -37.33
CA ALA A 14 -41.20 -20.65 -37.54
C ALA A 14 -40.81 -21.84 -38.38
N THR A 15 -39.85 -21.61 -39.27
CA THR A 15 -39.36 -22.62 -40.18
C THR A 15 -37.84 -22.76 -40.16
N VAL A 16 -37.39 -24.00 -40.25
CA VAL A 16 -35.98 -24.28 -40.27
C VAL A 16 -35.72 -25.15 -41.46
N TYR A 17 -34.47 -25.42 -41.76
CA TYR A 17 -34.14 -26.25 -42.89
C TYR A 17 -33.26 -27.34 -42.37
N ARG A 18 -33.00 -28.33 -43.18
CA ARG A 18 -32.19 -29.46 -42.77
C ARG A 18 -31.74 -30.11 -44.04
N TYR A 19 -30.45 -30.17 -44.27
CA TYR A 19 -30.00 -30.79 -45.51
C TYR A 19 -29.92 -32.23 -45.22
N ASP A 20 -30.26 -33.07 -46.16
CA ASP A 20 -30.14 -34.46 -45.89
C ASP A 20 -29.93 -35.20 -47.15
N SER A 21 -29.34 -36.39 -47.02
CA SER A 21 -29.14 -37.24 -48.19
C SER A 21 -30.27 -38.32 -48.32
N ARG A 22 -31.13 -38.41 -47.32
CA ARG A 22 -32.28 -39.32 -47.38
C ARG A 22 -33.35 -38.58 -48.21
N PRO A 23 -34.05 -39.31 -49.13
CA PRO A 23 -35.11 -38.92 -50.05
C PRO A 23 -36.48 -38.88 -49.40
N PRO A 24 -37.39 -38.06 -49.95
CA PRO A 24 -38.78 -37.80 -49.52
C PRO A 24 -39.63 -38.97 -49.19
N GLU A 25 -39.65 -40.02 -50.01
CA GLU A 25 -40.46 -41.18 -49.69
C GLU A 25 -40.07 -41.68 -48.32
N ASP A 26 -38.82 -41.48 -47.94
CA ASP A 26 -38.34 -41.90 -46.63
C ASP A 26 -38.66 -40.82 -45.60
N VAL A 27 -38.22 -39.60 -45.88
CA VAL A 27 -38.41 -38.48 -44.96
C VAL A 27 -39.85 -38.17 -44.64
N PHE A 28 -40.64 -37.85 -45.66
CA PHE A 28 -42.07 -37.50 -45.50
C PHE A 28 -42.84 -38.50 -44.67
N GLN A 29 -42.35 -39.72 -44.61
CA GLN A 29 -43.07 -40.74 -43.89
C GLN A 29 -42.53 -41.12 -42.53
N ASN A 30 -41.34 -40.64 -42.18
CA ASN A 30 -40.75 -41.02 -40.90
C ASN A 30 -40.04 -39.90 -40.15
N GLY A 31 -39.83 -38.77 -40.83
CA GLY A 31 -39.14 -37.67 -40.20
C GLY A 31 -37.70 -38.02 -39.78
N PHE A 32 -37.22 -37.30 -38.77
CA PHE A 32 -35.89 -37.54 -38.28
C PHE A 32 -35.96 -37.82 -36.81
N THR A 33 -34.99 -38.60 -36.35
CA THR A 33 -34.89 -38.98 -34.96
C THR A 33 -33.43 -38.93 -34.50
N ALA A 34 -33.22 -38.36 -33.31
CA ALA A 34 -31.87 -38.19 -32.73
C ALA A 34 -31.17 -39.48 -32.48
N TRP A 35 -29.85 -39.45 -32.71
CA TRP A 35 -29.01 -40.62 -32.52
C TRP A 35 -29.06 -41.25 -31.15
N GLY A 36 -29.26 -40.40 -30.12
CA GLY A 36 -29.32 -40.90 -28.75
C GLY A 36 -30.04 -40.04 -27.72
N ASN A 37 -29.79 -40.36 -26.46
CA ASN A 37 -30.44 -39.65 -25.39
C ASN A 37 -29.64 -38.58 -24.69
N ASN A 38 -28.35 -38.51 -24.95
CA ASN A 38 -27.53 -37.49 -24.33
C ASN A 38 -28.09 -36.16 -24.74
N ASP A 39 -28.75 -35.45 -23.84
CA ASP A 39 -29.34 -34.17 -24.23
C ASP A 39 -28.51 -33.01 -23.76
N ASN A 40 -27.24 -33.28 -23.60
CA ASN A 40 -26.32 -32.26 -23.15
C ASN A 40 -25.95 -31.24 -24.23
N VAL A 41 -26.34 -29.99 -24.00
CA VAL A 41 -26.06 -28.94 -24.95
C VAL A 41 -24.61 -28.80 -25.36
N LEU A 42 -23.75 -28.62 -24.39
CA LEU A 42 -22.36 -28.44 -24.74
C LEU A 42 -21.80 -29.60 -25.56
N GLU A 43 -22.01 -30.82 -25.11
CA GLU A 43 -21.46 -31.97 -25.81
C GLU A 43 -21.87 -32.02 -27.29
N HIS A 44 -23.14 -31.70 -27.56
CA HIS A 44 -23.65 -31.67 -28.93
C HIS A 44 -23.07 -30.44 -29.68
N LEU A 45 -23.20 -29.28 -29.05
CA LEU A 45 -22.71 -28.06 -29.62
C LEU A 45 -21.26 -28.10 -30.03
N THR A 46 -20.52 -28.97 -29.36
CA THR A 46 -19.09 -29.18 -29.55
C THR A 46 -18.75 -30.46 -30.33
N GLY A 47 -19.78 -31.14 -30.82
CA GLY A 47 -19.53 -32.35 -31.58
C GLY A 47 -19.38 -33.66 -30.81
N ARG A 48 -19.00 -33.58 -29.54
CA ARG A 48 -18.82 -34.78 -28.73
C ARG A 48 -19.95 -35.84 -28.86
N SER A 49 -21.22 -35.42 -28.80
CA SER A 49 -22.34 -36.37 -28.89
C SER A 49 -22.75 -36.86 -30.30
N CYS A 50 -21.99 -36.43 -31.30
CA CYS A 50 -22.24 -36.77 -32.70
C CYS A 50 -20.97 -37.37 -33.26
N GLN A 51 -19.94 -37.41 -32.43
CA GLN A 51 -18.65 -37.93 -32.80
C GLN A 51 -18.76 -39.36 -33.22
N VAL A 52 -18.00 -39.69 -34.24
CA VAL A 52 -17.97 -41.05 -34.77
C VAL A 52 -17.78 -42.13 -33.69
N GLY A 53 -18.84 -42.86 -33.41
CA GLY A 53 -18.75 -43.89 -32.39
C GLY A 53 -18.82 -43.22 -31.03
N SER A 54 -19.74 -42.28 -30.88
CA SER A 54 -19.92 -41.57 -29.63
C SER A 54 -21.16 -40.75 -29.89
N SER A 55 -21.89 -41.15 -30.92
CA SER A 55 -23.07 -40.45 -31.33
C SER A 55 -24.25 -40.84 -30.46
N ASN A 56 -24.83 -39.86 -29.79
CA ASN A 56 -25.97 -40.11 -28.92
C ASN A 56 -26.71 -38.83 -28.59
N SER A 57 -26.36 -37.71 -29.22
CA SER A 57 -27.08 -36.47 -28.96
C SER A 57 -28.59 -36.68 -29.13
N ALA A 58 -29.37 -36.12 -28.23
CA ALA A 58 -30.81 -36.23 -28.36
C ALA A 58 -31.28 -35.05 -29.24
N PHE A 59 -30.44 -34.69 -30.20
CA PHE A 59 -30.75 -33.56 -31.07
C PHE A 59 -30.74 -33.79 -32.59
N VAL A 60 -31.72 -33.20 -33.24
CA VAL A 60 -31.81 -33.28 -34.67
C VAL A 60 -31.37 -31.91 -35.08
N SER A 61 -30.28 -31.83 -35.82
CA SER A 61 -29.81 -30.52 -36.26
C SER A 61 -30.66 -29.90 -37.37
N THR A 62 -30.89 -28.59 -37.30
CA THR A 62 -31.59 -27.86 -38.35
C THR A 62 -30.92 -26.47 -38.35
N SER A 63 -31.34 -25.60 -39.23
CA SER A 63 -30.74 -24.29 -39.29
C SER A 63 -31.80 -23.36 -39.79
N SER A 64 -31.97 -22.24 -39.14
CA SER A 64 -32.98 -21.31 -39.59
C SER A 64 -32.54 -20.61 -40.88
N SER A 65 -31.38 -20.95 -41.43
CA SER A 65 -30.93 -20.29 -42.65
C SER A 65 -30.91 -21.21 -43.82
N ARG A 66 -31.82 -21.03 -44.78
CA ARG A 66 -31.82 -21.90 -45.93
C ARG A 66 -30.49 -21.65 -46.61
N ARG A 67 -30.19 -20.37 -46.82
CA ARG A 67 -28.96 -20.00 -47.47
C ARG A 67 -27.85 -20.91 -46.96
N TYR A 68 -27.74 -21.03 -45.64
CA TYR A 68 -26.72 -21.87 -45.04
C TYR A 68 -26.74 -23.25 -45.67
N THR A 69 -27.89 -23.89 -45.59
CA THR A 69 -28.02 -25.22 -46.14
C THR A 69 -27.64 -25.25 -47.61
N GLU A 70 -28.14 -24.29 -48.36
CA GLU A 70 -27.83 -24.24 -49.77
C GLU A 70 -26.32 -24.32 -50.00
N VAL A 71 -25.53 -23.54 -49.27
CA VAL A 71 -24.09 -23.56 -49.49
C VAL A 71 -23.41 -24.86 -49.13
N TYR A 72 -23.89 -25.50 -48.10
CA TYR A 72 -23.29 -26.76 -47.71
C TYR A 72 -23.49 -27.70 -48.90
N LEU A 73 -24.74 -27.79 -49.36
CA LEU A 73 -25.07 -28.68 -50.47
C LEU A 73 -24.26 -28.26 -51.67
N GLU A 74 -24.31 -26.97 -51.99
CA GLU A 74 -23.60 -26.45 -53.13
C GLU A 74 -22.15 -26.92 -53.09
N HIS A 75 -21.61 -27.10 -51.88
CA HIS A 75 -20.25 -27.54 -51.76
C HIS A 75 -20.11 -29.03 -51.76
N ARG A 76 -21.08 -29.73 -51.18
CA ARG A 76 -21.05 -31.17 -51.14
C ARG A 76 -21.05 -31.72 -52.54
N MET A 77 -21.78 -31.01 -53.40
CA MET A 77 -21.92 -31.34 -54.79
C MET A 77 -20.57 -31.22 -55.46
N GLN A 78 -19.91 -30.09 -55.24
CA GLN A 78 -18.61 -29.89 -55.83
C GLN A 78 -17.67 -30.97 -55.39
N GLU A 79 -17.86 -31.46 -54.19
CA GLU A 79 -16.98 -32.49 -53.72
C GLU A 79 -17.08 -33.64 -54.72
N ALA A 80 -18.30 -33.94 -55.15
CA ALA A 80 -18.51 -35.02 -56.11
C ALA A 80 -17.70 -34.83 -57.36
N VAL A 81 -17.89 -33.70 -58.00
CA VAL A 81 -17.18 -33.40 -59.20
C VAL A 81 -15.68 -33.66 -58.98
N GLU A 82 -15.13 -33.06 -57.94
CA GLU A 82 -13.71 -33.21 -57.64
C GLU A 82 -13.30 -34.66 -57.38
N ALA A 83 -14.28 -35.48 -57.02
CA ALA A 83 -14.00 -36.86 -56.74
C ALA A 83 -13.86 -37.54 -58.07
N GLU A 84 -14.90 -37.43 -58.87
CA GLU A 84 -14.88 -38.05 -60.17
C GLU A 84 -13.63 -37.54 -60.89
N ARG A 85 -13.26 -36.28 -60.69
CA ARG A 85 -12.10 -35.77 -61.37
C ARG A 85 -10.86 -36.58 -61.08
N ALA A 86 -10.77 -37.08 -59.85
CA ALA A 86 -9.61 -37.86 -59.41
C ALA A 86 -9.85 -39.28 -59.81
N GLY A 87 -11.11 -39.58 -60.10
CA GLY A 87 -11.45 -40.92 -60.50
C GLY A 87 -12.03 -41.69 -59.36
N ARG A 88 -12.81 -41.01 -58.52
CA ARG A 88 -13.40 -41.68 -57.40
C ARG A 88 -14.87 -41.76 -57.61
N GLY A 89 -15.45 -40.63 -57.98
CA GLY A 89 -16.90 -40.58 -58.19
C GLY A 89 -17.44 -40.77 -59.60
N THR A 90 -18.74 -41.05 -59.63
CA THR A 90 -19.48 -41.20 -60.86
C THR A 90 -19.70 -39.79 -61.36
N GLY A 91 -19.63 -38.83 -60.45
CA GLY A 91 -19.80 -37.43 -60.80
C GLY A 91 -21.21 -36.88 -60.68
N HIS A 92 -22.08 -37.60 -59.99
CA HIS A 92 -23.43 -37.12 -59.89
C HIS A 92 -23.77 -36.82 -58.50
N PHE A 93 -24.79 -36.01 -58.30
CA PHE A 93 -25.17 -35.63 -56.96
C PHE A 93 -26.66 -35.45 -56.84
N ILE A 94 -27.11 -35.73 -55.63
CA ILE A 94 -28.52 -35.71 -55.30
C ILE A 94 -28.63 -35.24 -53.87
N GLY A 95 -29.08 -34.01 -53.67
CA GLY A 95 -29.21 -33.47 -52.33
C GLY A 95 -30.62 -33.07 -52.01
N TYR A 96 -30.96 -33.01 -50.74
CA TYR A 96 -32.30 -32.63 -50.34
C TYR A 96 -32.28 -31.53 -49.29
N ILE A 97 -33.16 -30.57 -49.40
CA ILE A 97 -33.21 -29.51 -48.41
C ILE A 97 -34.65 -29.49 -47.92
N TYR A 98 -34.90 -29.96 -46.70
CA TYR A 98 -36.27 -30.01 -46.18
C TYR A 98 -36.75 -28.80 -45.42
N GLU A 99 -37.95 -28.35 -45.75
CA GLU A 99 -38.54 -27.19 -45.10
C GLU A 99 -39.27 -27.77 -43.89
N VAL A 100 -38.95 -27.29 -42.69
CA VAL A 100 -39.55 -27.78 -41.45
C VAL A 100 -40.21 -26.78 -40.57
N ARG A 101 -41.41 -27.13 -40.14
CA ARG A 101 -42.22 -26.29 -39.26
C ARG A 101 -41.61 -26.44 -37.88
N ALA A 102 -40.92 -25.40 -37.43
CA ALA A 102 -40.26 -25.39 -36.14
C ALA A 102 -41.17 -24.96 -35.02
N ASP A 103 -41.68 -25.95 -34.29
CA ASP A 103 -42.57 -25.70 -33.16
C ASP A 103 -41.74 -25.45 -31.89
N ASN A 104 -42.41 -25.41 -30.73
CA ASN A 104 -41.72 -25.17 -29.48
C ASN A 104 -41.12 -26.46 -28.89
N ASN A 105 -40.30 -27.10 -29.71
CA ASN A 105 -39.61 -28.31 -29.34
C ASN A 105 -38.27 -28.23 -30.02
N PHE A 106 -38.11 -27.14 -30.73
CA PHE A 106 -36.88 -26.82 -31.42
C PHE A 106 -36.37 -25.71 -30.52
N TYR A 107 -35.13 -25.84 -30.08
CA TYR A 107 -34.54 -24.81 -29.25
C TYR A 107 -33.31 -24.37 -29.98
N GLY A 108 -32.97 -23.10 -29.82
CA GLY A 108 -31.78 -22.54 -30.48
C GLY A 108 -30.47 -23.03 -29.89
N ALA A 109 -29.47 -23.22 -30.75
CA ALA A 109 -28.17 -23.67 -30.28
C ALA A 109 -27.49 -22.52 -29.56
N ALA A 110 -27.67 -21.32 -30.13
CA ALA A 110 -27.07 -20.12 -29.56
C ALA A 110 -27.45 -20.01 -28.11
N SER A 111 -28.69 -19.55 -27.91
CA SER A 111 -29.23 -19.36 -26.59
C SER A 111 -28.83 -20.49 -25.68
N SER A 112 -29.11 -21.71 -26.08
CA SER A 112 -28.76 -22.84 -25.25
C SER A 112 -27.30 -22.86 -24.86
N TYR A 113 -26.40 -22.53 -25.78
CA TYR A 113 -24.99 -22.53 -25.43
C TYR A 113 -24.69 -21.43 -24.46
N PHE A 114 -24.91 -20.21 -24.93
CA PHE A 114 -24.68 -19.02 -24.11
C PHE A 114 -25.29 -19.15 -22.73
N GLU A 115 -26.35 -19.96 -22.62
CA GLU A 115 -27.01 -20.14 -21.36
C GLU A 115 -26.29 -21.15 -20.51
N TYR A 116 -26.04 -22.34 -21.06
CA TYR A 116 -25.30 -23.33 -20.29
C TYR A 116 -24.04 -22.64 -19.74
N VAL A 117 -23.47 -21.69 -20.48
CA VAL A 117 -22.27 -21.02 -19.98
C VAL A 117 -22.53 -20.11 -18.77
N ASP A 118 -23.53 -19.24 -18.90
CA ASP A 118 -23.87 -18.32 -17.82
C ASP A 118 -24.67 -19.03 -16.74
N THR A 119 -24.30 -20.28 -16.48
CA THR A 119 -24.95 -21.11 -15.49
C THR A 119 -23.85 -22.00 -14.98
N TYR A 120 -22.80 -22.17 -15.76
CA TYR A 120 -21.72 -23.04 -15.29
C TYR A 120 -20.38 -22.37 -15.20
N GLY A 121 -20.13 -21.40 -16.05
CA GLY A 121 -18.86 -20.73 -15.98
C GLY A 121 -18.19 -20.67 -17.30
N ASP A 122 -17.52 -19.56 -17.52
CA ASP A 122 -16.85 -19.31 -18.78
C ASP A 122 -15.83 -20.37 -19.11
N ASN A 123 -15.26 -20.98 -18.08
CA ASN A 123 -14.28 -22.05 -18.28
C ASN A 123 -15.01 -23.34 -18.63
N ALA A 124 -16.32 -23.37 -18.42
CA ALA A 124 -17.10 -24.55 -18.68
C ALA A 124 -17.52 -24.74 -20.14
N GLY A 125 -17.31 -23.70 -20.95
CA GLY A 125 -17.69 -23.84 -22.33
C GLY A 125 -16.69 -23.20 -23.25
N ARG A 126 -16.38 -23.90 -24.33
CA ARG A 126 -15.42 -23.38 -25.31
C ARG A 126 -16.00 -22.36 -26.27
N ILE A 127 -15.29 -21.25 -26.33
CA ILE A 127 -15.63 -20.11 -27.16
C ILE A 127 -16.04 -20.39 -28.60
N LEU A 128 -15.17 -21.02 -29.39
CA LEU A 128 -15.48 -21.26 -30.79
C LEU A 128 -16.77 -22.03 -30.98
N ALA A 129 -17.06 -22.93 -30.07
CA ALA A 129 -18.26 -23.74 -30.15
C ALA A 129 -19.53 -22.92 -30.12
N GLY A 130 -19.43 -21.73 -29.55
CA GLY A 130 -20.59 -20.88 -29.51
C GLY A 130 -20.53 -20.01 -30.73
N ALA A 131 -19.31 -19.73 -31.18
CA ALA A 131 -19.12 -18.87 -32.35
C ALA A 131 -19.71 -19.60 -33.50
N LEU A 132 -19.54 -20.92 -33.43
CA LEU A 132 -19.98 -21.87 -34.43
C LEU A 132 -21.50 -21.99 -34.43
N ALA A 133 -22.12 -22.15 -33.26
CA ALA A 133 -23.58 -22.24 -33.14
C ALA A 133 -24.29 -21.05 -33.77
N THR A 134 -23.65 -19.89 -33.70
CA THR A 134 -24.22 -18.68 -34.27
C THR A 134 -24.12 -18.76 -35.78
N TYR A 135 -22.97 -19.17 -36.28
CA TYR A 135 -22.74 -19.29 -37.72
C TYR A 135 -23.61 -20.34 -38.43
N GLN A 136 -24.21 -21.24 -37.66
CA GLN A 136 -25.06 -22.28 -38.25
C GLN A 136 -26.52 -22.03 -37.99
N SER A 137 -26.81 -21.06 -37.13
CA SER A 137 -28.19 -20.75 -36.77
C SER A 137 -28.87 -22.10 -36.52
N GLU A 138 -28.08 -22.99 -35.97
CA GLU A 138 -28.51 -24.31 -35.68
C GLU A 138 -29.66 -24.25 -34.70
N TYR A 139 -30.67 -25.08 -34.92
CA TYR A 139 -31.77 -25.18 -33.98
C TYR A 139 -31.90 -26.64 -33.65
N LEU A 140 -31.96 -26.88 -32.35
CA LEU A 140 -32.03 -28.21 -31.80
C LEU A 140 -33.41 -28.77 -31.64
N ALA A 141 -33.74 -29.72 -32.52
CA ALA A 141 -35.02 -30.41 -32.47
C ALA A 141 -34.74 -31.49 -31.48
N HIS A 142 -35.32 -31.31 -30.30
CA HIS A 142 -35.13 -32.25 -29.23
C HIS A 142 -35.91 -33.54 -29.49
N ARG A 143 -35.26 -34.69 -29.34
CA ARG A 143 -35.89 -35.99 -29.54
C ARG A 143 -36.12 -36.40 -30.98
N ARG A 144 -37.15 -35.87 -31.62
CA ARG A 144 -37.42 -36.24 -33.00
C ARG A 144 -38.24 -35.18 -33.68
N ILE A 145 -38.17 -35.15 -34.99
CA ILE A 145 -38.92 -34.19 -35.76
C ILE A 145 -39.71 -35.07 -36.72
N PRO A 146 -41.04 -35.19 -36.50
CA PRO A 146 -42.07 -35.97 -37.19
C PRO A 146 -42.50 -35.51 -38.58
N PRO A 147 -43.03 -36.45 -39.39
CA PRO A 147 -43.47 -36.17 -40.75
C PRO A 147 -44.36 -34.94 -40.85
N GLU A 148 -45.24 -34.82 -39.86
CA GLU A 148 -46.21 -33.74 -39.81
C GLU A 148 -45.64 -32.34 -39.98
N ASN A 149 -44.37 -32.15 -39.66
CA ASN A 149 -43.72 -30.81 -39.74
C ASN A 149 -42.96 -30.56 -41.05
N ILE A 150 -42.59 -31.65 -41.69
CA ILE A 150 -41.87 -31.56 -42.93
C ILE A 150 -42.90 -31.19 -44.00
N ARG A 151 -42.86 -29.95 -44.42
CA ARG A 151 -43.82 -29.48 -45.39
C ARG A 151 -43.30 -29.37 -46.81
N ARG A 152 -42.15 -29.90 -47.14
CA ARG A 152 -41.68 -29.69 -48.50
C ARG A 152 -40.29 -30.21 -48.58
N VAL A 153 -39.70 -30.17 -49.77
CA VAL A 153 -38.32 -30.61 -49.95
C VAL A 153 -37.87 -30.07 -51.27
N THR A 154 -36.57 -29.98 -51.49
CA THR A 154 -36.06 -29.51 -52.75
C THR A 154 -34.99 -30.48 -53.16
N ARG A 155 -35.25 -31.25 -54.21
CA ARG A 155 -34.31 -32.24 -54.74
C ARG A 155 -33.29 -31.51 -55.58
N VAL A 156 -32.03 -31.93 -55.49
CA VAL A 156 -30.98 -31.30 -56.27
C VAL A 156 -30.13 -32.33 -56.97
N TYR A 157 -30.40 -32.51 -58.25
CA TYR A 157 -29.61 -33.46 -58.99
C TYR A 157 -28.55 -32.70 -59.71
N HIS A 158 -27.37 -33.28 -59.78
CA HIS A 158 -26.37 -32.61 -60.52
C HIS A 158 -25.63 -33.62 -61.28
N ASN A 159 -25.33 -33.22 -62.50
CA ASN A 159 -24.54 -34.02 -63.38
C ASN A 159 -23.27 -33.18 -63.52
N GLY A 160 -22.23 -33.56 -62.78
CA GLY A 160 -20.98 -32.81 -62.79
C GLY A 160 -20.19 -33.06 -64.04
N ILE A 161 -20.61 -34.10 -64.74
CA ILE A 161 -20.02 -34.53 -65.99
C ILE A 161 -20.42 -33.59 -67.12
N THR A 162 -21.71 -33.20 -67.11
CA THR A 162 -22.31 -32.32 -68.11
C THR A 162 -22.73 -30.96 -67.56
N GLY A 163 -22.49 -30.76 -66.27
CA GLY A 163 -22.81 -29.50 -65.62
C GLY A 163 -24.29 -29.24 -65.52
N GLU A 164 -25.04 -30.28 -65.26
CA GLU A 164 -26.47 -30.09 -65.18
C GLU A 164 -27.06 -30.22 -63.78
N THR A 165 -27.67 -29.14 -63.36
CA THR A 165 -28.27 -29.08 -62.04
C THR A 165 -29.78 -29.06 -62.20
N THR A 166 -30.48 -29.96 -61.52
CA THR A 166 -31.92 -30.03 -61.65
C THR A 166 -32.68 -29.92 -60.33
N THR A 167 -33.40 -28.83 -60.18
CA THR A 167 -34.20 -28.54 -58.99
C THR A 167 -35.61 -29.11 -59.18
N THR A 168 -36.21 -29.64 -58.11
CA THR A 168 -37.57 -30.17 -58.19
C THR A 168 -38.17 -30.25 -56.80
N GLU A 169 -39.30 -29.59 -56.56
CA GLU A 169 -39.88 -29.60 -55.20
C GLU A 169 -41.13 -30.45 -54.97
N TYR A 170 -41.03 -31.45 -54.12
CA TYR A 170 -42.16 -32.32 -53.86
C TYR A 170 -42.67 -31.87 -52.54
N SER A 171 -43.92 -32.18 -52.21
CA SER A 171 -44.47 -31.74 -50.93
C SER A 171 -45.08 -32.83 -50.08
N ASN A 172 -44.92 -32.73 -48.76
CA ASN A 172 -45.47 -33.77 -47.90
C ASN A 172 -46.96 -33.59 -47.71
N ALA A 173 -47.66 -34.70 -47.84
CA ALA A 173 -49.10 -34.73 -47.67
C ALA A 173 -49.40 -34.73 -46.17
N ARG A 174 -48.70 -35.58 -45.44
CA ARG A 174 -48.87 -35.71 -44.00
C ARG A 174 -48.58 -34.41 -43.23
N TYR A 175 -48.04 -33.40 -43.90
CA TYR A 175 -47.73 -32.15 -43.23
C TYR A 175 -48.96 -31.52 -42.58
N VAL A 176 -48.89 -31.36 -41.27
CA VAL A 176 -49.95 -30.75 -40.51
C VAL A 176 -49.65 -29.26 -40.38
N SER A 177 -50.59 -28.40 -40.73
CA SER A 177 -50.30 -26.99 -40.55
C SER A 177 -50.92 -26.44 -39.29
N GLN A 178 -50.11 -25.70 -38.55
CA GLN A 178 -50.54 -25.05 -37.32
C GLN A 178 -49.58 -23.89 -37.23
N GLN A 179 -49.95 -22.85 -36.49
CA GLN A 179 -49.06 -21.72 -36.34
C GLN A 179 -48.16 -21.96 -35.14
N THR A 180 -46.87 -22.16 -35.38
CA THR A 180 -45.91 -22.39 -34.32
C THR A 180 -44.63 -21.64 -34.61
N ARG A 181 -43.73 -21.64 -33.63
CA ARG A 181 -42.43 -20.97 -33.70
C ARG A 181 -41.55 -21.78 -32.78
N ALA A 182 -40.24 -21.71 -32.97
CA ALA A 182 -39.34 -22.45 -32.11
C ALA A 182 -39.50 -21.93 -30.68
N ASN A 183 -39.20 -22.80 -29.74
CA ASN A 183 -39.28 -22.41 -28.36
C ASN A 183 -38.25 -21.34 -28.01
N PRO A 184 -38.71 -20.19 -27.50
CA PRO A 184 -37.78 -19.11 -27.14
C PRO A 184 -36.85 -19.44 -25.95
N ASN A 185 -37.36 -20.20 -24.99
CA ASN A 185 -36.59 -20.56 -23.80
C ASN A 185 -35.52 -21.60 -24.14
N PRO A 186 -34.23 -21.26 -23.95
CA PRO A 186 -33.15 -22.20 -24.27
C PRO A 186 -33.30 -23.53 -23.53
N TYR A 187 -32.82 -24.59 -24.16
CA TYR A 187 -32.87 -25.91 -23.57
C TYR A 187 -31.76 -25.85 -22.53
N THR A 188 -32.05 -26.33 -21.31
CA THR A 188 -31.05 -26.30 -20.24
C THR A 188 -30.51 -27.67 -19.91
N SER A 189 -29.19 -27.79 -19.93
CA SER A 189 -28.57 -29.07 -19.62
C SER A 189 -27.87 -28.97 -18.29
N ARG A 190 -27.44 -30.12 -17.81
CA ARG A 190 -26.68 -30.21 -16.58
C ARG A 190 -25.23 -30.02 -17.03
N ARG A 191 -24.33 -29.72 -16.12
CA ARG A 191 -22.96 -29.54 -16.51
C ARG A 191 -22.45 -30.81 -17.17
N SER A 192 -21.60 -30.66 -18.18
CA SER A 192 -21.01 -31.80 -18.83
C SER A 192 -20.10 -32.46 -17.83
N VAL A 193 -19.71 -33.67 -18.13
CA VAL A 193 -18.81 -34.40 -17.25
C VAL A 193 -17.63 -34.78 -18.12
N ALA A 194 -17.92 -34.83 -19.41
CA ALA A 194 -16.95 -35.22 -20.41
C ALA A 194 -15.79 -34.28 -20.49
N SER A 195 -14.68 -34.83 -20.93
CA SER A 195 -13.48 -34.08 -21.12
C SER A 195 -13.52 -33.66 -22.59
N ILE A 196 -13.98 -32.46 -22.88
CA ILE A 196 -14.02 -32.05 -24.28
C ILE A 196 -12.68 -31.44 -24.62
N VAL A 197 -12.15 -31.73 -25.80
CA VAL A 197 -10.86 -31.17 -26.19
C VAL A 197 -11.01 -29.88 -26.96
N GLY A 198 -11.99 -29.92 -27.85
CA GLY A 198 -12.30 -28.78 -28.69
C GLY A 198 -13.54 -29.06 -29.50
N THR A 199 -13.94 -28.06 -30.28
CA THR A 199 -15.11 -28.17 -31.14
C THR A 199 -14.78 -28.84 -32.44
N LEU A 200 -15.35 -30.03 -32.60
CA LEU A 200 -15.17 -30.80 -33.80
C LEU A 200 -16.03 -30.12 -34.82
N VAL A 201 -15.50 -29.97 -36.01
CA VAL A 201 -16.22 -29.29 -37.06
C VAL A 201 -15.60 -29.83 -38.34
N ARG A 202 -16.45 -30.04 -39.38
CA ARG A 202 -16.03 -30.53 -40.71
C ARG A 202 -15.45 -29.40 -41.49
N MET A 203 -14.40 -29.71 -42.22
CA MET A 203 -13.74 -28.69 -42.96
C MET A 203 -14.34 -28.30 -44.30
N ALA A 204 -13.87 -27.16 -44.80
CA ALA A 204 -14.26 -26.55 -46.06
C ALA A 204 -15.61 -26.92 -46.68
N PRO A 205 -16.68 -26.19 -46.36
CA PRO A 205 -16.72 -25.05 -45.46
C PRO A 205 -16.84 -25.60 -44.04
N VAL A 206 -16.74 -24.74 -43.05
CA VAL A 206 -16.82 -25.20 -41.71
C VAL A 206 -18.24 -25.58 -41.38
N VAL A 207 -18.41 -26.78 -40.83
CA VAL A 207 -19.73 -27.22 -40.48
C VAL A 207 -19.73 -28.09 -39.25
N GLY A 208 -20.76 -27.89 -38.43
CA GLY A 208 -20.94 -28.61 -37.18
C GLY A 208 -20.97 -30.10 -37.35
N ALA A 209 -20.12 -30.80 -36.61
CA ALA A 209 -20.06 -32.25 -36.71
C ALA A 209 -21.42 -32.93 -36.60
N CYS A 210 -22.36 -32.36 -35.86
CA CYS A 210 -23.65 -33.02 -35.85
C CYS A 210 -24.29 -32.80 -37.21
N MET A 211 -24.67 -31.55 -37.44
CA MET A 211 -25.32 -31.16 -38.68
C MET A 211 -24.67 -31.83 -39.86
N ALA A 212 -23.38 -31.64 -40.04
CA ALA A 212 -22.74 -32.27 -41.18
C ALA A 212 -22.82 -33.81 -41.20
N ARG A 213 -22.82 -34.43 -40.02
CA ARG A 213 -22.80 -35.89 -39.90
C ARG A 213 -24.11 -36.60 -39.84
N GLN A 214 -25.15 -35.90 -39.43
CA GLN A 214 -26.44 -36.55 -39.34
C GLN A 214 -27.08 -36.62 -40.74
N ALA A 215 -26.59 -35.79 -41.65
CA ALA A 215 -27.09 -35.76 -43.00
C ALA A 215 -26.75 -37.02 -43.78
N GLU A 216 -25.63 -37.65 -43.45
CA GLU A 216 -25.18 -38.86 -44.14
C GLU A 216 -25.95 -40.08 -43.67
N SER A 217 -26.10 -41.06 -44.57
CA SER A 217 -26.79 -42.32 -44.25
C SER A 217 -26.31 -43.40 -45.21
N SER A 218 -27.01 -44.53 -45.26
CA SER A 218 -26.64 -45.65 -46.14
C SER A 218 -27.42 -45.66 -47.46
N GLU A 219 -26.85 -45.00 -48.48
CA GLU A 219 -27.45 -44.93 -49.81
C GLU A 219 -26.51 -44.24 -50.79
N GLU A 230 -17.52 -43.99 -46.51
CA GLU A 230 -16.19 -43.61 -46.06
C GLU A 230 -16.33 -42.80 -44.76
N ALA A 231 -15.21 -42.58 -44.08
CA ALA A 231 -15.18 -41.84 -42.81
C ALA A 231 -15.12 -40.32 -43.01
N MET A 232 -15.96 -39.60 -42.29
CA MET A 232 -16.03 -38.16 -42.40
C MET A 232 -14.91 -37.51 -41.61
N VAL A 233 -14.09 -36.70 -42.29
CA VAL A 233 -13.00 -36.03 -41.60
C VAL A 233 -13.45 -34.85 -40.73
N LEU A 234 -13.44 -35.09 -39.42
CA LEU A 234 -13.82 -34.12 -38.42
C LEU A 234 -12.55 -33.55 -37.85
N VAL A 235 -12.44 -32.24 -37.76
CA VAL A 235 -11.24 -31.62 -37.24
C VAL A 235 -11.59 -30.72 -36.03
N TYR A 236 -10.62 -30.38 -35.17
CA TYR A 236 -10.92 -29.50 -34.04
C TYR A 236 -10.84 -28.06 -34.50
N TYR A 237 -11.99 -27.40 -34.46
CA TYR A 237 -12.09 -26.03 -34.89
C TYR A 237 -10.90 -25.13 -34.44
N GLU A 238 -10.50 -25.26 -33.18
CA GLU A 238 -9.41 -24.48 -32.61
C GLU A 238 -8.04 -24.74 -33.21
N SER A 239 -7.78 -25.98 -33.62
CA SER A 239 -6.49 -26.28 -34.15
C SER A 239 -6.20 -25.50 -35.39
N ILE A 240 -7.19 -24.85 -35.96
CA ILE A 240 -6.89 -24.10 -37.16
C ILE A 240 -7.56 -22.75 -37.21
N ALA A 241 -8.35 -22.43 -36.18
CA ALA A 241 -9.01 -21.13 -36.11
C ALA A 241 -7.97 -20.00 -36.20
N TYR A 242 -6.73 -20.31 -35.84
CA TYR A 242 -5.57 -19.38 -35.88
C TYR A 242 -4.55 -20.06 -36.78
N SER A 243 -4.09 -19.34 -37.81
CA SER A 243 -3.14 -19.87 -38.79
C SER A 243 -1.84 -20.36 -38.21
N PHE A 244 -1.20 -21.23 -38.96
CA PHE A 244 0.08 -21.74 -38.51
C PHE A 244 1.10 -21.06 -39.36
N GLY B 1 8.37 -31.83 -2.27
CA GLY B 1 9.17 -32.19 -3.43
C GLY B 1 9.81 -30.95 -4.02
N ILE B 2 9.05 -29.85 -3.93
CA ILE B 2 9.43 -28.55 -4.43
C ILE B 2 10.88 -28.36 -4.74
N VAL B 3 11.13 -27.88 -5.92
CA VAL B 3 12.47 -27.60 -6.33
C VAL B 3 12.80 -26.28 -5.65
N ILE B 4 13.92 -26.25 -4.96
CA ILE B 4 14.34 -25.05 -4.27
C ILE B 4 15.38 -24.27 -5.07
N PRO B 5 15.04 -23.02 -5.41
CA PRO B 5 15.94 -22.17 -6.18
C PRO B 5 17.24 -22.13 -5.44
N PRO B 6 18.32 -22.40 -6.13
CA PRO B 6 19.59 -22.35 -5.41
C PRO B 6 19.82 -20.93 -4.87
N GLN B 7 20.57 -20.85 -3.79
CA GLN B 7 20.84 -19.58 -3.17
C GLN B 7 21.08 -18.41 -4.14
N GLU B 8 22.09 -18.54 -4.99
CA GLU B 8 22.48 -17.48 -5.92
C GLU B 8 21.44 -16.93 -6.90
N GLN B 9 20.28 -17.59 -6.96
CA GLN B 9 19.20 -17.16 -7.87
C GLN B 9 18.63 -15.80 -7.50
N ILE B 10 18.82 -15.45 -6.24
CA ILE B 10 18.33 -14.22 -5.64
C ILE B 10 19.00 -12.90 -5.99
N THR B 11 18.12 -11.96 -6.29
CA THR B 11 18.46 -10.60 -6.65
C THR B 11 19.11 -9.97 -5.43
N GLN B 12 20.05 -9.05 -5.66
CA GLN B 12 20.71 -8.38 -4.52
C GLN B 12 19.70 -7.50 -3.76
N HIS B 13 19.03 -6.59 -4.47
CA HIS B 13 18.05 -5.70 -3.88
C HIS B 13 16.67 -6.21 -4.28
N GLY B 14 15.82 -6.46 -3.28
CA GLY B 14 14.48 -6.93 -3.55
C GLY B 14 13.74 -5.83 -4.31
N SER B 15 12.55 -6.12 -4.82
CA SER B 15 11.89 -5.09 -5.59
C SER B 15 10.63 -4.52 -5.01
N PRO B 16 10.27 -3.30 -5.45
CA PRO B 16 9.11 -2.47 -5.09
C PRO B 16 7.71 -2.81 -5.64
N TYR B 17 6.69 -2.35 -4.90
CA TYR B 17 5.28 -2.53 -5.24
C TYR B 17 4.94 -3.97 -5.62
N GLY B 18 5.70 -4.95 -5.18
CA GLY B 18 5.40 -6.30 -5.63
C GLY B 18 5.77 -6.55 -7.11
N ARG B 19 6.39 -5.57 -7.79
CA ARG B 19 6.75 -5.73 -9.19
C ARG B 19 8.13 -6.24 -9.35
N CYS B 20 8.27 -7.55 -9.19
CA CYS B 20 9.57 -8.19 -9.37
C CYS B 20 9.96 -7.91 -10.83
N ALA B 21 11.13 -7.33 -11.01
CA ALA B 21 11.61 -6.97 -12.33
C ALA B 21 11.51 -8.03 -13.39
N ASN B 22 11.90 -7.64 -14.60
CA ASN B 22 11.85 -8.55 -15.73
C ASN B 22 12.82 -9.71 -15.60
N LYS B 23 12.41 -10.88 -16.09
CA LYS B 23 13.23 -12.09 -16.07
C LYS B 23 13.43 -12.69 -14.67
N THR B 24 12.74 -12.13 -13.68
CA THR B 24 12.88 -12.58 -12.30
C THR B 24 11.50 -12.75 -11.75
N ARG B 25 11.37 -13.31 -10.56
CA ARG B 25 10.05 -13.50 -10.00
C ARG B 25 10.01 -13.51 -8.49
N ALA B 26 8.82 -13.31 -7.95
CA ALA B 26 8.61 -13.31 -6.51
C ALA B 26 9.10 -14.63 -5.93
N LEU B 27 9.79 -14.57 -4.80
CA LEU B 27 10.25 -15.80 -4.14
C LEU B 27 9.05 -16.32 -3.32
N THR B 28 8.95 -17.64 -3.11
CA THR B 28 7.82 -18.11 -2.34
C THR B 28 8.23 -18.42 -0.94
N VAL B 29 7.21 -18.72 -0.15
CA VAL B 29 7.30 -19.08 1.26
C VAL B 29 7.77 -20.50 1.30
N ALA B 30 6.94 -21.40 0.80
CA ALA B 30 7.34 -22.78 0.81
C ALA B 30 8.74 -22.99 0.18
N GLU B 31 9.20 -22.02 -0.61
CA GLU B 31 10.51 -22.11 -1.22
C GLU B 31 11.56 -21.52 -0.32
N LEU B 32 11.28 -20.39 0.34
CA LEU B 32 12.27 -19.79 1.24
C LEU B 32 12.41 -20.74 2.43
N ARG B 33 11.27 -21.19 2.94
CA ARG B 33 11.23 -22.13 4.04
C ARG B 33 12.17 -23.31 3.78
N GLY B 34 12.04 -23.95 2.63
CA GLY B 34 12.94 -25.05 2.36
C GLY B 34 14.40 -24.66 2.13
N SER B 35 14.69 -23.40 1.84
CA SER B 35 16.08 -23.02 1.57
C SER B 35 16.86 -22.55 2.78
N GLY B 36 17.76 -23.40 3.28
CA GLY B 36 18.59 -23.01 4.41
C GLY B 36 19.47 -21.85 3.97
N ASP B 37 20.34 -22.11 2.99
CA ASP B 37 21.28 -21.13 2.41
C ASP B 37 20.71 -19.74 2.24
N LEU B 38 19.42 -19.72 1.94
CA LEU B 38 18.66 -18.52 1.73
C LEU B 38 18.25 -17.82 3.02
N GLN B 39 17.61 -18.56 3.93
CA GLN B 39 17.17 -18.00 5.21
C GLN B 39 18.36 -17.34 5.90
N GLU B 40 19.50 -18.02 5.79
CA GLU B 40 20.73 -17.53 6.35
C GLU B 40 21.16 -16.30 5.59
N TYR B 41 21.21 -16.35 4.28
CA TYR B 41 21.59 -15.18 3.52
C TYR B 41 20.79 -13.98 4.03
N LEU B 42 19.48 -14.19 4.14
CA LEU B 42 18.54 -13.16 4.57
C LEU B 42 18.83 -12.58 5.94
N ARG B 43 18.71 -13.40 6.99
CA ARG B 43 18.95 -12.94 8.37
C ARG B 43 20.34 -12.30 8.53
N HIS B 44 21.32 -12.84 7.82
CA HIS B 44 22.68 -12.35 7.83
C HIS B 44 22.75 -10.97 7.14
N VAL B 45 21.62 -10.43 6.68
CA VAL B 45 21.57 -9.11 5.98
C VAL B 45 20.29 -8.27 6.20
N THR B 46 19.36 -8.76 7.01
CA THR B 46 18.12 -8.04 7.28
C THR B 46 18.28 -7.21 8.56
N ARG B 47 18.23 -5.89 8.43
CA ARG B 47 18.37 -4.99 9.57
C ARG B 47 16.99 -4.59 10.08
N GLY B 48 16.99 -3.64 11.02
CA GLY B 48 15.77 -3.08 11.58
C GLY B 48 14.54 -3.94 11.81
N TRP B 49 13.42 -3.28 12.07
CA TRP B 49 12.16 -3.99 12.29
C TRP B 49 11.50 -4.13 10.91
N SER B 50 12.27 -4.68 9.98
CA SER B 50 11.86 -4.84 8.60
C SER B 50 11.07 -6.12 8.28
N ILE B 51 10.07 -5.98 7.40
CA ILE B 51 9.25 -7.10 6.91
C ILE B 51 9.32 -7.13 5.39
N PHE B 52 9.31 -8.33 4.83
CA PHE B 52 9.37 -8.42 3.39
C PHE B 52 8.23 -9.21 2.74
N ALA B 53 7.98 -8.85 1.49
CA ALA B 53 6.96 -9.48 0.69
C ALA B 53 7.52 -10.68 -0.04
N LEU B 54 6.74 -11.75 0.06
CA LEU B 54 6.99 -13.02 -0.61
C LEU B 54 5.71 -13.24 -1.50
N TYR B 55 5.82 -13.93 -2.63
CA TYR B 55 4.65 -14.13 -3.49
C TYR B 55 3.43 -14.55 -2.67
N ASP B 56 3.63 -15.49 -1.75
CA ASP B 56 2.55 -16.00 -0.91
C ASP B 56 2.62 -15.60 0.58
N GLY B 57 3.50 -14.65 0.95
CA GLY B 57 3.61 -14.30 2.36
C GLY B 57 4.62 -13.24 2.78
N THR B 58 4.98 -13.23 4.06
CA THR B 58 5.89 -12.20 4.54
C THR B 58 7.11 -12.68 5.26
N TYR B 59 8.14 -11.84 5.23
CA TYR B 59 9.39 -12.15 5.89
C TYR B 59 9.85 -11.09 6.88
N LEU B 60 9.60 -11.35 8.16
CA LEU B 60 9.98 -10.43 9.21
C LEU B 60 11.43 -10.73 9.54
N GLY B 61 12.33 -9.84 9.15
CA GLY B 61 13.75 -10.03 9.41
C GLY B 61 14.29 -9.07 10.45
N GLY B 62 15.62 -8.87 10.45
CA GLY B 62 16.24 -7.96 11.39
C GLY B 62 15.80 -8.22 12.81
N GLU B 63 15.44 -7.16 13.53
CA GLU B 63 14.99 -7.30 14.92
C GLU B 63 13.88 -8.31 15.12
N TYR B 64 13.11 -8.60 14.08
CA TYR B 64 12.01 -9.55 14.23
C TYR B 64 12.53 -10.96 14.31
N GLY B 65 13.79 -11.15 13.96
CA GLY B 65 14.38 -12.47 14.00
C GLY B 65 14.74 -12.97 12.61
N GLY B 66 13.74 -13.53 11.93
CA GLY B 66 13.93 -14.04 10.59
C GLY B 66 12.75 -14.93 10.35
N VAL B 67 11.60 -14.45 10.80
CA VAL B 67 10.36 -15.19 10.71
C VAL B 67 9.66 -15.16 9.34
N ILE B 68 9.17 -16.32 8.96
CA ILE B 68 8.47 -16.53 7.71
C ILE B 68 7.01 -16.69 8.05
N LYS B 69 6.28 -15.59 7.93
CA LYS B 69 4.86 -15.61 8.22
C LYS B 69 4.18 -15.95 6.93
N ASP B 70 3.23 -16.90 7.03
CA ASP B 70 2.42 -17.37 5.90
C ASP B 70 1.67 -16.21 5.29
N GLY B 71 0.86 -16.48 4.28
CA GLY B 71 0.11 -15.38 3.69
C GLY B 71 -0.83 -15.69 2.56
N THR B 72 -1.06 -14.67 1.74
CA THR B 72 -1.94 -14.77 0.59
C THR B 72 -1.15 -14.28 -0.61
N PRO B 73 -1.46 -14.84 -1.79
CA PRO B 73 -0.80 -14.49 -3.04
C PRO B 73 -0.98 -13.02 -3.32
N GLY B 74 0.15 -12.38 -3.61
CA GLY B 74 0.17 -10.96 -3.90
C GLY B 74 -0.19 -10.11 -2.71
N GLY B 75 -0.65 -10.72 -1.61
CA GLY B 75 -1.06 -9.98 -0.42
C GLY B 75 -0.02 -9.05 0.19
N ALA B 76 1.19 -9.55 0.26
CA ALA B 76 2.27 -8.75 0.83
C ALA B 76 2.83 -7.78 -0.19
N PHE B 77 2.17 -7.62 -1.33
CA PHE B 77 2.72 -6.69 -2.32
C PHE B 77 2.48 -5.25 -1.87
N ASP B 78 1.77 -5.19 -0.73
CA ASP B 78 1.38 -3.99 0.04
C ASP B 78 2.64 -3.20 0.43
N LEU B 79 3.67 -3.96 0.81
CA LEU B 79 4.97 -3.50 1.28
C LEU B 79 5.93 -2.80 0.37
N LYS B 80 7.10 -2.55 0.94
CA LYS B 80 8.11 -1.80 0.25
C LYS B 80 8.98 -2.67 -0.59
N THR B 81 9.23 -3.90 -0.11
CA THR B 81 10.10 -4.78 -0.87
C THR B 81 9.74 -6.25 -0.85
N THR B 82 9.68 -6.81 -2.06
CA THR B 82 9.34 -8.18 -2.32
C THR B 82 10.64 -8.84 -2.74
N PHE B 83 10.92 -10.00 -2.15
CA PHE B 83 12.16 -10.68 -2.48
C PHE B 83 11.98 -11.37 -3.83
N CYS B 84 12.95 -11.16 -4.72
CA CYS B 84 12.86 -11.76 -6.04
C CYS B 84 13.91 -12.78 -6.40
N ILE B 85 13.46 -13.90 -6.92
CA ILE B 85 14.39 -14.91 -7.37
C ILE B 85 14.61 -14.81 -8.90
N MET B 86 15.81 -15.11 -9.40
CA MET B 86 16.02 -15.06 -10.85
C MET B 86 15.55 -16.43 -11.32
N THR B 87 15.13 -16.53 -12.58
CA THR B 87 14.57 -17.78 -13.12
C THR B 87 15.47 -18.61 -14.00
N THR B 88 16.50 -17.96 -14.51
CA THR B 88 17.44 -18.57 -15.43
C THR B 88 18.74 -19.02 -14.80
N ARG B 89 18.95 -20.33 -14.71
CA ARG B 89 20.20 -20.85 -14.13
C ARG B 89 21.04 -21.60 -15.15
N ASN B 90 22.25 -21.12 -15.42
CA ASN B 90 23.09 -21.76 -16.42
C ASN B 90 23.71 -23.06 -16.00
N THR B 91 22.88 -24.06 -15.71
CA THR B 91 23.29 -25.42 -15.31
C THR B 91 24.69 -25.89 -15.70
N GLY B 92 25.23 -25.40 -16.81
CA GLY B 92 26.56 -25.79 -17.22
C GLY B 92 26.80 -27.29 -17.33
N GLN B 93 25.81 -27.98 -17.87
CA GLN B 93 25.91 -29.41 -18.06
C GLN B 93 26.19 -29.76 -19.52
N PRO B 94 25.93 -31.03 -19.92
CA PRO B 94 26.19 -31.33 -21.33
C PRO B 94 24.89 -31.25 -22.18
N ALA B 95 25.08 -30.85 -23.44
CA ALA B 95 23.98 -30.75 -24.38
C ALA B 95 23.58 -32.18 -24.80
N THR B 96 22.83 -32.84 -23.94
CA THR B 96 22.42 -34.20 -24.20
C THR B 96 20.94 -34.29 -24.36
N ASP B 97 20.48 -35.02 -25.38
CA ASP B 97 19.05 -35.16 -25.67
C ASP B 97 18.27 -35.96 -24.63
N HIS B 98 17.88 -35.34 -23.54
CA HIS B 98 17.10 -36.07 -22.57
C HIS B 98 15.71 -36.02 -23.16
N TYR B 99 15.03 -37.14 -23.26
CA TYR B 99 13.69 -37.08 -23.82
C TYR B 99 12.67 -37.74 -22.93
N TYR B 100 11.45 -37.25 -23.00
CA TYR B 100 10.40 -37.78 -22.17
C TYR B 100 9.25 -38.09 -23.10
N SER B 101 8.99 -39.38 -23.22
CA SER B 101 7.98 -39.87 -24.10
C SER B 101 6.60 -39.86 -23.51
N ASN B 102 5.61 -39.96 -24.38
CA ASN B 102 4.22 -40.04 -23.96
C ASN B 102 3.66 -38.87 -23.15
N VAL B 103 4.38 -37.77 -23.08
CA VAL B 103 3.88 -36.64 -22.31
C VAL B 103 2.84 -35.81 -23.07
N THR B 104 2.15 -34.96 -22.33
CA THR B 104 1.11 -34.10 -22.88
C THR B 104 1.40 -32.71 -22.32
N ALA B 105 1.44 -31.68 -23.16
CA ALA B 105 1.74 -30.34 -22.68
C ALA B 105 0.56 -29.64 -21.94
N THR B 106 0.87 -28.99 -20.81
CA THR B 106 -0.11 -28.27 -19.97
C THR B 106 0.48 -27.09 -19.25
N ARG B 107 -0.38 -26.43 -18.45
CA ARG B 107 -0.05 -25.23 -17.67
C ARG B 107 0.94 -24.34 -18.37
N LEU B 108 0.43 -23.47 -19.22
CA LEU B 108 1.31 -22.60 -19.96
C LEU B 108 1.70 -21.41 -19.09
N LEU B 109 2.92 -20.93 -19.27
CA LEU B 109 3.35 -19.78 -18.51
C LEU B 109 4.06 -18.82 -19.44
N SER B 110 3.79 -17.54 -19.24
CA SER B 110 4.41 -16.51 -20.03
C SER B 110 4.61 -15.29 -19.16
N SER B 111 5.61 -14.48 -19.50
CA SER B 111 5.92 -13.28 -18.76
C SER B 111 6.59 -12.33 -19.70
N THR B 112 6.53 -11.06 -19.35
CA THR B 112 7.09 -10.03 -20.19
C THR B 112 8.53 -10.31 -20.46
N ASN B 113 8.91 -10.16 -21.71
CA ASN B 113 10.25 -10.39 -22.09
C ASN B 113 10.98 -11.67 -21.72
N SER B 114 10.26 -12.66 -21.24
CA SER B 114 10.92 -13.90 -20.87
C SER B 114 10.51 -15.09 -21.73
N ARG B 115 10.38 -16.25 -21.12
CA ARG B 115 10.06 -17.44 -21.87
C ARG B 115 8.60 -17.90 -21.79
N LEU B 116 8.28 -18.88 -22.64
CA LEU B 116 6.98 -19.52 -22.73
C LEU B 116 7.33 -20.94 -22.30
N CYS B 117 6.60 -21.45 -21.29
CA CYS B 117 6.82 -22.80 -20.72
C CYS B 117 5.58 -23.65 -20.61
N ALA B 118 5.80 -24.94 -20.46
CA ALA B 118 4.71 -25.84 -20.30
C ALA B 118 5.16 -26.94 -19.43
N VAL B 119 4.21 -27.38 -18.63
CA VAL B 119 4.39 -28.47 -17.71
C VAL B 119 3.85 -29.70 -18.42
N PHE B 120 4.76 -30.54 -18.90
CA PHE B 120 4.43 -31.78 -19.59
C PHE B 120 4.08 -32.89 -18.63
N VAL B 121 2.81 -33.32 -18.69
CA VAL B 121 2.28 -34.39 -17.85
C VAL B 121 2.28 -35.79 -18.47
N ARG B 122 1.81 -36.73 -17.66
CA ARG B 122 1.67 -38.14 -18.00
C ARG B 122 0.93 -38.73 -16.80
N SER B 123 -0.28 -39.24 -17.06
CA SER B 123 -1.11 -39.83 -16.01
C SER B 123 -1.44 -38.75 -14.99
N GLY B 124 -1.48 -37.51 -15.45
CA GLY B 124 -1.79 -36.39 -14.57
C GLY B 124 -0.57 -35.86 -13.85
N GLN B 125 0.35 -36.74 -13.54
CA GLN B 125 1.53 -36.30 -12.85
C GLN B 125 2.45 -35.67 -13.86
N PRO B 126 3.12 -34.60 -13.46
CA PRO B 126 4.08 -33.86 -14.29
C PRO B 126 5.21 -34.80 -14.65
N VAL B 127 6.21 -34.25 -15.28
CA VAL B 127 7.35 -35.05 -15.70
C VAL B 127 8.47 -34.09 -15.94
N ILE B 128 8.21 -33.10 -16.76
CA ILE B 128 9.24 -32.16 -17.02
C ILE B 128 8.52 -30.90 -17.42
N GLY B 129 9.26 -29.84 -17.61
CA GLY B 129 8.64 -28.60 -18.02
C GLY B 129 9.67 -28.08 -18.98
N ALA B 130 9.25 -27.31 -19.97
CA ALA B 130 10.24 -26.80 -20.88
C ALA B 130 9.78 -25.47 -21.27
N CYS B 131 10.67 -24.73 -21.89
CA CYS B 131 10.32 -23.39 -22.30
C CYS B 131 11.03 -23.04 -23.59
N THR B 132 10.60 -21.94 -24.19
CA THR B 132 11.23 -21.46 -25.40
C THR B 132 11.19 -19.98 -25.22
N SER B 133 12.22 -19.27 -25.69
CA SER B 133 12.19 -17.81 -25.64
C SER B 133 12.99 -17.30 -26.80
N PRO B 134 12.52 -16.21 -27.37
CA PRO B 134 13.19 -15.60 -28.52
C PRO B 134 14.23 -14.62 -28.10
N TYR B 135 14.21 -14.19 -26.84
CA TYR B 135 15.16 -13.18 -26.40
C TYR B 135 16.38 -13.73 -25.71
N ASP B 136 16.17 -14.63 -24.77
CA ASP B 136 17.25 -15.21 -24.00
C ASP B 136 17.29 -16.72 -24.16
N GLY B 137 18.47 -17.28 -24.36
CA GLY B 137 18.54 -18.73 -24.48
C GLY B 137 19.58 -19.11 -25.51
N LYS B 138 19.96 -20.38 -25.54
CA LYS B 138 20.96 -20.83 -26.52
C LYS B 138 20.23 -21.12 -27.82
N TYR B 139 19.00 -21.59 -27.64
CA TYR B 139 18.09 -21.97 -28.72
C TYR B 139 17.04 -20.87 -28.98
N TRP B 140 17.52 -19.67 -29.24
CA TRP B 140 16.61 -18.58 -29.49
C TRP B 140 16.11 -18.80 -30.89
N SER B 141 16.96 -19.32 -31.75
CA SER B 141 16.57 -19.60 -33.10
C SER B 141 15.30 -20.47 -33.10
N MET B 142 15.40 -21.65 -32.49
CA MET B 142 14.31 -22.60 -32.41
C MET B 142 12.93 -22.16 -31.93
N TYR B 143 12.83 -21.01 -31.25
CA TYR B 143 11.54 -20.57 -30.75
C TYR B 143 10.43 -20.54 -31.81
N SER B 144 10.68 -19.83 -32.91
CA SER B 144 9.69 -19.70 -33.98
C SER B 144 9.03 -21.01 -34.38
N ARG B 145 9.83 -22.04 -34.56
CA ARG B 145 9.28 -23.29 -34.94
C ARG B 145 8.63 -23.96 -33.75
N LEU B 146 9.30 -23.90 -32.60
CA LEU B 146 8.77 -24.56 -31.42
C LEU B 146 7.43 -24.08 -30.96
N ARG B 147 7.21 -22.77 -31.00
CA ARG B 147 5.93 -22.21 -30.56
C ARG B 147 4.79 -22.89 -31.33
N LYS B 148 5.04 -23.07 -32.63
CA LYS B 148 4.08 -23.63 -33.56
C LYS B 148 3.65 -25.00 -33.09
N MET B 149 4.60 -25.93 -33.02
CA MET B 149 4.28 -27.27 -32.58
C MET B 149 3.63 -27.26 -31.21
N LEU B 150 4.20 -26.46 -30.30
CA LEU B 150 3.74 -26.36 -28.93
C LEU B 150 2.26 -26.04 -28.90
N TYR B 151 1.91 -25.03 -29.69
CA TYR B 151 0.52 -24.56 -29.77
C TYR B 151 -0.40 -25.72 -30.18
N LEU B 152 -0.05 -26.41 -31.27
CA LEU B 152 -0.86 -27.52 -31.75
C LEU B 152 -1.09 -28.57 -30.64
N ILE B 153 -0.03 -29.25 -30.21
CA ILE B 153 -0.17 -30.30 -29.20
C ILE B 153 -0.97 -29.88 -28.04
N TYR B 154 -0.94 -28.57 -27.78
CA TYR B 154 -1.64 -27.99 -26.65
C TYR B 154 -3.15 -27.98 -26.82
N VAL B 155 -3.62 -27.30 -27.84
CA VAL B 155 -5.05 -27.21 -28.02
C VAL B 155 -5.61 -28.52 -28.46
N ALA B 156 -4.86 -29.18 -29.33
CA ALA B 156 -5.23 -30.47 -29.88
C ALA B 156 -5.32 -31.55 -28.80
N GLY B 157 -4.49 -31.39 -27.75
CA GLY B 157 -4.45 -32.35 -26.67
C GLY B 157 -3.65 -33.51 -27.19
N ILE B 158 -2.69 -33.19 -28.03
CA ILE B 158 -1.85 -34.18 -28.65
C ILE B 158 -0.74 -34.66 -27.72
N SER B 159 -0.63 -35.98 -27.66
CA SER B 159 0.35 -36.69 -26.87
C SER B 159 1.65 -36.61 -27.67
N VAL B 160 2.77 -36.42 -26.99
CA VAL B 160 4.02 -36.26 -27.71
C VAL B 160 5.20 -36.81 -26.91
N ARG B 161 6.40 -36.63 -27.47
CA ARG B 161 7.65 -37.02 -26.84
C ARG B 161 8.43 -35.74 -26.92
N VAL B 162 8.80 -35.19 -25.77
CA VAL B 162 9.50 -33.92 -25.76
C VAL B 162 10.96 -34.06 -25.49
N HIS B 163 11.72 -33.16 -26.09
CA HIS B 163 13.18 -33.17 -26.00
C HIS B 163 13.66 -31.86 -25.42
N VAL B 164 14.53 -31.97 -24.40
CA VAL B 164 15.09 -30.83 -23.68
C VAL B 164 16.62 -30.87 -23.63
N SER B 165 17.23 -29.77 -23.23
CA SER B 165 18.69 -29.72 -23.04
C SER B 165 18.78 -29.28 -21.59
N LYS B 166 19.54 -29.99 -20.76
CA LYS B 166 19.59 -29.56 -19.36
C LYS B 166 20.56 -28.42 -19.08
N GLU B 167 21.24 -27.96 -20.13
CA GLU B 167 22.18 -26.86 -20.01
C GLU B 167 21.57 -25.59 -19.37
N GLU B 168 20.25 -25.50 -19.23
CA GLU B 168 19.63 -24.33 -18.61
C GLU B 168 18.52 -24.84 -17.74
N GLN B 169 18.44 -24.28 -16.55
CA GLN B 169 17.47 -24.66 -15.55
C GLN B 169 16.61 -23.46 -15.35
N TYR B 170 15.33 -23.69 -15.16
CA TYR B 170 14.41 -22.58 -15.02
C TYR B 170 13.57 -22.67 -13.79
N TYR B 171 13.45 -21.52 -13.15
CA TYR B 171 12.72 -21.41 -11.92
C TYR B 171 11.47 -20.58 -12.18
N ASP B 172 10.95 -20.66 -13.40
CA ASP B 172 9.77 -19.87 -13.76
C ASP B 172 8.54 -20.32 -13.04
N TYR B 173 8.48 -21.59 -12.72
CA TYR B 173 7.29 -22.01 -12.03
C TYR B 173 7.35 -21.87 -10.53
N GLU B 174 6.21 -21.52 -9.97
CA GLU B 174 6.08 -21.39 -8.54
C GLU B 174 6.00 -22.78 -7.91
N ASP B 175 6.86 -23.07 -6.92
CA ASP B 175 6.86 -24.34 -6.17
C ASP B 175 6.85 -25.59 -7.05
N ALA B 176 7.81 -25.56 -7.97
CA ALA B 176 8.01 -26.61 -8.93
C ALA B 176 8.14 -28.01 -8.31
N THR B 177 7.12 -28.82 -8.51
CA THR B 177 7.15 -30.18 -8.05
C THR B 177 7.93 -31.02 -9.10
N PHE B 178 8.49 -30.34 -10.10
CA PHE B 178 9.21 -30.96 -11.21
C PHE B 178 10.25 -30.02 -11.72
N GLU B 179 11.22 -30.50 -12.50
CA GLU B 179 12.23 -29.57 -13.00
C GLU B 179 11.67 -28.75 -14.15
N THR B 180 12.52 -27.92 -14.76
CA THR B 180 12.09 -27.11 -15.87
C THR B 180 13.34 -26.77 -16.68
N TYR B 181 13.46 -27.29 -17.91
CA TYR B 181 14.64 -27.00 -18.76
C TYR B 181 14.28 -26.48 -20.14
N ALA B 182 15.32 -26.27 -20.92
CA ALA B 182 15.18 -25.77 -22.28
C ALA B 182 14.59 -26.75 -23.34
N LEU B 183 13.43 -26.36 -23.91
CA LEU B 183 12.76 -27.15 -24.93
C LEU B 183 13.69 -27.20 -26.14
N THR B 184 13.78 -28.38 -26.71
CA THR B 184 14.64 -28.61 -27.84
C THR B 184 13.97 -29.33 -29.01
N GLY B 185 12.93 -30.08 -28.73
CA GLY B 185 12.22 -30.77 -29.79
C GLY B 185 10.92 -31.34 -29.29
N ILE B 186 9.95 -31.44 -30.20
CA ILE B 186 8.63 -32.00 -29.88
C ILE B 186 8.31 -32.98 -31.01
N SER B 187 7.86 -34.17 -30.66
CA SER B 187 7.56 -35.17 -31.67
C SER B 187 6.21 -35.86 -31.59
N ILE B 188 5.40 -35.65 -32.63
CA ILE B 188 4.11 -36.30 -32.71
C ILE B 188 4.58 -37.59 -33.30
N CYS B 189 4.74 -38.55 -32.41
CA CYS B 189 5.29 -39.85 -32.73
C CYS B 189 4.41 -41.08 -32.81
N ASN B 190 5.02 -42.10 -33.39
CA ASN B 190 4.41 -43.41 -33.54
C ASN B 190 5.25 -44.20 -32.56
N PRO B 191 4.63 -44.97 -31.65
CA PRO B 191 5.39 -45.77 -30.69
C PRO B 191 6.61 -46.46 -31.31
N GLY B 192 7.80 -46.13 -30.79
CA GLY B 192 9.01 -46.73 -31.29
C GLY B 192 9.47 -46.20 -32.62
N SER B 193 8.75 -45.23 -33.14
CA SER B 193 9.17 -44.71 -34.42
C SER B 193 10.50 -44.06 -34.24
N SER B 194 11.28 -44.20 -35.28
CA SER B 194 12.61 -43.64 -35.36
C SER B 194 12.55 -42.11 -35.39
N LEU B 195 11.33 -41.59 -35.41
CA LEU B 195 11.14 -40.15 -35.45
C LEU B 195 11.15 -39.48 -34.09
N CYS B 196 10.82 -40.22 -33.05
CA CYS B 196 10.82 -39.64 -31.74
C CYS B 196 12.17 -38.96 -31.34
N GLY C 1 -25.80 3.99 -53.58
CA GLY C 1 -24.96 4.67 -54.55
C GLY C 1 -23.47 4.42 -54.33
N ILE C 2 -22.74 4.13 -55.40
CA ILE C 2 -21.33 3.84 -55.24
C ILE C 2 -20.40 5.00 -55.00
N VAL C 3 -19.21 4.62 -54.57
CA VAL C 3 -18.12 5.51 -54.23
C VAL C 3 -17.23 5.71 -55.41
N ILE C 4 -16.94 6.98 -55.68
CA ILE C 4 -16.18 7.31 -56.86
C ILE C 4 -14.73 7.76 -56.79
N PRO C 5 -13.81 6.95 -57.33
CA PRO C 5 -12.37 7.21 -57.37
C PRO C 5 -12.13 8.60 -57.92
N PRO C 6 -11.50 9.46 -57.10
CA PRO C 6 -11.19 10.84 -57.49
C PRO C 6 -10.19 10.84 -58.60
N LYS C 7 -10.44 11.75 -59.52
CA LYS C 7 -9.64 11.92 -60.73
C LYS C 7 -8.19 11.63 -60.47
N ALA C 8 -7.67 12.34 -59.50
CA ALA C 8 -6.28 12.22 -59.15
C ALA C 8 -5.68 10.81 -59.27
N LEU C 9 -6.42 9.81 -58.81
CA LEU C 9 -5.93 8.44 -58.83
C LEU C 9 -5.73 7.81 -60.22
N PHE C 10 -5.98 8.58 -61.26
CA PHE C 10 -5.83 8.09 -62.63
C PHE C 10 -4.37 7.90 -62.97
N THR C 11 -3.98 6.65 -63.18
CA THR C 11 -2.60 6.38 -63.54
C THR C 11 -2.34 6.92 -64.92
N GLN C 12 -1.38 7.85 -65.01
CA GLN C 12 -1.01 8.46 -66.29
C GLN C 12 -0.40 7.37 -67.18
N GLN C 13 0.16 6.36 -66.51
CA GLN C 13 0.75 5.22 -67.18
C GLN C 13 -0.29 4.12 -67.07
N GLY C 14 -1.06 3.94 -68.14
CA GLY C 14 -2.08 2.92 -68.12
C GLY C 14 -1.54 1.52 -68.17
N GLY C 15 -2.28 0.59 -67.57
CA GLY C 15 -1.90 -0.80 -67.58
C GLY C 15 -1.98 -1.32 -69.01
N ALA C 16 -1.21 -2.37 -69.30
CA ALA C 16 -1.20 -2.98 -70.63
C ALA C 16 -1.88 -4.33 -70.59
N TYR C 17 -2.90 -4.48 -71.42
CA TYR C 17 -3.68 -5.69 -71.57
C TYR C 17 -4.33 -6.13 -70.29
N GLY C 18 -4.98 -5.18 -69.62
CA GLY C 18 -5.67 -5.51 -68.41
C GLY C 18 -4.77 -5.86 -67.27
N ARG C 19 -3.47 -5.66 -67.45
CA ARG C 19 -2.52 -5.88 -66.35
C ARG C 19 -2.19 -4.52 -65.71
N CYS C 20 -3.13 -3.98 -64.93
CA CYS C 20 -2.94 -2.72 -64.23
C CYS C 20 -1.69 -2.99 -63.45
N PRO C 21 -0.73 -2.04 -63.41
CA PRO C 21 0.51 -2.27 -62.66
C PRO C 21 0.16 -2.46 -61.21
N ASN C 22 1.12 -2.94 -60.42
CA ASN C 22 0.89 -3.18 -58.98
C ASN C 22 0.38 -2.02 -58.12
N GLY C 23 -0.60 -2.29 -57.27
CA GLY C 23 -1.16 -1.24 -56.44
C GLY C 23 -2.26 -0.40 -57.13
N THR C 24 -2.44 -0.70 -58.43
CA THR C 24 -3.45 -0.06 -59.25
C THR C 24 -4.47 -1.09 -59.72
N ARG C 25 -5.67 -0.63 -60.01
CA ARG C 25 -6.73 -1.52 -60.41
C ARG C 25 -7.57 -0.93 -61.50
N ALA C 26 -8.04 -1.81 -62.37
CA ALA C 26 -8.88 -1.48 -63.50
C ALA C 26 -10.09 -0.65 -63.10
N LEU C 27 -10.18 0.53 -63.68
CA LEU C 27 -11.27 1.43 -63.43
C LEU C 27 -12.55 0.83 -63.98
N THR C 28 -13.65 0.85 -63.24
CA THR C 28 -14.87 0.30 -63.83
C THR C 28 -15.58 1.46 -64.51
N VAL C 29 -16.59 1.11 -65.28
CA VAL C 29 -17.39 2.09 -66.00
C VAL C 29 -18.34 2.77 -65.04
N ALA C 30 -18.97 2.01 -64.15
CA ALA C 30 -19.89 2.61 -63.21
C ALA C 30 -19.20 3.76 -62.49
N GLU C 31 -17.89 3.63 -62.39
CA GLU C 31 -17.07 4.64 -61.76
C GLU C 31 -16.78 5.76 -62.75
N LEU C 32 -16.17 5.46 -63.89
CA LEU C 32 -15.84 6.48 -64.89
C LEU C 32 -17.07 7.22 -65.33
N ARG C 33 -18.15 6.48 -65.41
CA ARG C 33 -19.43 7.02 -65.82
C ARG C 33 -19.84 8.05 -64.76
N GLY C 34 -19.50 7.79 -63.49
CA GLY C 34 -19.85 8.71 -62.42
C GLY C 34 -18.90 9.88 -62.19
N ASN C 35 -17.60 9.72 -62.50
CA ASN C 35 -16.59 10.79 -62.29
C ASN C 35 -16.50 11.77 -63.46
N ALA C 36 -17.34 12.82 -63.38
CA ALA C 36 -17.42 13.86 -64.38
C ALA C 36 -16.08 14.39 -64.83
N GLU C 37 -15.30 14.87 -63.85
CA GLU C 37 -13.97 15.42 -64.10
C GLU C 37 -13.06 14.48 -64.87
N LEU C 38 -13.06 13.23 -64.45
CA LEU C 38 -12.23 12.22 -65.08
C LEU C 38 -12.64 12.14 -66.53
N GLN C 39 -13.95 12.01 -66.75
CA GLN C 39 -14.47 11.93 -68.11
C GLN C 39 -13.88 13.10 -68.86
N THR C 40 -14.15 14.29 -68.31
CA THR C 40 -13.67 15.53 -68.88
C THR C 40 -12.17 15.54 -69.11
N TYR C 41 -11.43 14.97 -68.17
CA TYR C 41 -9.99 14.93 -68.33
C TYR C 41 -9.71 14.09 -69.57
N LEU C 42 -10.50 13.04 -69.72
CA LEU C 42 -10.35 12.13 -70.83
C LEU C 42 -10.54 12.76 -72.21
N ARG C 43 -11.66 13.45 -72.40
CA ARG C 43 -11.94 14.08 -73.69
C ARG C 43 -10.72 14.84 -74.22
N GLN C 44 -9.98 15.43 -73.32
CA GLN C 44 -8.83 16.23 -73.72
C GLN C 44 -7.52 15.49 -73.82
N ILE C 45 -7.48 14.24 -73.38
CA ILE C 45 -6.24 13.48 -73.44
C ILE C 45 -6.29 12.31 -74.44
N THR C 46 -7.50 11.87 -74.74
CA THR C 46 -7.73 10.77 -75.66
C THR C 46 -7.51 11.20 -77.11
N PRO C 47 -6.46 10.67 -77.76
CA PRO C 47 -6.25 11.06 -79.16
C PRO C 47 -7.34 10.41 -80.05
N GLY C 48 -7.53 10.96 -81.24
CA GLY C 48 -8.56 10.43 -82.12
C GLY C 48 -8.54 8.94 -82.42
N TRP C 49 -9.73 8.34 -82.34
CA TRP C 49 -9.96 6.94 -82.66
C TRP C 49 -9.23 5.88 -81.83
N SER C 50 -9.00 6.15 -80.55
CA SER C 50 -8.35 5.13 -79.75
C SER C 50 -9.32 4.38 -78.86
N ILE C 51 -9.11 3.09 -78.71
CA ILE C 51 -10.00 2.28 -77.90
C ILE C 51 -9.30 1.98 -76.56
N TYR C 52 -10.06 1.99 -75.47
CA TYR C 52 -9.48 1.75 -74.16
C TYR C 52 -10.17 0.69 -73.32
N GLY C 53 -9.36 -0.20 -72.75
CA GLY C 53 -9.87 -1.26 -71.91
C GLY C 53 -10.16 -0.83 -70.48
N LEU C 54 -11.20 -1.41 -69.90
CA LEU C 54 -11.61 -1.17 -68.53
C LEU C 54 -11.97 -2.55 -67.96
N TYR C 55 -12.41 -2.61 -66.70
CA TYR C 55 -12.78 -3.92 -66.12
C TYR C 55 -14.05 -4.32 -66.84
N ASP C 56 -15.06 -3.45 -66.80
CA ASP C 56 -16.30 -3.74 -67.49
C ASP C 56 -16.04 -3.48 -68.93
N GLY C 57 -16.58 -2.35 -69.38
CA GLY C 57 -16.49 -1.96 -70.77
C GLY C 57 -15.23 -1.42 -71.42
N THR C 58 -15.50 -0.69 -72.50
CA THR C 58 -14.48 -0.07 -73.33
C THR C 58 -14.79 1.42 -73.46
N TYR C 59 -13.74 2.20 -73.63
CA TYR C 59 -13.87 3.62 -73.79
C TYR C 59 -13.24 3.94 -75.14
N LEU C 60 -14.06 4.49 -76.04
CA LEU C 60 -13.64 4.85 -77.38
C LEU C 60 -13.22 6.30 -77.44
N GLY C 61 -12.16 6.51 -78.21
CA GLY C 61 -11.57 7.82 -78.38
C GLY C 61 -12.56 8.80 -78.93
N GLN C 62 -12.50 10.03 -78.45
CA GLN C 62 -13.39 11.10 -78.86
C GLN C 62 -13.72 11.15 -80.36
N ALA C 63 -12.90 10.52 -81.20
CA ALA C 63 -13.15 10.51 -82.63
C ALA C 63 -14.41 9.71 -82.87
N TYR C 64 -14.58 8.71 -82.03
CA TYR C 64 -15.77 7.85 -82.07
C TYR C 64 -16.84 8.56 -81.24
N GLY C 65 -16.57 9.79 -80.83
CA GLY C 65 -17.50 10.51 -80.00
C GLY C 65 -17.10 10.38 -78.54
N GLY C 66 -16.04 9.59 -78.28
CA GLY C 66 -15.56 9.38 -76.91
C GLY C 66 -16.57 8.64 -76.05
N ILE C 67 -16.62 7.32 -76.14
CA ILE C 67 -17.62 6.62 -75.36
C ILE C 67 -17.31 5.48 -74.44
N ILE C 68 -18.06 5.49 -73.37
CA ILE C 68 -18.00 4.51 -72.33
C ILE C 68 -18.97 3.44 -72.77
N LYS C 69 -18.48 2.55 -73.59
CA LYS C 69 -19.30 1.47 -74.07
C LYS C 69 -19.19 0.34 -73.08
N ASP C 70 -20.31 -0.14 -72.56
CA ASP C 70 -20.27 -1.24 -71.63
C ASP C 70 -19.50 -2.44 -72.18
N ALA C 71 -19.54 -3.56 -71.45
CA ALA C 71 -18.89 -4.84 -71.81
C ALA C 71 -18.62 -5.68 -70.56
N PRO C 72 -18.44 -6.98 -70.74
CA PRO C 72 -18.19 -7.94 -69.67
C PRO C 72 -16.77 -7.90 -69.04
N PRO C 73 -16.71 -8.28 -67.75
CA PRO C 73 -15.45 -8.29 -67.04
C PRO C 73 -14.28 -8.81 -67.81
N GLY C 74 -13.32 -7.90 -67.91
CA GLY C 74 -12.06 -8.21 -68.51
C GLY C 74 -12.16 -8.53 -69.94
N ALA C 75 -13.14 -7.90 -70.56
CA ALA C 75 -13.34 -8.08 -71.98
C ALA C 75 -12.40 -7.08 -72.64
N GLY C 76 -12.45 -5.83 -72.15
CA GLY C 76 -11.61 -4.77 -72.70
C GLY C 76 -10.10 -4.97 -72.52
N PHE C 77 -9.73 -6.08 -71.90
CA PHE C 77 -8.34 -6.35 -71.69
C PHE C 77 -7.72 -6.75 -73.00
N ILE C 78 -8.53 -7.08 -73.99
CA ILE C 78 -7.98 -7.46 -75.28
C ILE C 78 -7.16 -6.32 -75.84
N TYR C 79 -7.46 -5.09 -75.41
CA TYR C 79 -6.75 -3.93 -75.89
C TYR C 79 -5.59 -3.49 -74.99
N ARG C 80 -4.52 -2.96 -75.59
CA ARG C 80 -3.35 -2.51 -74.83
C ARG C 80 -3.69 -1.51 -73.74
N GLU C 81 -4.19 -0.36 -74.13
CA GLU C 81 -4.52 0.66 -73.16
C GLU C 81 -5.64 0.32 -72.19
N THR C 82 -5.27 0.21 -70.93
CA THR C 82 -6.24 -0.13 -69.89
C THR C 82 -6.26 0.97 -68.83
N PHE C 83 -7.47 1.41 -68.46
CA PHE C 83 -7.64 2.45 -67.44
C PHE C 83 -7.48 1.87 -66.04
N CYS C 84 -6.41 2.30 -65.36
CA CYS C 84 -6.08 1.85 -64.02
C CYS C 84 -6.11 3.01 -63.06
N ILE C 85 -6.29 2.72 -61.78
CA ILE C 85 -6.27 3.75 -60.76
C ILE C 85 -5.52 3.20 -59.54
N THR C 86 -4.76 4.04 -58.83
CA THR C 86 -4.01 3.62 -57.61
C THR C 86 -5.02 3.48 -56.47
N THR C 87 -4.94 2.41 -55.72
CA THR C 87 -5.90 2.21 -54.66
C THR C 87 -5.83 3.03 -53.38
N ILE C 88 -4.76 3.82 -53.23
CA ILE C 88 -4.59 4.60 -52.03
C ILE C 88 -4.77 6.10 -52.18
N TYR C 89 -5.67 6.63 -51.35
CA TYR C 89 -5.95 8.05 -51.36
C TYR C 89 -5.52 8.62 -50.01
N LYS C 90 -4.66 9.64 -50.06
CA LYS C 90 -4.20 10.31 -48.85
C LYS C 90 -5.29 11.33 -48.58
N THR C 91 -6.26 10.96 -47.76
CA THR C 91 -7.40 11.81 -47.45
C THR C 91 -7.12 13.20 -46.96
N GLY C 92 -6.14 13.33 -46.08
CA GLY C 92 -5.84 14.64 -45.54
C GLY C 92 -6.58 14.74 -44.23
N GLN C 93 -7.62 13.95 -44.05
CA GLN C 93 -8.35 13.97 -42.80
C GLN C 93 -7.29 13.66 -41.72
N PRO C 94 -7.48 14.14 -40.47
CA PRO C 94 -6.51 13.90 -39.40
C PRO C 94 -6.55 12.47 -38.83
N ALA C 95 -5.38 11.98 -38.42
CA ALA C 95 -5.24 10.63 -37.84
C ALA C 95 -6.02 10.53 -36.54
N ALA C 96 -7.08 9.74 -36.53
CA ALA C 96 -7.88 9.61 -35.32
C ALA C 96 -8.76 8.37 -35.32
N ASP C 97 -9.11 7.93 -34.11
CA ASP C 97 -9.91 6.74 -33.91
C ASP C 97 -11.36 6.93 -34.24
N HIS C 98 -11.83 6.15 -35.21
CA HIS C 98 -13.21 6.10 -35.64
C HIS C 98 -13.44 4.60 -35.56
N TYR C 99 -14.62 4.17 -35.16
CA TYR C 99 -14.86 2.75 -35.07
C TYR C 99 -16.31 2.44 -35.22
N TYR C 100 -16.59 1.21 -35.62
CA TYR C 100 -17.96 0.78 -35.81
C TYR C 100 -18.03 -0.53 -35.10
N SER C 101 -19.10 -0.76 -34.38
CA SER C 101 -19.19 -1.99 -33.66
C SER C 101 -20.26 -2.94 -34.14
N LYS C 102 -20.15 -4.18 -33.69
CA LYS C 102 -21.06 -5.28 -34.01
C LYS C 102 -20.97 -5.74 -35.44
N VAL C 103 -19.85 -5.47 -36.07
CA VAL C 103 -19.66 -5.86 -37.43
C VAL C 103 -18.96 -7.21 -37.50
N THR C 104 -18.90 -7.77 -38.71
CA THR C 104 -18.24 -9.04 -38.98
C THR C 104 -17.36 -8.82 -40.15
N ALA C 105 -16.39 -9.69 -40.33
CA ALA C 105 -15.49 -9.51 -41.42
C ALA C 105 -15.93 -10.36 -42.62
N THR C 106 -15.90 -9.82 -43.84
CA THR C 106 -16.30 -10.58 -45.05
C THR C 106 -15.70 -9.99 -46.31
N ARG C 107 -15.69 -10.74 -47.40
CA ARG C 107 -15.15 -10.24 -48.67
C ARG C 107 -13.66 -10.00 -48.73
N LEU C 108 -12.88 -10.95 -48.26
CA LEU C 108 -11.42 -10.81 -48.30
C LEU C 108 -10.95 -10.45 -49.69
N LEU C 109 -10.11 -9.43 -49.82
CA LEU C 109 -9.60 -9.07 -51.11
C LEU C 109 -8.10 -8.88 -50.97
N ALA C 110 -7.33 -9.24 -51.99
CA ALA C 110 -5.89 -9.13 -51.90
C ALA C 110 -5.21 -8.88 -53.23
N SER C 111 -4.45 -7.79 -53.36
CA SER C 111 -3.74 -7.50 -54.61
C SER C 111 -2.42 -8.22 -54.51
N THR C 112 -1.43 -7.81 -55.28
CA THR C 112 -0.20 -8.52 -55.16
C THR C 112 0.64 -7.95 -54.06
N ASN C 113 1.22 -6.77 -54.25
CA ASN C 113 2.04 -6.23 -53.18
C ASN C 113 1.32 -5.07 -52.57
N SER C 114 0.11 -5.33 -52.12
CA SER C 114 -0.67 -4.27 -51.54
C SER C 114 -1.48 -4.83 -50.41
N ARG C 115 -2.52 -4.10 -50.01
CA ARG C 115 -3.32 -4.50 -48.87
C ARG C 115 -4.14 -5.75 -48.98
N LEU C 116 -4.40 -6.30 -47.81
CA LEU C 116 -5.28 -7.42 -47.61
C LEU C 116 -6.44 -6.56 -47.14
N CYS C 117 -7.67 -6.92 -47.42
CA CYS C 117 -8.80 -6.10 -46.99
C CYS C 117 -10.00 -6.88 -46.60
N ALA C 118 -10.98 -6.19 -46.05
CA ALA C 118 -12.20 -6.85 -45.67
C ALA C 118 -13.32 -5.86 -45.51
N VAL C 119 -14.51 -6.38 -45.67
CA VAL C 119 -15.71 -5.59 -45.57
C VAL C 119 -16.43 -6.00 -44.31
N PHE C 120 -16.52 -5.08 -43.38
CA PHE C 120 -17.16 -5.39 -42.14
C PHE C 120 -18.60 -5.11 -42.32
N VAL C 121 -19.38 -6.09 -41.96
CA VAL C 121 -20.80 -6.00 -42.15
C VAL C 121 -21.63 -6.09 -40.92
N ARG C 122 -22.62 -5.21 -40.81
CA ARG C 122 -23.49 -5.31 -39.66
C ARG C 122 -24.86 -5.78 -40.18
N ASP C 123 -25.44 -6.75 -39.47
CA ASP C 123 -26.76 -7.32 -39.79
C ASP C 123 -27.16 -7.30 -41.28
N GLY C 124 -26.24 -7.73 -42.14
CA GLY C 124 -26.54 -7.77 -43.57
C GLY C 124 -26.08 -6.55 -44.35
N GLN C 125 -26.26 -5.37 -43.78
CA GLN C 125 -25.85 -4.16 -44.45
C GLN C 125 -24.33 -4.05 -44.30
N SER C 126 -23.62 -3.91 -45.41
CA SER C 126 -22.18 -3.75 -45.33
C SER C 126 -21.98 -2.38 -44.68
N VAL C 127 -21.07 -2.30 -43.69
CA VAL C 127 -20.78 -1.03 -42.99
C VAL C 127 -19.49 -0.36 -43.42
N ILE C 128 -18.34 -1.00 -43.24
CA ILE C 128 -17.11 -0.37 -43.72
C ILE C 128 -16.04 -1.33 -44.21
N GLY C 129 -15.14 -0.79 -45.03
CA GLY C 129 -14.07 -1.60 -45.55
C GLY C 129 -12.79 -1.15 -44.92
N ALA C 130 -11.98 -2.09 -44.45
CA ALA C 130 -10.71 -1.80 -43.83
C ALA C 130 -9.63 -2.56 -44.56
N CYS C 131 -8.42 -2.02 -44.56
CA CYS C 131 -7.30 -2.69 -45.21
C CYS C 131 -6.00 -2.69 -44.37
N ALA C 132 -5.05 -3.55 -44.70
CA ALA C 132 -3.83 -3.61 -43.92
C ALA C 132 -2.67 -4.14 -44.74
N SER C 133 -1.69 -3.34 -45.07
CA SER C 133 -0.61 -3.88 -45.87
C SER C 133 0.76 -3.71 -45.31
N PRO C 134 1.56 -4.76 -45.39
CA PRO C 134 2.90 -4.62 -44.86
C PRO C 134 3.78 -3.96 -45.88
N TYR C 135 3.24 -3.18 -46.80
CA TYR C 135 4.16 -2.59 -47.74
C TYR C 135 4.14 -1.11 -47.84
N GLU C 136 2.96 -0.54 -47.61
CA GLU C 136 2.76 0.90 -47.68
C GLU C 136 1.68 1.15 -46.64
N GLY C 137 1.66 2.37 -46.08
CA GLY C 137 0.65 2.72 -45.09
C GLY C 137 1.21 3.27 -43.78
N ARG C 138 0.49 4.23 -43.22
CA ARG C 138 0.94 4.85 -41.99
C ARG C 138 1.03 3.82 -40.91
N TYR C 139 0.51 2.63 -41.16
CA TYR C 139 0.56 1.62 -40.12
C TYR C 139 1.21 0.34 -40.61
N ARG C 140 2.02 0.42 -41.66
CA ARG C 140 2.60 -0.78 -42.23
C ARG C 140 3.28 -1.74 -41.27
N ASP C 141 3.48 -1.35 -40.02
CA ASP C 141 4.15 -2.27 -39.09
C ASP C 141 3.16 -3.05 -38.25
N MET C 142 1.91 -2.58 -38.22
CA MET C 142 0.86 -3.24 -37.46
C MET C 142 0.22 -4.35 -38.27
N TYR C 143 0.61 -4.47 -39.56
CA TYR C 143 0.05 -5.50 -40.43
C TYR C 143 0.17 -6.90 -39.83
N ASP C 144 1.40 -7.34 -39.64
CA ASP C 144 1.62 -8.67 -39.12
C ASP C 144 0.78 -9.06 -37.91
N ALA C 145 0.53 -8.11 -37.00
CA ALA C 145 -0.28 -8.41 -35.82
C ALA C 145 -1.69 -8.51 -36.25
N LEU C 146 -2.18 -7.43 -36.85
CA LEU C 146 -3.55 -7.37 -37.31
C LEU C 146 -3.99 -8.52 -38.27
N ARG C 147 -3.17 -8.79 -39.27
CA ARG C 147 -3.52 -9.80 -40.22
C ARG C 147 -3.88 -11.08 -39.52
N ARG C 148 -3.15 -11.40 -38.47
CA ARG C 148 -3.41 -12.62 -37.75
C ARG C 148 -4.80 -12.70 -37.15
N LEU C 149 -5.30 -11.58 -36.64
CA LEU C 149 -6.61 -11.57 -36.00
C LEU C 149 -7.70 -11.39 -37.04
N LEU C 150 -7.40 -10.60 -38.07
CA LEU C 150 -8.32 -10.35 -39.17
C LEU C 150 -8.79 -11.72 -39.59
N TYR C 151 -7.81 -12.61 -39.72
CA TYR C 151 -8.01 -13.99 -40.08
C TYR C 151 -8.87 -14.77 -39.07
N MET C 152 -8.55 -14.70 -37.79
CA MET C 152 -9.36 -15.44 -36.81
C MET C 152 -10.82 -15.00 -36.83
N ILE C 153 -11.09 -13.69 -36.70
CA ILE C 153 -12.48 -13.21 -36.74
C ILE C 153 -13.18 -13.62 -38.03
N TYR C 154 -12.36 -13.92 -39.04
CA TYR C 154 -12.84 -14.32 -40.34
C TYR C 154 -13.36 -15.74 -40.41
N MET C 155 -12.65 -16.71 -39.84
CA MET C 155 -13.17 -18.08 -39.89
C MET C 155 -14.25 -18.27 -38.85
N SER C 156 -14.06 -17.66 -37.69
CA SER C 156 -15.05 -17.78 -36.62
C SER C 156 -16.11 -16.75 -36.92
N GLY C 157 -17.33 -17.02 -36.50
CA GLY C 157 -18.35 -16.01 -36.77
C GLY C 157 -18.31 -14.87 -35.78
N LEU C 158 -17.10 -14.46 -35.38
CA LEU C 158 -16.91 -13.46 -34.34
C LEU C 158 -17.09 -12.04 -34.74
N ALA C 159 -17.91 -11.38 -33.91
CA ALA C 159 -18.30 -9.99 -34.05
C ALA C 159 -17.30 -9.12 -33.39
N VAL C 160 -17.03 -7.97 -33.98
CA VAL C 160 -16.04 -7.09 -33.40
C VAL C 160 -16.26 -5.59 -33.61
N ARG C 161 -15.57 -4.81 -32.80
CA ARG C 161 -15.59 -3.38 -32.98
C ARG C 161 -14.29 -3.24 -33.77
N VAL C 162 -14.28 -2.38 -34.77
CA VAL C 162 -13.07 -2.21 -35.53
C VAL C 162 -12.76 -0.76 -35.52
N HIS C 163 -11.49 -0.46 -35.26
CA HIS C 163 -11.01 0.89 -35.24
C HIS C 163 -10.37 1.15 -36.61
N VAL C 164 -10.63 2.32 -37.12
CA VAL C 164 -10.11 2.69 -38.41
C VAL C 164 -9.71 4.14 -38.44
N SER C 165 -8.67 4.43 -39.18
CA SER C 165 -8.22 5.80 -39.31
C SER C 165 -8.73 6.22 -40.66
N LYS C 166 -9.00 7.52 -40.82
CA LYS C 166 -9.48 8.01 -42.11
C LYS C 166 -8.40 8.81 -42.80
N GLU C 167 -7.17 8.57 -42.42
CA GLU C 167 -6.13 9.37 -43.02
C GLU C 167 -5.73 8.76 -44.34
N GLU C 168 -6.28 7.59 -44.60
CA GLU C 168 -6.00 6.91 -45.86
C GLU C 168 -7.30 6.27 -46.35
N GLN C 169 -7.68 6.60 -47.57
CA GLN C 169 -8.89 6.06 -48.14
C GLN C 169 -8.46 5.05 -49.19
N TYR C 170 -8.97 3.83 -49.08
CA TYR C 170 -8.64 2.75 -49.98
C TYR C 170 -9.74 2.39 -50.96
N TYR C 171 -9.35 2.29 -52.23
CA TYR C 171 -10.25 2.00 -53.34
C TYR C 171 -10.01 0.63 -53.98
N ASP C 172 -9.50 -0.32 -53.23
CA ASP C 172 -9.24 -1.61 -53.85
C ASP C 172 -10.51 -2.24 -54.35
N TYR C 173 -11.61 -2.02 -53.64
CA TYR C 173 -12.86 -2.55 -54.08
C TYR C 173 -13.44 -1.76 -55.22
N GLU C 174 -13.84 -2.48 -56.27
CA GLU C 174 -14.43 -1.88 -57.44
C GLU C 174 -15.93 -1.69 -57.16
N ASP C 175 -16.44 -0.49 -57.51
CA ASP C 175 -17.84 -0.09 -57.34
C ASP C 175 -18.42 -0.40 -55.95
N ALA C 176 -17.92 0.30 -54.95
CA ALA C 176 -18.41 0.02 -53.62
C ALA C 176 -19.51 0.94 -53.15
N THR C 177 -20.32 0.40 -52.26
CA THR C 177 -21.39 1.15 -51.64
C THR C 177 -21.00 1.40 -50.18
N PHE C 178 -19.69 1.38 -49.90
CA PHE C 178 -19.12 1.58 -48.56
C PHE C 178 -17.71 2.15 -48.72
N GLN C 179 -17.21 2.82 -47.67
CA GLN C 179 -15.85 3.38 -47.72
C GLN C 179 -14.78 2.42 -47.17
N THR C 180 -13.56 2.60 -47.66
CA THR C 180 -12.50 1.75 -47.19
C THR C 180 -11.40 2.59 -46.62
N TYR C 181 -10.94 2.24 -45.43
CA TYR C 181 -9.89 2.99 -44.78
C TYR C 181 -8.86 2.03 -44.19
N ALA C 182 -7.86 2.58 -43.48
CA ALA C 182 -6.79 1.77 -42.88
C ALA C 182 -7.15 1.22 -41.48
N LEU C 183 -6.91 -0.08 -41.35
CA LEU C 183 -7.25 -0.83 -40.15
C LEU C 183 -6.29 -0.46 -39.08
N THR C 184 -6.83 -0.02 -37.96
CA THR C 184 -5.96 0.35 -36.87
C THR C 184 -6.04 -0.65 -35.78
N GLY C 185 -7.21 -1.23 -35.55
CA GLY C 185 -7.28 -2.20 -34.49
C GLY C 185 -8.59 -2.91 -34.43
N ILE C 186 -8.60 -4.11 -33.89
CA ILE C 186 -9.81 -4.88 -33.82
C ILE C 186 -9.99 -5.17 -32.35
N SER C 187 -11.22 -5.43 -31.92
CA SER C 187 -11.49 -5.72 -30.53
C SER C 187 -12.75 -6.57 -30.45
N LEU C 188 -12.59 -7.84 -30.11
CA LEU C 188 -13.72 -8.74 -30.02
C LEU C 188 -14.78 -8.08 -29.23
N CYS C 189 -15.99 -8.16 -29.72
CA CYS C 189 -17.09 -7.55 -29.00
C CYS C 189 -17.26 -8.25 -27.66
N ASN C 190 -17.52 -7.45 -26.64
CA ASN C 190 -17.77 -7.94 -25.30
C ASN C 190 -18.75 -6.94 -24.73
N PRO C 191 -20.01 -7.37 -24.65
CA PRO C 191 -21.11 -6.57 -24.13
C PRO C 191 -20.87 -6.24 -22.68
N ALA C 192 -20.67 -7.27 -21.85
CA ALA C 192 -20.44 -7.08 -20.43
C ALA C 192 -19.29 -6.12 -20.14
N ALA C 193 -18.22 -6.23 -20.93
CA ALA C 193 -17.07 -5.33 -20.78
C ALA C 193 -17.39 -3.99 -21.41
N SER C 194 -18.57 -3.95 -22.00
CA SER C 194 -19.11 -2.78 -22.65
C SER C 194 -18.29 -2.35 -23.84
N ILE C 195 -18.27 -3.22 -24.83
CA ILE C 195 -17.55 -2.99 -26.06
C ILE C 195 -18.56 -2.91 -27.20
N CYS C 196 -19.54 -3.80 -27.16
CA CYS C 196 -20.56 -3.82 -28.18
C CYS C 196 -21.93 -3.99 -27.51
N ASP D 1 -1.45 4.99 -13.48
CA ASP D 1 -0.88 3.83 -12.81
C ASP D 1 -1.63 3.41 -11.57
N VAL D 2 -1.25 2.29 -11.02
CA VAL D 2 -1.89 1.81 -9.82
C VAL D 2 -0.68 1.72 -8.86
N PRO D 3 -0.92 1.71 -7.54
CA PRO D 3 0.10 1.64 -6.48
C PRO D 3 1.04 0.45 -6.51
N TYR D 4 0.49 -0.76 -6.56
CA TYR D 4 1.29 -1.99 -6.55
C TYR D 4 0.68 -3.09 -7.45
N VAL D 5 1.48 -4.09 -7.81
CA VAL D 5 1.05 -5.23 -8.64
C VAL D 5 -0.10 -6.05 -8.05
N LEU D 6 -1.15 -6.24 -8.84
CA LEU D 6 -2.27 -7.04 -8.38
C LEU D 6 -2.14 -8.45 -8.93
N VAL D 7 -2.51 -9.42 -8.12
CA VAL D 7 -2.40 -10.81 -8.55
C VAL D 7 -3.79 -11.44 -8.44
N LYS D 8 -4.49 -11.54 -9.58
CA LYS D 8 -5.83 -12.14 -9.60
C LYS D 8 -5.69 -13.57 -10.05
N THR D 9 -6.58 -14.40 -9.54
CA THR D 9 -6.59 -15.85 -9.82
C THR D 9 -7.92 -16.24 -10.51
N ASN D 10 -7.98 -17.45 -11.08
CA ASN D 10 -9.21 -17.94 -11.72
C ASN D 10 -9.85 -16.99 -12.72
N MET D 11 -9.00 -16.38 -13.54
CA MET D 11 -9.44 -15.45 -14.58
C MET D 11 -9.46 -16.25 -15.89
N VAL D 12 -10.34 -15.85 -16.79
CA VAL D 12 -10.49 -16.47 -18.11
C VAL D 12 -10.60 -15.26 -19.02
N VAL D 13 -9.84 -15.25 -20.09
CA VAL D 13 -9.92 -14.07 -20.95
C VAL D 13 -11.13 -14.23 -21.84
N THR D 14 -12.02 -13.26 -21.84
CA THR D 14 -13.19 -13.40 -22.68
C THR D 14 -13.25 -12.56 -23.96
N SER D 15 -12.39 -11.58 -24.05
CA SER D 15 -12.31 -10.80 -25.27
C SER D 15 -10.86 -10.95 -25.59
N VAL D 16 -10.36 -10.10 -26.47
CA VAL D 16 -8.96 -10.10 -26.86
C VAL D 16 -8.95 -8.96 -27.86
N ALA D 17 -7.82 -8.32 -28.10
CA ALA D 17 -7.82 -7.21 -29.05
C ALA D 17 -6.47 -6.71 -29.40
N MET D 18 -6.42 -5.72 -30.26
CA MET D 18 -5.17 -5.10 -30.66
C MET D 18 -5.48 -3.65 -30.93
N LYS D 19 -4.48 -2.81 -30.77
CA LYS D 19 -4.56 -1.35 -30.97
C LYS D 19 -3.13 -0.86 -30.96
N PRO D 20 -2.93 0.41 -31.22
CA PRO D 20 -1.55 0.91 -31.22
C PRO D 20 -1.11 1.47 -29.87
N TYR D 21 0.18 1.70 -29.71
CA TYR D 21 0.64 2.26 -28.46
C TYR D 21 0.74 3.73 -28.67
N GLU D 22 -0.16 4.43 -28.03
CA GLU D 22 -0.24 5.88 -28.11
C GLU D 22 1.07 6.61 -27.90
N VAL D 23 2.07 5.96 -27.31
CA VAL D 23 3.34 6.61 -27.09
C VAL D 23 4.25 6.54 -28.31
N THR D 24 4.28 5.39 -28.96
CA THR D 24 5.12 5.19 -30.12
C THR D 24 4.54 4.25 -31.15
N PRO D 25 5.07 4.32 -32.39
CA PRO D 25 4.69 3.51 -33.54
C PRO D 25 5.64 2.32 -33.67
N THR D 26 6.44 2.11 -32.62
CA THR D 26 7.39 1.03 -32.60
C THR D 26 6.87 -0.07 -31.71
N ARG D 27 5.70 0.17 -31.16
CA ARG D 27 5.09 -0.81 -30.29
C ARG D 27 3.59 -0.77 -30.50
N MET D 28 2.86 -1.69 -29.90
CA MET D 28 1.41 -1.71 -29.99
C MET D 28 0.91 -2.59 -28.85
N LEU D 29 -0.35 -2.42 -28.47
CA LEU D 29 -0.92 -3.20 -27.37
C LEU D 29 -1.60 -4.41 -27.87
N VAL D 30 -2.04 -5.23 -26.94
CA VAL D 30 -2.70 -6.48 -27.26
C VAL D 30 -3.64 -6.67 -26.10
N CYS D 31 -4.54 -5.74 -25.90
CA CYS D 31 -5.50 -5.81 -24.82
C CYS D 31 -6.37 -7.03 -24.73
N GLY D 32 -7.28 -7.06 -23.77
CA GLY D 32 -8.17 -8.20 -23.59
C GLY D 32 -8.95 -7.99 -22.32
N ILE D 33 -10.02 -8.73 -22.09
CA ILE D 33 -10.80 -8.56 -20.85
C ILE D 33 -10.76 -9.89 -20.15
N ALA D 34 -10.59 -9.91 -18.84
CA ALA D 34 -10.57 -11.18 -18.16
C ALA D 34 -11.67 -11.18 -17.14
N ALA D 35 -12.17 -12.36 -16.82
CA ALA D 35 -13.24 -12.47 -15.84
C ALA D 35 -12.80 -13.45 -14.78
N LYS D 36 -13.22 -13.21 -13.55
CA LYS D 36 -12.89 -14.10 -12.46
C LYS D 36 -14.09 -14.97 -12.23
N LEU D 37 -13.89 -16.26 -12.13
CA LEU D 37 -15.02 -17.14 -11.89
C LEU D 37 -15.73 -16.75 -10.60
N GLY D 38 -17.01 -17.10 -10.49
CA GLY D 38 -17.80 -16.79 -9.31
C GLY D 38 -18.23 -15.35 -9.19
N ALA D 39 -17.30 -14.44 -9.48
CA ALA D 39 -17.56 -13.02 -9.42
C ALA D 39 -18.87 -12.64 -10.13
N ALA D 40 -19.74 -11.96 -9.40
CA ALA D 40 -21.02 -11.50 -9.95
C ALA D 40 -20.74 -10.27 -10.82
N ALA D 41 -21.66 -9.95 -11.74
CA ALA D 41 -21.50 -8.81 -12.64
C ALA D 41 -21.39 -7.48 -11.92
N SER D 42 -21.77 -7.48 -10.65
CA SER D 42 -21.67 -6.29 -9.84
C SER D 42 -20.18 -6.15 -9.50
N SER D 43 -19.54 -7.28 -9.27
CA SER D 43 -18.12 -7.33 -8.93
C SER D 43 -17.30 -6.77 -10.09
N PRO D 44 -16.26 -5.99 -9.75
CA PRO D 44 -15.37 -5.37 -10.72
C PRO D 44 -14.41 -6.40 -11.31
N ASP D 45 -14.30 -7.54 -10.64
CA ASP D 45 -13.42 -8.58 -11.09
C ASP D 45 -14.00 -9.41 -12.23
N ALA D 46 -15.27 -9.14 -12.56
CA ALA D 46 -15.92 -9.87 -13.64
C ALA D 46 -15.65 -9.14 -14.96
N HIS D 47 -14.90 -8.05 -14.91
CA HIS D 47 -14.61 -7.33 -16.14
C HIS D 47 -13.23 -6.67 -16.05
N VAL D 48 -12.19 -7.45 -15.88
CA VAL D 48 -10.87 -6.84 -15.79
C VAL D 48 -10.04 -6.78 -17.07
N PRO D 49 -9.91 -5.60 -17.63
CA PRO D 49 -9.15 -5.31 -18.84
C PRO D 49 -7.65 -5.25 -18.63
N PHE D 50 -6.89 -5.45 -19.69
CA PHE D 50 -5.44 -5.44 -19.64
C PHE D 50 -4.85 -5.33 -20.99
N CYS D 51 -3.55 -5.29 -21.05
CA CYS D 51 -2.88 -5.19 -22.33
C CYS D 51 -1.42 -5.40 -22.09
N PHE D 52 -0.69 -5.68 -23.14
CA PHE D 52 0.74 -5.80 -23.04
C PHE D 52 1.35 -5.21 -24.22
N GLY D 53 2.65 -5.02 -24.15
CA GLY D 53 3.32 -4.41 -25.26
C GLY D 53 3.74 -5.45 -26.22
N LYS D 54 3.81 -5.06 -27.48
CA LYS D 54 4.30 -5.92 -28.52
C LYS D 54 5.18 -5.00 -29.32
N ASP D 55 6.41 -5.42 -29.54
CA ASP D 55 7.36 -4.63 -30.28
C ASP D 55 7.20 -4.88 -31.75
N LEU D 56 6.92 -3.82 -32.49
CA LEU D 56 6.72 -3.99 -33.89
C LEU D 56 8.03 -4.06 -34.67
N LYS D 57 9.14 -4.17 -33.94
CA LYS D 57 10.41 -4.28 -34.61
C LYS D 57 10.83 -5.73 -34.67
N ARG D 58 10.45 -6.49 -33.64
CA ARG D 58 10.79 -7.91 -33.60
C ARG D 58 9.56 -8.62 -34.15
N PRO D 59 9.65 -9.07 -35.39
CA PRO D 59 8.57 -9.76 -36.10
C PRO D 59 8.29 -11.13 -35.54
N GLY D 60 7.03 -11.45 -35.32
CA GLY D 60 6.71 -12.78 -34.82
C GLY D 60 5.84 -12.69 -33.60
N SER D 61 5.58 -13.82 -32.96
CA SER D 61 4.74 -13.77 -31.79
C SER D 61 5.43 -13.98 -30.45
N SER D 62 5.16 -13.06 -29.55
CA SER D 62 5.68 -13.08 -28.22
C SER D 62 5.12 -14.30 -27.52
N PRO D 63 5.83 -14.77 -26.50
CA PRO D 63 5.39 -15.93 -25.76
C PRO D 63 4.10 -15.62 -25.10
N MET D 64 3.87 -14.35 -24.80
CA MET D 64 2.62 -13.99 -24.13
C MET D 64 1.40 -13.95 -25.03
N GLU D 65 1.64 -13.74 -26.32
CA GLU D 65 0.59 -13.74 -27.32
C GLU D 65 0.26 -15.23 -27.41
N VAL D 66 1.27 -16.00 -27.84
CA VAL D 66 1.19 -17.43 -28.01
C VAL D 66 0.43 -18.08 -26.87
N MET D 67 0.57 -17.56 -25.67
CA MET D 67 -0.13 -18.19 -24.56
C MET D 67 -1.57 -17.72 -24.56
N LEU D 68 -1.72 -16.41 -24.64
CA LEU D 68 -3.03 -15.74 -24.63
C LEU D 68 -3.94 -16.45 -25.59
N ARG D 69 -3.45 -16.59 -26.81
CA ARG D 69 -4.18 -17.26 -27.84
C ARG D 69 -4.67 -18.61 -27.33
N ALA D 70 -3.72 -19.46 -26.93
CA ALA D 70 -4.02 -20.79 -26.43
C ALA D 70 -4.99 -20.85 -25.26
N VAL D 71 -4.78 -20.02 -24.27
CA VAL D 71 -5.64 -20.04 -23.13
C VAL D 71 -6.99 -19.45 -23.41
N PHE D 72 -7.05 -18.56 -24.40
CA PHE D 72 -8.31 -17.89 -24.80
C PHE D 72 -9.18 -18.91 -25.50
N MET D 73 -8.63 -19.43 -26.61
CA MET D 73 -9.27 -20.44 -27.47
C MET D 73 -9.80 -21.56 -26.62
N GLN D 74 -9.05 -21.86 -25.59
CA GLN D 74 -9.42 -22.93 -24.71
C GLN D 74 -10.18 -22.57 -23.43
N GLN D 75 -10.41 -21.28 -23.15
CA GLN D 75 -11.10 -20.87 -21.90
C GLN D 75 -10.48 -21.44 -20.62
N ARG D 76 -9.16 -21.35 -20.60
CA ARG D 76 -8.33 -21.79 -19.49
C ARG D 76 -8.41 -20.67 -18.49
N PRO D 77 -8.42 -20.98 -17.19
CA PRO D 77 -8.48 -19.94 -16.17
C PRO D 77 -7.03 -19.57 -15.92
N LEU D 78 -6.79 -18.47 -15.20
CA LEU D 78 -5.41 -18.11 -14.95
C LEU D 78 -5.05 -17.18 -13.78
N ARG D 79 -3.77 -17.24 -13.42
CA ARG D 79 -3.19 -16.39 -12.39
C ARG D 79 -2.55 -15.27 -13.20
N MET D 80 -2.97 -14.05 -12.91
CA MET D 80 -2.42 -12.93 -13.65
C MET D 80 -1.80 -11.87 -12.77
N PHE D 81 -0.63 -11.45 -13.21
CA PHE D 81 0.18 -10.42 -12.57
C PHE D 81 0.04 -9.15 -13.43
N LEU D 82 -0.85 -8.26 -12.97
CA LEU D 82 -1.20 -6.96 -13.58
C LEU D 82 -0.88 -5.77 -12.63
N GLY D 83 -0.49 -4.68 -13.27
CA GLY D 83 -0.12 -3.49 -12.54
C GLY D 83 1.37 -3.37 -12.76
N PRO D 84 2.00 -2.35 -12.21
CA PRO D 84 1.26 -1.36 -11.42
C PRO D 84 0.76 -0.34 -12.45
N LYS D 85 1.28 -0.43 -13.66
CA LYS D 85 0.86 0.46 -14.73
C LYS D 85 -0.54 0.22 -15.26
N GLN D 86 -1.08 1.31 -15.79
CA GLN D 86 -2.37 1.28 -16.42
C GLN D 86 -2.09 1.81 -17.80
N LEU D 87 -2.77 1.20 -18.75
CA LEU D 87 -2.66 1.54 -20.14
C LEU D 87 -4.07 1.79 -20.60
N THR D 88 -4.19 2.51 -21.71
CA THR D 88 -5.52 2.80 -22.25
C THR D 88 -5.96 1.89 -23.40
N PHE D 89 -7.15 1.35 -23.27
CA PHE D 89 -7.66 0.46 -24.28
C PHE D 89 -9.14 0.61 -24.19
N GLU D 90 -9.70 0.90 -25.36
CA GLU D 90 -11.11 1.13 -25.55
C GLU D 90 -11.49 2.35 -24.75
N GLY D 91 -10.57 3.32 -24.78
CA GLY D 91 -10.73 4.59 -24.10
C GLY D 91 -10.78 4.56 -22.58
N LYS D 92 -10.29 3.48 -21.98
CA LYS D 92 -10.33 3.36 -20.54
C LYS D 92 -8.97 2.83 -20.04
N PRO D 93 -8.72 2.90 -18.71
CA PRO D 93 -7.45 2.42 -18.16
C PRO D 93 -7.52 0.91 -18.02
N ALA D 94 -6.40 0.26 -18.29
CA ALA D 94 -6.33 -1.19 -18.20
C ALA D 94 -4.95 -1.55 -17.70
N LEU D 95 -4.92 -2.48 -16.76
CA LEU D 95 -3.70 -2.94 -16.10
C LEU D 95 -2.71 -3.72 -16.92
N GLU D 96 -1.54 -3.16 -17.18
CA GLU D 96 -0.51 -3.88 -17.93
C GLU D 96 -0.22 -5.28 -17.35
N LEU D 97 -0.18 -6.29 -18.21
CA LEU D 97 0.10 -7.67 -17.77
C LEU D 97 1.60 -7.82 -17.87
N ILE D 98 2.19 -8.45 -16.88
CA ILE D 98 3.62 -8.62 -16.90
C ILE D 98 3.96 -10.07 -16.86
N ARG D 99 2.96 -10.88 -16.51
CA ARG D 99 3.19 -12.31 -16.40
C ARG D 99 1.89 -12.95 -15.99
N MET D 100 1.63 -14.14 -16.54
CA MET D 100 0.44 -14.91 -16.21
C MET D 100 0.82 -16.39 -16.18
N VAL D 101 0.03 -17.17 -15.46
CA VAL D 101 0.27 -18.59 -15.38
C VAL D 101 -1.04 -19.31 -15.24
N GLU D 102 -1.20 -20.31 -16.08
CA GLU D 102 -2.42 -21.10 -16.10
C GLU D 102 -2.70 -21.71 -14.75
N CYS D 103 -3.97 -21.73 -14.37
CA CYS D 103 -4.34 -22.31 -13.12
C CYS D 103 -4.34 -23.86 -13.12
N SER D 104 -3.63 -24.43 -12.15
CA SER D 104 -3.54 -25.87 -11.97
C SER D 104 -4.68 -26.40 -11.08
N GLY D 105 -5.03 -25.66 -10.02
CA GLY D 105 -6.08 -26.04 -9.08
C GLY D 105 -6.20 -24.98 -8.00
N LYS D 106 -7.10 -25.14 -7.03
CA LYS D 106 -7.27 -24.14 -5.96
C LYS D 106 -5.97 -23.91 -5.20
N GLN D 107 -5.14 -24.95 -5.21
CA GLN D 107 -3.85 -24.94 -4.54
C GLN D 107 -2.94 -23.81 -5.00
N ASP D 108 -3.26 -23.16 -6.10
CA ASP D 108 -2.44 -22.04 -6.59
C ASP D 108 -3.33 -20.97 -7.18
N CYS D 109 -4.62 -21.31 -7.29
CA CYS D 109 -5.69 -20.45 -7.80
C CYS D 109 -6.89 -20.67 -6.89
N PRO D 110 -6.80 -20.12 -5.67
CA PRO D 110 -7.72 -20.11 -4.52
C PRO D 110 -9.17 -19.67 -4.80
N ASP E 1 2.81 -18.36 -71.69
CA ASP E 1 2.05 -17.16 -71.32
C ASP E 1 0.85 -16.87 -72.22
N VAL E 2 0.01 -15.93 -71.79
CA VAL E 2 -1.18 -15.51 -72.54
C VAL E 2 -0.94 -14.02 -72.89
N PRO E 3 -1.65 -13.50 -73.90
CA PRO E 3 -1.41 -12.10 -74.21
C PRO E 3 -2.13 -11.13 -73.31
N TYR E 4 -3.13 -11.58 -72.59
CA TYR E 4 -3.84 -10.67 -71.70
C TYR E 4 -4.37 -11.29 -70.43
N VAL E 5 -4.97 -10.45 -69.58
CA VAL E 5 -5.43 -10.91 -68.28
C VAL E 5 -6.75 -11.54 -68.30
N LEU E 6 -6.80 -12.80 -67.92
CA LEU E 6 -8.06 -13.51 -67.85
C LEU E 6 -8.64 -13.08 -66.51
N VAL E 7 -9.94 -13.29 -66.33
CA VAL E 7 -10.63 -12.93 -65.10
C VAL E 7 -11.66 -14.03 -64.85
N LYS E 8 -11.28 -15.06 -64.13
CA LYS E 8 -12.23 -16.15 -63.88
C LYS E 8 -13.24 -15.62 -62.91
N THR E 9 -14.16 -16.45 -62.46
CA THR E 9 -15.18 -15.97 -61.56
C THR E 9 -15.72 -17.21 -60.90
N ASN E 10 -16.52 -17.03 -59.86
CA ASN E 10 -17.09 -18.13 -59.13
C ASN E 10 -16.15 -19.30 -59.01
N MET E 11 -14.87 -18.99 -58.80
CA MET E 11 -13.83 -19.98 -58.65
C MET E 11 -13.60 -20.26 -57.19
N VAL E 12 -13.40 -21.51 -56.84
CA VAL E 12 -13.11 -21.89 -55.48
C VAL E 12 -11.69 -22.45 -55.53
N VAL E 13 -10.82 -22.11 -54.57
CA VAL E 13 -9.49 -22.71 -54.64
C VAL E 13 -9.69 -24.08 -54.05
N THR E 14 -9.37 -25.06 -54.86
CA THR E 14 -9.55 -26.42 -54.48
C THR E 14 -8.31 -27.11 -53.91
N SER E 15 -7.12 -26.65 -54.25
CA SER E 15 -5.93 -27.27 -53.71
C SER E 15 -4.70 -26.34 -53.65
N VAL E 16 -3.88 -26.51 -52.62
CA VAL E 16 -2.68 -25.70 -52.46
C VAL E 16 -1.40 -26.50 -52.39
N ALA E 17 -0.35 -25.83 -52.82
CA ALA E 17 0.96 -26.40 -52.85
C ALA E 17 2.01 -25.32 -52.65
N MET E 18 3.15 -25.75 -52.13
CA MET E 18 4.27 -24.88 -51.90
C MET E 18 5.39 -25.56 -52.66
N LYS E 19 6.07 -24.79 -53.50
CA LYS E 19 7.18 -25.35 -54.26
C LYS E 19 8.24 -24.26 -54.38
N PRO E 20 9.50 -24.65 -54.60
CA PRO E 20 10.64 -23.72 -54.74
C PRO E 20 10.57 -23.04 -56.09
N TYR E 21 10.98 -21.78 -56.15
CA TYR E 21 10.95 -21.08 -57.41
C TYR E 21 12.20 -21.45 -58.16
N GLU E 22 12.14 -22.58 -58.85
CA GLU E 22 13.24 -23.13 -59.63
C GLU E 22 14.24 -22.14 -60.21
N VAL E 23 13.76 -20.95 -60.54
CA VAL E 23 14.61 -19.92 -61.11
C VAL E 23 15.28 -19.10 -60.03
N THR E 24 14.49 -18.66 -59.07
CA THR E 24 15.00 -17.81 -58.01
C THR E 24 14.91 -18.42 -56.61
N PRO E 25 16.04 -18.41 -55.87
CA PRO E 25 16.26 -18.92 -54.51
C PRO E 25 15.71 -18.07 -53.35
N THR E 26 15.55 -16.77 -53.58
CA THR E 26 15.03 -15.89 -52.54
C THR E 26 13.52 -16.05 -52.46
N ARG E 27 12.95 -16.72 -53.48
CA ARG E 27 11.52 -16.93 -53.60
C ARG E 27 11.17 -18.38 -53.80
N MET E 28 9.88 -18.64 -53.61
CA MET E 28 9.30 -19.95 -53.75
C MET E 28 7.91 -19.61 -54.33
N LEU E 29 7.13 -20.62 -54.72
CA LEU E 29 5.81 -20.39 -55.29
C LEU E 29 4.70 -21.00 -54.46
N VAL E 30 3.62 -20.24 -54.35
CA VAL E 30 2.44 -20.72 -53.67
C VAL E 30 1.55 -21.00 -54.89
N CYS E 31 1.29 -22.29 -55.13
CA CYS E 31 0.46 -22.75 -56.25
C CYS E 31 -0.86 -23.36 -55.79
N GLY E 32 -1.85 -23.24 -56.65
CA GLY E 32 -3.16 -23.76 -56.35
C GLY E 32 -3.88 -24.14 -57.62
N ILE E 33 -5.06 -24.70 -57.42
CA ILE E 33 -5.91 -25.16 -58.49
C ILE E 33 -7.30 -24.64 -58.23
N ALA E 34 -7.65 -23.52 -58.89
CA ALA E 34 -9.00 -22.96 -58.76
C ALA E 34 -9.88 -23.73 -59.74
N ALA E 35 -11.18 -23.72 -59.53
CA ALA E 35 -12.10 -24.41 -60.43
C ALA E 35 -13.51 -23.80 -60.34
N LYS E 36 -14.00 -23.26 -61.45
CA LYS E 36 -15.31 -22.65 -61.49
C LYS E 36 -16.35 -23.54 -60.83
N LEU E 37 -17.04 -22.99 -59.85
CA LEU E 37 -18.03 -23.74 -59.13
C LEU E 37 -19.04 -24.33 -60.11
N GLY E 38 -19.52 -25.53 -59.80
CA GLY E 38 -20.51 -26.19 -60.64
C GLY E 38 -20.13 -26.77 -62.01
N ALA E 39 -19.43 -25.97 -62.80
CA ALA E 39 -18.99 -26.36 -64.13
C ALA E 39 -18.70 -27.83 -64.29
N ALA E 40 -19.05 -28.33 -65.46
CA ALA E 40 -18.85 -29.73 -65.78
C ALA E 40 -17.39 -30.02 -65.80
N ALA E 41 -17.04 -31.21 -65.30
CA ALA E 41 -15.67 -31.65 -65.24
C ALA E 41 -15.05 -31.45 -66.64
N SER E 42 -15.89 -31.38 -67.65
CA SER E 42 -15.43 -31.16 -69.00
C SER E 42 -14.95 -29.74 -69.23
N SER E 43 -15.72 -28.76 -68.75
CA SER E 43 -15.43 -27.34 -68.92
C SER E 43 -13.98 -26.94 -68.78
N PRO E 44 -13.57 -25.90 -69.52
CA PRO E 44 -12.18 -25.40 -69.49
C PRO E 44 -11.80 -24.85 -68.10
N ASP E 45 -12.77 -24.19 -67.46
CA ASP E 45 -12.60 -23.59 -66.16
C ASP E 45 -12.88 -24.54 -65.02
N ALA E 46 -12.74 -25.84 -65.24
CA ALA E 46 -12.99 -26.76 -64.18
C ALA E 46 -11.68 -27.24 -63.58
N HIS E 47 -10.59 -26.67 -64.05
CA HIS E 47 -9.31 -27.03 -63.51
C HIS E 47 -8.34 -26.01 -64.02
N VAL E 48 -8.17 -24.97 -63.20
CA VAL E 48 -7.28 -23.84 -63.48
C VAL E 48 -6.06 -23.75 -62.55
N PRO E 49 -4.88 -24.01 -63.10
CA PRO E 49 -3.68 -23.94 -62.30
C PRO E 49 -3.15 -22.49 -62.15
N PHE E 50 -2.79 -22.13 -60.92
CA PHE E 50 -2.24 -20.83 -60.63
C PHE E 50 -1.14 -20.89 -59.59
N CYS E 51 -0.34 -19.85 -59.55
CA CYS E 51 0.76 -19.74 -58.60
C CYS E 51 1.04 -18.28 -58.43
N PHE E 52 1.69 -17.95 -57.33
CA PHE E 52 2.13 -16.59 -57.11
C PHE E 52 3.40 -16.70 -56.32
N GLY E 53 4.27 -15.70 -56.51
CA GLY E 53 5.53 -15.68 -55.82
C GLY E 53 5.43 -15.16 -54.39
N LYS E 54 6.30 -15.71 -53.52
CA LYS E 54 6.40 -15.34 -52.09
C LYS E 54 7.87 -15.12 -51.86
N ASP E 55 8.22 -13.91 -51.45
CA ASP E 55 9.62 -13.59 -51.17
C ASP E 55 10.02 -14.17 -49.82
N LEU E 56 11.02 -15.05 -49.89
CA LEU E 56 11.57 -15.72 -48.73
C LEU E 56 12.49 -14.86 -47.86
N LYS E 57 12.54 -13.56 -48.11
CA LYS E 57 13.37 -12.69 -47.32
C LYS E 57 12.53 -11.98 -46.27
N ARG E 58 11.40 -11.43 -46.70
CA ARG E 58 10.54 -10.75 -45.75
C ARG E 58 9.85 -11.76 -44.86
N PRO E 59 9.70 -11.44 -43.59
CA PRO E 59 9.03 -12.41 -42.71
C PRO E 59 7.51 -12.23 -42.80
N GLY E 60 6.77 -13.14 -42.20
CA GLY E 60 5.32 -13.02 -42.22
C GLY E 60 4.62 -13.67 -43.41
N SER E 61 3.44 -13.17 -43.75
CA SER E 61 2.69 -13.73 -44.84
C SER E 61 1.97 -12.69 -45.64
N SER E 62 2.33 -12.64 -46.92
CA SER E 62 1.74 -11.70 -47.89
C SER E 62 0.24 -11.76 -47.77
N PRO E 63 -0.44 -10.64 -48.02
CA PRO E 63 -1.90 -10.63 -47.92
C PRO E 63 -2.55 -11.79 -48.74
N MET E 64 -2.10 -11.96 -49.98
CA MET E 64 -2.63 -13.02 -50.85
C MET E 64 -2.50 -14.34 -50.16
N GLU E 65 -1.41 -14.51 -49.44
CA GLU E 65 -1.15 -15.73 -48.75
C GLU E 65 -2.15 -15.98 -47.67
N VAL E 66 -2.60 -14.92 -47.01
CA VAL E 66 -3.56 -15.08 -45.93
C VAL E 66 -4.97 -15.31 -46.47
N MET E 67 -5.30 -14.64 -47.55
CA MET E 67 -6.61 -14.80 -48.17
C MET E 67 -6.67 -16.19 -48.75
N LEU E 68 -5.68 -16.57 -49.55
CA LEU E 68 -5.65 -17.87 -50.16
C LEU E 68 -5.90 -18.94 -49.13
N ARG E 69 -5.33 -18.75 -47.97
CA ARG E 69 -5.49 -19.72 -46.90
C ARG E 69 -6.86 -19.63 -46.28
N ALA E 70 -7.39 -18.42 -46.16
CA ALA E 70 -8.70 -18.29 -45.55
C ALA E 70 -9.81 -18.76 -46.47
N VAL E 71 -9.77 -18.34 -47.74
CA VAL E 71 -10.80 -18.76 -48.67
C VAL E 71 -10.71 -20.24 -49.01
N PHE E 72 -9.55 -20.86 -48.85
CA PHE E 72 -9.39 -22.30 -49.14
C PHE E 72 -10.12 -23.15 -48.11
N MET E 73 -9.82 -22.92 -46.84
CA MET E 73 -10.43 -23.69 -45.75
C MET E 73 -11.93 -23.43 -45.69
N GLN E 74 -12.35 -22.27 -46.19
CA GLN E 74 -13.75 -21.95 -46.18
C GLN E 74 -14.44 -22.17 -47.57
N GLN E 75 -13.61 -22.43 -48.60
CA GLN E 75 -14.06 -22.68 -49.98
C GLN E 75 -15.02 -21.59 -50.38
N ARG E 76 -14.47 -20.43 -50.56
CA ARG E 76 -15.27 -19.30 -50.91
C ARG E 76 -14.93 -19.03 -52.34
N PRO E 77 -15.92 -18.61 -53.11
CA PRO E 77 -15.88 -18.26 -54.52
C PRO E 77 -15.16 -16.94 -54.67
N LEU E 78 -14.29 -16.86 -55.67
CA LEU E 78 -13.51 -15.66 -55.94
C LEU E 78 -13.70 -15.04 -57.35
N ARG E 79 -12.80 -14.16 -57.71
CA ARG E 79 -12.79 -13.54 -59.01
C ARG E 79 -11.33 -13.43 -59.31
N MET E 80 -10.71 -14.52 -59.64
CA MET E 80 -9.31 -14.47 -59.89
C MET E 80 -8.88 -13.68 -61.10
N PHE E 81 -7.96 -12.75 -60.96
CA PHE E 81 -7.47 -12.08 -62.14
C PHE E 81 -6.22 -12.85 -62.47
N LEU E 82 -6.29 -13.75 -63.45
CA LEU E 82 -5.16 -14.60 -63.80
C LEU E 82 -4.29 -14.12 -64.97
N GLY E 83 -3.11 -14.73 -65.10
CA GLY E 83 -2.17 -14.33 -66.14
C GLY E 83 -1.71 -12.90 -65.96
N PRO E 84 -1.06 -12.30 -66.96
CA PRO E 84 -0.74 -12.88 -68.25
C PRO E 84 0.39 -13.84 -68.11
N LYS E 85 1.28 -13.58 -67.16
CA LYS E 85 2.42 -14.44 -66.98
C LYS E 85 2.02 -15.81 -66.50
N GLN E 86 2.91 -16.76 -66.75
CA GLN E 86 2.69 -18.14 -66.34
C GLN E 86 3.95 -18.76 -65.77
N LEU E 87 3.77 -19.59 -64.74
CA LEU E 87 4.87 -20.32 -64.12
C LEU E 87 4.58 -21.79 -64.44
N THR E 88 5.21 -22.71 -63.72
CA THR E 88 4.97 -24.10 -64.04
C THR E 88 4.69 -25.01 -62.88
N PHE E 89 3.49 -24.89 -62.32
CA PHE E 89 3.14 -25.79 -61.24
C PHE E 89 2.74 -27.11 -61.89
N GLU E 90 3.15 -28.22 -61.29
CA GLU E 90 2.81 -29.55 -61.80
C GLU E 90 3.38 -29.88 -63.18
N GLY E 91 4.48 -29.25 -63.56
CA GLY E 91 5.07 -29.53 -64.86
C GLY E 91 4.41 -28.79 -66.02
N LYS E 92 3.09 -28.78 -65.97
CA LYS E 92 2.31 -28.07 -66.96
C LYS E 92 2.36 -26.62 -66.52
N PRO E 93 2.18 -25.70 -67.46
CA PRO E 93 2.22 -24.31 -67.05
C PRO E 93 1.05 -23.99 -66.12
N ALA E 94 1.08 -22.79 -65.56
CA ALA E 94 0.03 -22.33 -64.68
C ALA E 94 0.15 -20.83 -64.72
N LEU E 95 -0.97 -20.15 -64.60
CA LEU E 95 -0.95 -18.71 -64.70
C LEU E 95 -0.72 -18.08 -63.39
N GLU E 96 -0.06 -16.93 -63.45
CA GLU E 96 0.22 -16.17 -62.25
C GLU E 96 -1.08 -15.54 -61.77
N LEU E 97 -1.34 -15.60 -60.48
CA LEU E 97 -2.52 -15.00 -59.90
C LEU E 97 -2.06 -13.63 -59.44
N ILE E 98 -2.76 -12.57 -59.85
CA ILE E 98 -2.32 -11.25 -59.47
C ILE E 98 -3.28 -10.41 -58.63
N ARG E 99 -4.45 -10.94 -58.30
CA ARG E 99 -5.45 -10.23 -57.50
C ARG E 99 -6.62 -11.18 -57.36
N MET E 100 -7.42 -11.07 -56.33
CA MET E 100 -8.53 -11.97 -56.18
C MET E 100 -9.47 -11.29 -55.23
N VAL E 101 -10.76 -11.32 -55.49
CA VAL E 101 -11.73 -10.68 -54.62
C VAL E 101 -12.79 -11.72 -54.35
N GLU E 102 -13.31 -11.77 -53.14
CA GLU E 102 -14.36 -12.75 -52.87
C GLU E 102 -15.56 -12.29 -53.67
N CYS E 103 -16.44 -13.24 -54.01
CA CYS E 103 -17.67 -12.94 -54.75
C CYS E 103 -18.73 -12.48 -53.79
N SER E 104 -19.34 -11.33 -54.06
CA SER E 104 -20.40 -10.85 -53.20
C SER E 104 -21.66 -11.61 -53.54
N GLY E 105 -21.84 -11.80 -54.85
CA GLY E 105 -22.98 -12.51 -55.39
C GLY E 105 -23.03 -12.36 -56.92
N LYS E 106 -24.14 -12.81 -57.49
CA LYS E 106 -24.41 -12.77 -58.94
C LYS E 106 -24.06 -11.43 -59.60
N GLN E 107 -24.12 -10.37 -58.82
CA GLN E 107 -23.85 -9.06 -59.34
C GLN E 107 -22.41 -8.94 -59.82
N ASP E 108 -21.45 -9.17 -58.94
CA ASP E 108 -20.04 -9.05 -59.32
C ASP E 108 -19.43 -10.36 -59.80
N CYS E 109 -20.14 -11.45 -59.53
CA CYS E 109 -19.68 -12.76 -59.90
C CYS E 109 -20.75 -13.59 -60.55
N PRO E 110 -20.79 -13.59 -61.90
CA PRO E 110 -21.74 -14.34 -62.71
C PRO E 110 -21.11 -15.63 -63.28
N LEU F 1 19.48 -37.48 -58.18
CA LEU F 1 18.48 -37.26 -57.14
C LEU F 1 17.09 -37.80 -57.54
N PRO F 2 16.95 -39.13 -57.71
CA PRO F 2 15.68 -39.76 -58.10
C PRO F 2 14.49 -39.31 -57.26
N THR F 3 13.87 -38.21 -57.68
CA THR F 3 12.73 -37.65 -56.99
C THR F 3 11.52 -38.54 -57.21
N HIS F 4 10.55 -38.46 -56.31
CA HIS F 4 9.34 -39.28 -56.41
C HIS F 4 8.14 -38.49 -55.96
N LEU F 5 6.96 -38.97 -56.34
CA LEU F 5 5.74 -38.33 -55.93
C LEU F 5 4.89 -39.36 -55.28
N TYR F 6 4.26 -39.01 -54.18
CA TYR F 6 3.39 -39.93 -53.47
C TYR F 6 2.10 -39.16 -53.27
N LYS F 7 1.02 -39.61 -53.91
CA LYS F 7 -0.26 -38.94 -53.81
C LYS F 7 -1.21 -39.61 -52.88
N ASN F 8 -2.18 -38.81 -52.48
CA ASN F 8 -3.21 -39.25 -51.60
C ASN F 8 -2.78 -39.97 -50.33
N PHE F 9 -1.68 -39.46 -49.75
CA PHE F 9 -1.13 -39.95 -48.49
C PHE F 9 -1.52 -38.96 -47.37
N THR F 10 -1.52 -39.48 -46.15
CA THR F 10 -1.81 -38.69 -44.94
C THR F 10 -0.52 -38.56 -44.10
N VAL F 11 -0.44 -37.50 -43.28
CA VAL F 11 0.71 -37.30 -42.38
C VAL F 11 0.38 -38.05 -41.09
N GLN F 12 1.17 -39.06 -40.72
CA GLN F 12 0.90 -39.87 -39.51
C GLN F 12 1.82 -39.44 -38.36
N GLU F 13 3.00 -38.97 -38.73
CA GLU F 13 3.96 -38.55 -37.73
C GLU F 13 4.56 -37.24 -38.12
N LEU F 14 4.58 -36.33 -37.17
CA LEU F 14 5.14 -35.03 -37.40
C LEU F 14 6.05 -34.75 -36.22
N ALA F 15 7.26 -34.29 -36.51
CA ALA F 15 8.21 -34.02 -35.46
C ALA F 15 9.39 -33.12 -35.87
N LEU F 16 9.67 -32.20 -34.95
CA LEU F 16 10.70 -31.16 -35.04
C LEU F 16 11.75 -31.44 -33.98
N LYS F 17 13.02 -31.45 -34.42
CA LYS F 17 14.18 -31.72 -33.56
C LYS F 17 15.43 -31.04 -34.09
N LEU F 18 16.51 -31.25 -33.34
CA LEU F 18 17.82 -30.72 -33.63
C LEU F 18 18.64 -31.77 -34.39
N LYS F 19 19.52 -31.27 -35.25
CA LYS F 19 20.42 -32.14 -36.03
C LYS F 19 21.72 -31.33 -36.11
N GLY F 20 22.54 -31.47 -35.08
CA GLY F 20 23.77 -30.72 -35.03
C GLY F 20 23.40 -29.29 -34.69
N LYS F 21 23.94 -28.32 -35.43
CA LYS F 21 23.59 -26.93 -35.16
C LYS F 21 22.17 -26.72 -35.66
N ASN F 22 21.96 -27.13 -36.90
CA ASN F 22 20.70 -26.97 -37.58
C ASN F 22 19.60 -27.82 -36.96
N GLN F 23 18.37 -27.48 -37.29
CA GLN F 23 17.24 -28.24 -36.80
C GLN F 23 16.55 -28.72 -38.05
N GLU F 24 15.65 -29.68 -37.90
CA GLU F 24 14.94 -30.24 -39.04
C GLU F 24 13.59 -30.77 -38.61
N PHE F 25 12.72 -31.00 -39.60
CA PHE F 25 11.44 -31.60 -39.28
C PHE F 25 11.22 -32.72 -40.26
N CYS F 26 10.36 -33.65 -39.86
CA CYS F 26 10.05 -34.81 -40.69
C CYS F 26 8.66 -35.31 -40.60
N LEU F 27 8.26 -35.95 -41.67
CA LEU F 27 6.95 -36.48 -41.72
C LEU F 27 6.94 -37.87 -42.32
N THR F 28 5.99 -38.60 -41.79
CA THR F 28 5.73 -39.92 -42.19
C THR F 28 4.41 -39.66 -42.86
N ALA F 29 4.39 -39.96 -44.15
CA ALA F 29 3.22 -39.83 -45.00
C ALA F 29 2.84 -41.28 -45.18
N PHE F 30 1.57 -41.59 -45.06
CA PHE F 30 1.23 -42.96 -45.22
C PHE F 30 -0.03 -43.29 -46.01
N MET F 31 0.04 -44.42 -46.70
CA MET F 31 -1.08 -44.88 -47.50
C MET F 31 -1.30 -46.28 -47.01
N SER F 32 -2.54 -46.61 -46.70
CA SER F 32 -2.84 -47.93 -46.17
C SER F 32 -2.10 -49.15 -46.72
N GLY F 33 -2.30 -49.46 -47.98
CA GLY F 33 -1.63 -50.64 -48.49
C GLY F 33 -0.12 -50.51 -48.54
N ARG F 34 0.29 -49.37 -49.07
CA ARG F 34 1.68 -49.01 -49.29
C ARG F 34 2.45 -48.81 -47.97
N SER F 35 3.75 -48.58 -48.08
CA SER F 35 4.60 -48.40 -46.89
C SER F 35 4.61 -46.94 -46.38
N LEU F 36 5.68 -46.60 -45.64
CA LEU F 36 5.82 -45.26 -45.09
C LEU F 36 6.73 -44.38 -45.88
N VAL F 37 6.38 -43.11 -46.00
CA VAL F 37 7.22 -42.20 -46.73
C VAL F 37 7.71 -41.25 -45.68
N ARG F 38 9.01 -41.30 -45.43
CA ARG F 38 9.59 -40.42 -44.43
C ARG F 38 10.40 -39.36 -45.16
N ALA F 39 10.07 -38.10 -44.93
CA ALA F 39 10.78 -37.02 -45.58
C ALA F 39 11.05 -35.97 -44.54
N CYS F 40 12.24 -35.35 -44.61
CA CYS F 40 12.68 -34.33 -43.67
C CYS F 40 13.15 -33.08 -44.39
N LEU F 41 13.22 -31.97 -43.65
CA LEU F 41 13.66 -30.68 -44.20
C LEU F 41 14.48 -30.04 -43.05
N SER F 42 15.67 -29.51 -43.38
CA SER F 42 16.57 -28.90 -42.39
C SER F 42 16.93 -27.44 -42.70
N ASP F 43 17.64 -26.79 -41.77
CA ASP F 43 18.09 -25.38 -41.93
C ASP F 43 18.99 -25.25 -43.15
N ALA F 44 18.58 -24.41 -44.08
CA ALA F 44 19.32 -24.18 -45.32
C ALA F 44 20.65 -23.47 -45.13
N GLY F 45 21.05 -23.27 -43.88
CA GLY F 45 22.30 -22.57 -43.61
C GLY F 45 22.14 -21.08 -43.86
N HIS F 46 21.78 -20.72 -45.08
CA HIS F 46 21.58 -19.32 -45.46
C HIS F 46 20.50 -18.78 -44.57
N GLU F 47 20.80 -17.74 -43.82
CA GLU F 47 19.77 -17.23 -42.96
C GLU F 47 19.03 -16.01 -43.42
N HIS F 48 17.73 -16.25 -43.54
CA HIS F 48 16.67 -15.33 -43.97
C HIS F 48 15.60 -16.30 -44.52
N ASP F 49 16.12 -17.39 -45.10
CA ASP F 49 15.34 -18.46 -45.70
C ASP F 49 14.11 -18.76 -44.89
N THR F 50 13.04 -18.05 -45.22
CA THR F 50 11.78 -18.25 -44.55
C THR F 50 11.31 -19.70 -44.80
N TRP F 51 11.82 -20.26 -45.89
CA TRP F 51 11.49 -21.62 -46.31
C TRP F 51 11.19 -22.58 -45.17
N PHE F 52 12.15 -22.84 -44.29
CA PHE F 52 11.90 -23.82 -43.22
C PHE F 52 10.64 -23.52 -42.46
N ASP F 53 10.52 -22.29 -42.00
CA ASP F 53 9.35 -21.93 -41.24
C ASP F 53 8.10 -22.19 -42.04
N THR F 54 8.07 -21.62 -43.24
CA THR F 54 6.95 -21.72 -44.19
C THR F 54 6.56 -23.17 -44.44
N MET F 55 7.52 -23.97 -44.90
CA MET F 55 7.29 -25.35 -45.18
C MET F 55 6.83 -26.08 -43.96
N LEU F 56 7.36 -25.69 -42.82
CA LEU F 56 7.01 -26.31 -41.57
C LEU F 56 5.55 -26.06 -41.24
N GLY F 57 5.16 -24.80 -41.25
CA GLY F 57 3.79 -24.44 -40.97
C GLY F 57 2.87 -25.24 -41.84
N PHE F 58 3.08 -25.10 -43.15
CA PHE F 58 2.31 -25.78 -44.19
C PHE F 58 2.06 -27.24 -43.76
N ALA F 59 3.15 -27.94 -43.46
CA ALA F 59 3.11 -29.30 -43.02
C ALA F 59 2.30 -29.49 -41.77
N ILE F 60 2.30 -28.50 -40.91
CA ILE F 60 1.54 -28.62 -39.67
C ILE F 60 0.07 -28.53 -39.97
N SER F 61 -0.28 -27.65 -40.89
CA SER F 61 -1.69 -27.46 -41.26
C SER F 61 -2.21 -28.69 -41.99
N ALA F 62 -1.33 -29.36 -42.72
CA ALA F 62 -1.69 -30.56 -43.42
C ALA F 62 -1.97 -31.53 -42.31
N TYR F 63 -1.04 -31.62 -41.36
CA TYR F 63 -1.22 -32.51 -40.22
C TYR F 63 -2.53 -32.19 -39.52
N ALA F 64 -2.71 -30.90 -39.29
CA ALA F 64 -3.85 -30.38 -38.59
C ALA F 64 -5.16 -30.67 -39.25
N LEU F 65 -5.25 -30.29 -40.52
CA LEU F 65 -6.46 -30.45 -41.30
C LEU F 65 -6.87 -31.90 -41.58
N LYS F 66 -5.96 -32.83 -41.31
CA LYS F 66 -6.22 -34.25 -41.52
C LYS F 66 -6.48 -34.59 -42.98
N SER F 67 -5.88 -33.82 -43.87
CA SER F 67 -6.09 -34.03 -45.29
C SER F 67 -5.01 -34.82 -45.95
N ARG F 68 -5.35 -35.35 -47.11
CA ARG F 68 -4.40 -36.12 -47.89
C ARG F 68 -3.45 -35.12 -48.49
N ILE F 69 -2.26 -35.55 -48.85
CA ILE F 69 -1.30 -34.63 -49.42
C ILE F 69 -0.53 -35.25 -50.55
N ALA F 70 0.23 -34.42 -51.23
CA ALA F 70 1.02 -34.90 -52.32
C ALA F 70 2.44 -34.45 -52.04
N LEU F 71 3.36 -35.39 -51.88
CA LEU F 71 4.72 -35.01 -51.57
C LEU F 71 5.69 -35.48 -52.59
N THR F 72 6.63 -34.62 -52.89
CA THR F 72 7.63 -34.91 -53.87
C THR F 72 8.93 -34.94 -53.14
N VAL F 73 9.30 -36.12 -52.62
CA VAL F 73 10.54 -36.27 -51.85
C VAL F 73 11.65 -36.62 -52.76
N GLU F 74 12.79 -36.00 -52.56
CA GLU F 74 13.96 -36.30 -53.37
C GLU F 74 14.46 -37.65 -52.93
N ASP F 75 15.68 -38.05 -53.23
CA ASP F 75 16.03 -39.36 -52.76
C ASP F 75 17.06 -39.53 -51.66
N SER F 76 16.78 -40.49 -50.79
CA SER F 76 17.60 -40.85 -49.64
C SER F 76 18.91 -41.48 -50.09
N PRO F 77 20.05 -40.83 -49.76
CA PRO F 77 21.39 -41.32 -50.13
C PRO F 77 21.82 -42.68 -49.54
N TYR F 78 21.24 -43.05 -48.40
CA TYR F 78 21.56 -44.32 -47.74
C TYR F 78 20.29 -44.84 -47.13
N PRO F 79 19.94 -46.11 -47.41
CA PRO F 79 18.72 -46.75 -46.88
C PRO F 79 18.50 -46.50 -45.39
N GLY F 80 17.23 -46.45 -44.98
CA GLY F 80 16.89 -46.18 -43.60
C GLY F 80 16.67 -44.68 -43.39
N THR F 81 17.57 -43.89 -43.96
CA THR F 81 17.56 -42.43 -43.93
C THR F 81 16.42 -41.83 -44.76
N PRO F 82 15.55 -41.02 -44.13
CA PRO F 82 14.43 -40.41 -44.83
C PRO F 82 14.93 -39.51 -45.94
N GLY F 83 14.09 -39.35 -46.96
CA GLY F 83 14.46 -38.52 -48.08
C GLY F 83 14.19 -37.05 -47.81
N ASP F 84 14.88 -36.21 -48.55
CA ASP F 84 14.70 -34.79 -48.42
C ASP F 84 13.43 -34.30 -49.17
N LEU F 85 12.47 -33.79 -48.41
CA LEU F 85 11.21 -33.26 -48.94
C LEU F 85 11.40 -31.95 -49.73
N LEU F 86 10.87 -31.89 -50.95
CA LEU F 86 11.01 -30.67 -51.76
C LEU F 86 9.68 -30.07 -52.18
N GLU F 87 8.60 -30.81 -52.09
CA GLU F 87 7.32 -30.24 -52.51
C GLU F 87 6.19 -30.75 -51.62
N LEU F 88 5.25 -29.86 -51.28
CA LEU F 88 4.11 -30.22 -50.45
C LEU F 88 2.83 -29.68 -51.05
N GLN F 89 1.79 -30.50 -51.10
CA GLN F 89 0.50 -30.11 -51.65
C GLN F 89 -0.65 -30.71 -50.84
N ILE F 90 -1.59 -29.86 -50.43
CA ILE F 90 -2.70 -30.32 -49.63
C ILE F 90 -3.81 -30.64 -50.59
N CYS F 91 -4.19 -31.92 -50.62
CA CYS F 91 -5.28 -32.44 -51.47
C CYS F 91 -6.64 -31.86 -51.02
N PRO F 92 -7.49 -31.45 -51.97
CA PRO F 92 -8.82 -30.88 -51.72
C PRO F 92 -9.42 -31.43 -50.49
N LEU F 93 -9.73 -30.56 -49.54
CA LEU F 93 -10.29 -31.02 -48.28
C LEU F 93 -11.49 -31.94 -48.53
N ASN F 94 -11.47 -33.11 -47.89
CA ASN F 94 -12.51 -34.13 -48.01
C ASN F 94 -12.34 -35.04 -49.22
N GLY F 95 -11.65 -34.57 -50.27
CA GLY F 95 -11.43 -35.35 -51.48
C GLY F 95 -10.04 -35.95 -51.63
N TYR F 96 -9.55 -36.07 -52.87
CA TYR F 96 -8.23 -36.62 -53.11
C TYR F 96 -7.53 -35.77 -54.10
N CYS F 97 -6.24 -35.98 -54.26
CA CYS F 97 -5.54 -35.18 -55.24
C CYS F 97 -5.74 -35.98 -56.47
N GLU F 98 -6.10 -35.30 -57.54
CA GLU F 98 -6.30 -35.99 -58.80
C GLU F 98 -4.93 -36.32 -59.37
N ASP G 11 -5.44 -7.57 50.17
CA ASP G 11 -6.48 -7.55 51.22
C ASP G 11 -6.92 -6.12 51.50
N PRO G 12 -8.24 -5.89 51.65
CA PRO G 12 -8.70 -4.53 51.94
C PRO G 12 -8.22 -4.18 53.36
N PRO G 13 -8.15 -2.88 53.70
CA PRO G 13 -7.68 -2.50 55.04
C PRO G 13 -8.74 -2.79 56.09
N ALA G 14 -8.30 -2.90 57.34
CA ALA G 14 -9.22 -3.15 58.43
C ALA G 14 -9.37 -1.85 59.21
N THR G 15 -8.31 -1.06 59.17
CA THR G 15 -8.27 0.22 59.88
C THR G 15 -7.77 1.32 58.95
N VAL G 16 -8.31 2.52 59.12
CA VAL G 16 -7.91 3.66 58.32
C VAL G 16 -7.61 4.80 59.29
N TYR G 17 -7.00 5.86 58.79
CA TYR G 17 -6.68 6.99 59.63
C TYR G 17 -7.28 8.22 59.02
N ARG G 18 -7.48 9.23 59.86
CA ARG G 18 -8.10 10.47 59.44
C ARG G 18 -7.56 11.57 60.35
N TYR G 19 -6.87 12.52 59.77
CA TYR G 19 -6.34 13.62 60.57
C TYR G 19 -7.51 14.59 60.70
N ASP G 20 -7.66 15.20 61.87
CA ASP G 20 -8.72 16.18 62.08
C ASP G 20 -8.37 17.17 63.19
N SER G 21 -8.91 18.38 63.10
CA SER G 21 -8.66 19.38 64.12
C SER G 21 -9.78 19.32 65.16
N ARG G 22 -10.82 18.52 64.89
CA ARG G 22 -11.94 18.37 65.83
C ARG G 22 -11.51 17.37 66.90
N PRO G 23 -11.72 17.71 68.20
CA PRO G 23 -11.41 16.96 69.42
C PRO G 23 -12.36 15.79 69.66
N PRO G 24 -11.89 14.79 70.42
CA PRO G 24 -12.57 13.54 70.80
C PRO G 24 -13.98 13.66 71.40
N GLU G 25 -14.18 14.60 72.31
CA GLU G 25 -15.48 14.81 72.94
C GLU G 25 -16.53 15.04 71.85
N ASP G 26 -16.06 15.65 70.77
CA ASP G 26 -16.90 15.92 69.61
C ASP G 26 -16.92 14.66 68.73
N VAL G 27 -15.76 14.26 68.22
CA VAL G 27 -15.66 13.09 67.35
C VAL G 27 -16.20 11.80 67.95
N PHE G 28 -15.72 11.41 69.12
CA PHE G 28 -16.17 10.18 69.74
C PHE G 28 -17.67 10.05 69.85
N GLN G 29 -18.35 11.19 69.87
CA GLN G 29 -19.79 11.15 70.01
C GLN G 29 -20.63 11.42 68.76
N ASN G 30 -19.99 11.79 67.65
CA ASN G 30 -20.73 12.08 66.42
C ASN G 30 -20.10 11.54 65.12
N GLY G 31 -18.84 11.10 65.19
CA GLY G 31 -18.18 10.62 64.00
C GLY G 31 -18.01 11.74 62.99
N PHE G 32 -17.99 11.37 61.71
CA PHE G 32 -17.86 12.36 60.65
C PHE G 32 -18.98 12.09 59.65
N THR G 33 -19.35 13.13 58.92
CA THR G 33 -20.41 13.03 57.93
C THR G 33 -20.03 13.84 56.69
N ALA G 34 -20.34 13.29 55.52
CA ALA G 34 -20.02 13.91 54.25
C ALA G 34 -20.71 15.25 54.03
N TRP G 35 -19.97 16.13 53.37
CA TRP G 35 -20.42 17.50 53.04
C TRP G 35 -21.69 17.55 52.21
N GLY G 36 -21.90 16.54 51.36
CA GLY G 36 -23.07 16.52 50.51
C GLY G 36 -23.41 15.16 49.96
N ASN G 37 -24.22 15.17 48.91
CA ASN G 37 -24.66 13.92 48.29
C ASN G 37 -23.97 13.53 46.99
N ASN G 38 -23.15 14.41 46.43
CA ASN G 38 -22.44 14.12 45.20
C ASN G 38 -21.52 12.94 45.44
N ASP G 39 -21.96 11.75 45.05
CA ASP G 39 -21.15 10.56 45.26
C ASP G 39 -20.28 10.26 44.04
N ASN G 40 -20.02 11.28 43.23
CA ASN G 40 -19.22 11.10 42.03
C ASN G 40 -17.74 10.89 42.34
N VAL G 41 -17.24 9.71 42.03
CA VAL G 41 -15.85 9.39 42.31
C VAL G 41 -14.86 10.40 41.76
N LEU G 42 -14.89 10.60 40.45
CA LEU G 42 -13.98 11.52 39.78
C LEU G 42 -13.97 12.91 40.41
N GLU G 43 -15.14 13.52 40.51
CA GLU G 43 -15.26 14.87 41.06
C GLU G 43 -14.59 14.99 42.44
N HIS G 44 -14.77 13.97 43.26
CA HIS G 44 -14.19 13.94 44.60
C HIS G 44 -12.67 13.72 44.52
N LEU G 45 -12.28 12.74 43.71
CA LEU G 45 -10.88 12.44 43.55
C LEU G 45 -10.11 13.62 42.97
N THR G 46 -10.81 14.47 42.23
CA THR G 46 -10.19 15.63 41.61
C THR G 46 -10.43 16.91 42.39
N GLY G 47 -11.02 16.75 43.57
CA GLY G 47 -11.28 17.88 44.44
C GLY G 47 -12.55 18.66 44.15
N ARG G 48 -13.05 18.59 42.93
CA ARG G 48 -14.27 19.31 42.54
C ARG G 48 -15.38 19.37 43.60
N SER G 49 -15.77 18.21 44.12
CA SER G 49 -16.83 18.12 45.13
C SER G 49 -16.47 18.51 46.56
N CYS G 50 -15.25 19.03 46.76
CA CYS G 50 -14.79 19.45 48.07
C CYS G 50 -14.34 20.88 47.95
N GLN G 51 -14.37 21.36 46.71
CA GLN G 51 -13.97 22.71 46.34
C GLN G 51 -14.64 23.76 47.21
N VAL G 52 -13.91 24.83 47.48
CA VAL G 52 -14.42 25.93 48.30
C VAL G 52 -15.73 26.45 47.73
N GLY G 53 -16.86 26.05 48.34
CA GLY G 53 -18.15 26.50 47.84
C GLY G 53 -18.55 25.71 46.62
N SER G 54 -18.48 24.40 46.78
CA SER G 54 -18.80 23.42 45.74
C SER G 54 -18.61 22.09 46.46
N SER G 55 -18.55 22.19 47.78
CA SER G 55 -18.35 21.06 48.65
C SER G 55 -19.66 20.32 48.75
N ASN G 56 -19.66 19.05 48.32
CA ASN G 56 -20.84 18.20 48.35
C ASN G 56 -20.52 16.72 48.14
N SER G 57 -19.25 16.34 48.22
CA SER G 57 -18.88 14.95 48.05
C SER G 57 -19.55 14.12 49.13
N ALA G 58 -20.09 12.97 48.76
CA ALA G 58 -20.71 12.10 49.74
C ALA G 58 -19.61 11.18 50.24
N PHE G 59 -18.45 11.77 50.52
CA PHE G 59 -17.31 11.01 50.99
C PHE G 59 -16.52 11.60 52.16
N VAL G 60 -16.20 10.72 53.10
CA VAL G 60 -15.41 11.10 54.26
C VAL G 60 -14.03 10.56 53.91
N SER G 61 -13.07 11.45 53.81
CA SER G 61 -11.72 11.05 53.46
C SER G 61 -10.97 10.40 54.61
N THR G 62 -10.32 9.27 54.32
CA THR G 62 -9.49 8.58 55.30
C THR G 62 -8.28 8.09 54.53
N SER G 63 -7.36 7.42 55.20
CA SER G 63 -6.15 6.93 54.58
C SER G 63 -5.70 5.67 55.31
N SER G 64 -5.26 4.66 54.55
CA SER G 64 -4.81 3.42 55.18
C SER G 64 -3.35 3.53 55.66
N SER G 65 -2.78 4.73 55.60
CA SER G 65 -1.41 4.96 56.07
C SER G 65 -1.32 5.96 57.22
N ARG G 66 -1.10 5.45 58.43
CA ARG G 66 -0.97 6.36 59.54
C ARG G 66 0.15 7.28 59.15
N ARG G 67 1.29 6.68 58.81
CA ARG G 67 2.46 7.43 58.41
C ARG G 67 2.06 8.67 57.61
N TYR G 68 1.17 8.48 56.63
CA TYR G 68 0.73 9.59 55.81
C TYR G 68 0.18 10.70 56.68
N THR G 69 -0.86 10.37 57.43
CA THR G 69 -1.47 11.33 58.30
C THR G 69 -0.42 12.00 59.18
N GLU G 70 0.45 11.19 59.76
CA GLU G 70 1.49 11.69 60.64
C GLU G 70 2.30 12.80 60.01
N VAL G 71 2.64 12.64 58.73
CA VAL G 71 3.43 13.66 58.04
C VAL G 71 2.64 14.93 57.76
N TYR G 72 1.36 14.78 57.40
CA TYR G 72 0.53 15.95 57.15
C TYR G 72 0.55 16.76 58.42
N LEU G 73 0.17 16.13 59.53
CA LEU G 73 0.14 16.79 60.82
C LEU G 73 1.51 17.44 61.10
N GLU G 74 2.57 16.62 61.03
CA GLU G 74 3.94 17.06 61.28
C GLU G 74 4.27 18.36 60.54
N HIS G 75 3.68 18.53 59.37
CA HIS G 75 3.94 19.74 58.59
C HIS G 75 2.96 20.82 58.90
N ARG G 76 1.76 20.43 59.33
CA ARG G 76 0.70 21.38 59.68
C ARG G 76 1.16 22.14 60.92
N MET G 77 1.81 21.39 61.80
CA MET G 77 2.36 21.89 63.04
C MET G 77 3.42 22.90 62.68
N GLN G 78 4.30 22.52 61.77
CA GLN G 78 5.37 23.39 61.32
C GLN G 78 4.82 24.68 60.71
N GLU G 79 3.63 24.61 60.14
CA GLU G 79 3.06 25.79 59.54
C GLU G 79 2.86 26.83 60.64
N ALA G 80 2.31 26.37 61.77
CA ALA G 80 2.08 27.22 62.96
C ALA G 80 3.35 27.95 63.38
N VAL G 81 4.40 27.19 63.57
CA VAL G 81 5.66 27.76 63.96
C VAL G 81 6.05 28.88 63.00
N GLU G 82 6.03 28.61 61.70
CA GLU G 82 6.41 29.62 60.71
C GLU G 82 5.47 30.80 60.69
N ALA G 83 4.25 30.56 61.19
CA ALA G 83 3.22 31.57 61.27
C ALA G 83 3.66 32.50 62.38
N GLU G 84 3.83 31.93 63.58
CA GLU G 84 4.27 32.71 64.73
C GLU G 84 5.60 33.45 64.45
N ARG G 85 6.52 32.84 63.71
CA ARG G 85 7.80 33.47 63.38
C ARG G 85 7.58 34.81 62.69
N ALA G 86 6.59 34.84 61.80
CA ALA G 86 6.27 36.05 61.04
C ALA G 86 5.48 37.00 61.92
N GLY G 87 4.76 36.42 62.87
CA GLY G 87 3.93 37.18 63.78
C GLY G 87 2.46 36.99 63.52
N ARG G 88 2.06 35.79 63.14
CA ARG G 88 0.66 35.57 62.86
C ARG G 88 0.03 34.69 63.90
N GLY G 89 0.64 33.53 64.11
CA GLY G 89 0.13 32.58 65.07
C GLY G 89 0.67 32.66 66.48
N THR G 90 -0.06 32.03 67.38
CA THR G 90 0.32 31.97 68.79
C THR G 90 1.53 31.02 68.90
N GLY G 91 1.70 30.17 67.88
CA GLY G 91 2.80 29.22 67.83
C GLY G 91 2.48 27.84 68.40
N HIS G 92 1.23 27.60 68.78
CA HIS G 92 0.83 26.31 69.36
C HIS G 92 -0.01 25.45 68.46
N PHE G 93 0.11 24.15 68.61
CA PHE G 93 -0.65 23.28 67.75
C PHE G 93 -1.29 22.19 68.55
N ILE G 94 -2.34 21.63 67.95
CA ILE G 94 -3.14 20.59 68.54
C ILE G 94 -3.69 19.79 67.36
N GLY G 95 -3.14 18.62 67.10
CA GLY G 95 -3.59 17.80 65.99
C GLY G 95 -4.17 16.50 66.47
N TYR G 96 -5.05 15.88 65.70
CA TYR G 96 -5.65 14.61 66.13
C TYR G 96 -5.63 13.58 65.01
N ILE G 97 -5.22 12.37 65.35
CA ILE G 97 -5.17 11.26 64.40
C ILE G 97 -6.06 10.18 64.98
N TYR G 98 -7.22 9.97 64.37
CA TYR G 98 -8.14 8.97 64.87
C TYR G 98 -7.98 7.60 64.25
N GLU G 99 -8.10 6.57 65.06
CA GLU G 99 -7.99 5.23 64.53
C GLU G 99 -9.40 4.79 64.15
N VAL G 100 -9.61 4.40 62.91
CA VAL G 100 -10.95 4.00 62.48
C VAL G 100 -11.13 2.59 61.88
N ARG G 101 -12.19 1.92 62.31
CA ARG G 101 -12.53 0.59 61.83
C ARG G 101 -13.21 0.72 60.46
N ALA G 102 -12.46 0.36 59.41
CA ALA G 102 -12.93 0.44 58.04
C ALA G 102 -13.71 -0.80 57.66
N ASP G 103 -15.03 -0.68 57.72
CA ASP G 103 -15.94 -1.77 57.37
C ASP G 103 -16.20 -1.72 55.86
N ASN G 104 -17.16 -2.51 55.38
CA ASN G 104 -17.48 -2.54 53.97
C ASN G 104 -18.42 -1.40 53.54
N ASN G 105 -18.01 -0.19 53.89
CA ASN G 105 -18.73 1.03 53.55
C ASN G 105 -17.64 2.05 53.23
N PHE G 106 -16.41 1.57 53.27
CA PHE G 106 -15.20 2.34 52.96
C PHE G 106 -14.73 1.69 51.66
N TYR G 107 -14.56 2.48 50.61
CA TYR G 107 -14.12 1.95 49.33
C TYR G 107 -12.81 2.65 49.00
N GLY G 108 -11.86 1.91 48.42
CA GLY G 108 -10.59 2.54 48.08
C GLY G 108 -10.74 3.62 47.03
N ALA G 109 -9.99 4.71 47.13
CA ALA G 109 -10.07 5.78 46.15
C ALA G 109 -9.38 5.33 44.87
N ALA G 110 -8.33 4.52 45.04
CA ALA G 110 -7.58 4.01 43.91
C ALA G 110 -8.51 3.24 42.98
N SER G 111 -8.92 2.07 43.44
CA SER G 111 -9.80 1.17 42.70
C SER G 111 -10.92 1.95 42.05
N SER G 112 -11.65 2.70 42.88
CA SER G 112 -12.76 3.49 42.38
C SER G 112 -12.38 4.38 41.21
N TYR G 113 -11.15 4.92 41.22
CA TYR G 113 -10.71 5.78 40.13
C TYR G 113 -10.44 4.96 38.90
N PHE G 114 -9.47 4.08 39.02
CA PHE G 114 -9.06 3.23 37.93
C PHE G 114 -10.27 2.58 37.30
N GLU G 115 -11.28 2.32 38.13
CA GLU G 115 -12.52 1.71 37.69
C GLU G 115 -13.35 2.66 36.85
N TYR G 116 -13.76 3.78 37.43
CA TYR G 116 -14.53 4.77 36.68
C TYR G 116 -13.87 5.02 35.32
N VAL G 117 -12.55 5.02 35.27
CA VAL G 117 -11.87 5.24 34.01
C VAL G 117 -12.03 4.08 32.99
N ASP G 118 -11.84 2.84 33.44
CA ASP G 118 -12.00 1.71 32.53
C ASP G 118 -13.48 1.36 32.37
N THR G 119 -14.30 2.38 32.59
CA THR G 119 -15.74 2.28 32.48
C THR G 119 -16.18 3.50 31.65
N TYR G 120 -15.36 4.55 31.60
CA TYR G 120 -15.73 5.71 30.83
C TYR G 120 -14.80 6.15 29.71
N GLY G 121 -13.51 5.93 29.89
CA GLY G 121 -12.61 6.34 28.85
C GLY G 121 -11.42 7.05 29.41
N ASP G 122 -10.26 6.75 28.84
CA ASP G 122 -9.01 7.32 29.28
C ASP G 122 -9.00 8.83 29.22
N ASN G 123 -9.89 9.37 28.42
CA ASN G 123 -10.02 10.82 28.28
C ASN G 123 -10.96 11.35 29.37
N ALA G 124 -11.77 10.46 29.95
CA ALA G 124 -12.73 10.86 30.98
C ALA G 124 -12.15 11.13 32.38
N GLY G 125 -10.94 10.64 32.64
CA GLY G 125 -10.34 10.84 33.93
C GLY G 125 -8.96 11.44 33.78
N ARG G 126 -8.53 12.19 34.80
CA ARG G 126 -7.20 12.79 34.76
C ARG G 126 -6.21 12.00 35.55
N ILE G 127 -5.09 11.75 34.88
CA ILE G 127 -3.95 10.97 35.36
C ILE G 127 -3.42 11.24 36.76
N LEU G 128 -2.98 12.46 37.00
CA LEU G 128 -2.42 12.80 38.31
C LEU G 128 -3.44 12.61 39.40
N ALA G 129 -4.72 12.73 39.06
CA ALA G 129 -5.80 12.51 40.03
C ALA G 129 -5.84 11.04 40.38
N GLY G 130 -5.24 10.21 39.55
CA GLY G 130 -5.20 8.79 39.83
C GLY G 130 -3.94 8.58 40.63
N ALA G 131 -2.88 9.25 40.18
CA ALA G 131 -1.57 9.19 40.82
C ALA G 131 -1.69 9.59 42.28
N LEU G 132 -2.47 10.63 42.50
CA LEU G 132 -2.73 11.21 43.80
C LEU G 132 -3.51 10.28 44.71
N ALA G 133 -4.56 9.66 44.16
CA ALA G 133 -5.38 8.73 44.94
C ALA G 133 -4.53 7.62 45.53
N THR G 134 -3.51 7.22 44.77
CA THR G 134 -2.60 6.19 45.20
C THR G 134 -1.73 6.70 46.36
N TYR G 135 -1.14 7.87 46.16
CA TYR G 135 -0.26 8.55 47.13
C TYR G 135 -0.97 8.88 48.45
N GLN G 136 -2.29 8.84 48.42
CA GLN G 136 -3.05 9.12 49.61
C GLN G 136 -3.66 7.89 50.23
N SER G 137 -3.50 6.74 49.57
CA SER G 137 -4.09 5.48 50.02
C SER G 137 -5.43 5.83 50.66
N GLU G 138 -6.07 6.83 50.05
CA GLU G 138 -7.32 7.36 50.50
C GLU G 138 -8.39 6.32 50.39
N TYR G 139 -9.28 6.33 51.35
CA TYR G 139 -10.39 5.42 51.36
C TYR G 139 -11.61 6.30 51.58
N LEU G 140 -12.61 6.04 50.77
CA LEU G 140 -13.84 6.79 50.78
C LEU G 140 -14.90 6.20 51.68
N ALA G 141 -15.11 6.86 52.80
CA ALA G 141 -16.14 6.43 53.71
C ALA G 141 -17.36 7.09 53.06
N HIS G 142 -18.24 6.24 52.52
CA HIS G 142 -19.43 6.73 51.88
C HIS G 142 -20.48 7.14 52.91
N ARG G 143 -21.04 8.33 52.72
CA ARG G 143 -22.08 8.91 53.60
C ARG G 143 -21.55 9.47 54.92
N ARG G 144 -21.34 8.58 55.89
CA ARG G 144 -20.88 9.02 57.19
C ARG G 144 -20.13 7.88 57.83
N ILE G 145 -19.34 8.23 58.83
CA ILE G 145 -18.55 7.27 59.58
C ILE G 145 -18.91 7.59 61.04
N PRO G 146 -19.71 6.70 61.66
CA PRO G 146 -20.23 6.73 63.02
C PRO G 146 -19.22 6.52 64.17
N PRO G 147 -19.52 7.06 65.37
CA PRO G 147 -18.67 6.95 66.57
C PRO G 147 -18.25 5.50 66.88
N GLU G 148 -19.11 4.56 66.51
CA GLU G 148 -18.89 3.14 66.72
C GLU G 148 -17.63 2.59 66.05
N ASN G 149 -17.14 3.31 65.04
CA ASN G 149 -15.95 2.90 64.30
C ASN G 149 -14.68 3.56 64.80
N ILE G 150 -14.83 4.75 65.38
CA ILE G 150 -13.69 5.52 65.89
C ILE G 150 -13.26 4.83 67.17
N ARG G 151 -12.17 4.09 67.08
CA ARG G 151 -11.68 3.34 68.22
C ARG G 151 -10.62 4.04 69.05
N ARG G 152 -10.10 5.16 68.57
CA ARG G 152 -9.03 5.80 69.31
C ARG G 152 -8.69 7.12 68.65
N VAL G 153 -7.81 7.87 69.30
CA VAL G 153 -7.33 9.15 68.80
C VAL G 153 -5.96 9.32 69.39
N THR G 154 -5.23 10.28 68.87
CA THR G 154 -3.90 10.58 69.36
C THR G 154 -3.79 12.09 69.35
N ARG G 155 -3.82 12.69 70.54
CA ARG G 155 -3.73 14.14 70.65
C ARG G 155 -2.28 14.59 70.48
N VAL G 156 -2.09 15.67 69.72
CA VAL G 156 -0.76 16.16 69.46
C VAL G 156 -0.63 17.64 69.70
N TYR G 157 -0.14 17.95 70.90
CA TYR G 157 0.08 19.33 71.27
C TYR G 157 1.50 19.71 70.91
N HIS G 158 1.68 20.93 70.47
CA HIS G 158 3.01 21.37 70.21
C HIS G 158 3.09 22.79 70.63
N ASN G 159 4.22 23.08 71.24
CA ASN G 159 4.55 24.39 71.70
C ASN G 159 5.73 24.74 70.81
N GLY G 160 5.46 25.48 69.74
CA GLY G 160 6.52 25.83 68.81
C GLY G 160 7.44 26.87 69.38
N ILE G 161 7.00 27.45 70.50
CA ILE G 161 7.73 28.49 71.24
C ILE G 161 8.87 27.88 72.07
N THR G 162 8.55 26.74 72.68
CA THR G 162 9.47 26.02 73.53
C THR G 162 9.96 24.69 72.94
N GLY G 163 9.39 24.28 71.82
CA GLY G 163 9.78 23.03 71.19
C GLY G 163 9.24 21.82 71.92
N GLU G 164 8.05 21.94 72.51
CA GLU G 164 7.47 20.83 73.24
C GLU G 164 6.28 20.19 72.54
N THR G 165 6.43 18.90 72.25
CA THR G 165 5.40 18.13 71.60
C THR G 165 4.86 17.16 72.65
N THR G 166 3.54 17.04 72.73
CA THR G 166 2.91 16.19 73.73
C THR G 166 1.87 15.21 73.17
N THR G 167 2.23 13.92 73.18
CA THR G 167 1.36 12.85 72.69
C THR G 167 0.46 12.33 73.79
N THR G 168 -0.77 11.98 73.43
CA THR G 168 -1.72 11.46 74.40
C THR G 168 -2.86 10.76 73.68
N GLU G 169 -3.08 9.50 73.99
CA GLU G 169 -4.13 8.74 73.33
C GLU G 169 -5.36 8.41 74.17
N TYR G 170 -6.51 8.92 73.76
CA TYR G 170 -7.75 8.67 74.49
C TYR G 170 -8.49 7.62 73.66
N SER G 171 -9.44 6.93 74.26
CA SER G 171 -10.16 5.89 73.54
C SER G 171 -11.67 6.06 73.62
N ASN G 172 -12.36 5.77 72.52
CA ASN G 172 -13.81 5.90 72.50
C ASN G 172 -14.43 4.69 73.15
N ALA G 173 -15.42 4.97 73.98
CA ALA G 173 -16.16 3.94 74.69
C ALA G 173 -17.22 3.38 73.74
N ARG G 174 -17.83 4.27 72.98
CA ARG G 174 -18.88 3.92 72.03
C ARG G 174 -18.40 2.99 70.93
N TYR G 175 -17.09 2.89 70.76
CA TYR G 175 -16.53 2.02 69.74
C TYR G 175 -17.02 0.58 69.83
N VAL G 176 -17.71 0.14 68.78
CA VAL G 176 -18.22 -1.22 68.70
C VAL G 176 -17.18 -2.08 67.98
N SER G 177 -16.80 -3.20 68.58
CA SER G 177 -15.81 -4.06 67.94
C SER G 177 -16.43 -5.22 67.18
N GLN G 178 -16.06 -5.31 65.91
CA GLN G 178 -16.51 -6.37 65.01
C GLN G 178 -15.37 -6.52 64.03
N GLN G 179 -15.25 -7.69 63.44
CA GLN G 179 -14.19 -7.92 62.47
C GLN G 179 -14.67 -7.46 61.10
N THR G 180 -14.18 -6.32 60.64
CA THR G 180 -14.58 -5.83 59.32
C THR G 180 -13.34 -5.44 58.54
N ARG G 181 -13.55 -5.16 57.27
CA ARG G 181 -12.49 -4.76 56.36
C ARG G 181 -13.18 -3.89 55.35
N ALA G 182 -12.43 -3.00 54.73
CA ALA G 182 -13.00 -2.12 53.72
C ALA G 182 -13.53 -2.97 52.56
N ASN G 183 -14.53 -2.41 51.89
CA ASN G 183 -15.16 -3.06 50.77
C ASN G 183 -14.19 -3.20 49.60
N PRO G 184 -13.87 -4.44 49.21
CA PRO G 184 -12.95 -4.69 48.08
C PRO G 184 -13.50 -4.19 46.75
N ASN G 185 -14.83 -4.17 46.61
CA ASN G 185 -15.47 -3.72 45.38
C ASN G 185 -15.49 -2.19 45.30
N PRO G 186 -14.87 -1.62 44.24
CA PRO G 186 -14.83 -0.16 44.08
C PRO G 186 -16.23 0.41 44.01
N TYR G 187 -16.38 1.64 44.49
CA TYR G 187 -17.67 2.29 44.43
C TYR G 187 -17.75 2.75 42.97
N THR G 188 -18.90 2.54 42.34
CA THR G 188 -19.07 2.92 40.94
C THR G 188 -19.96 4.12 40.73
N SER G 189 -19.45 5.12 40.05
CA SER G 189 -20.22 6.32 39.79
C SER G 189 -20.59 6.38 38.33
N ARG G 190 -21.48 7.33 38.04
CA ARG G 190 -21.97 7.61 36.69
C ARG G 190 -20.94 8.59 36.13
N ARG G 191 -20.93 8.77 34.82
CA ARG G 191 -19.97 9.67 34.20
C ARG G 191 -20.17 11.08 34.74
N SER G 192 -19.07 11.81 34.93
CA SER G 192 -19.14 13.17 35.40
C SER G 192 -19.71 13.98 34.29
N VAL G 193 -20.29 15.09 34.67
CA VAL G 193 -20.90 16.00 33.73
C VAL G 193 -20.10 17.27 33.86
N ALA G 194 -19.41 17.37 34.99
CA ALA G 194 -18.64 18.54 35.31
C ALA G 194 -17.45 18.75 34.42
N SER G 195 -17.13 20.03 34.23
CA SER G 195 -15.99 20.49 33.43
C SER G 195 -14.80 20.61 34.41
N ILE G 196 -14.12 19.49 34.65
CA ILE G 196 -12.99 19.48 35.56
C ILE G 196 -11.80 20.02 34.83
N VAL G 197 -11.05 20.92 35.47
CA VAL G 197 -9.89 21.48 34.81
C VAL G 197 -8.67 20.68 35.18
N GLY G 198 -8.67 20.21 36.42
CA GLY G 198 -7.55 19.43 36.90
C GLY G 198 -7.74 19.00 38.33
N THR G 199 -6.71 18.36 38.86
CA THR G 199 -6.75 17.88 40.22
C THR G 199 -6.31 18.96 41.17
N LEU G 200 -7.25 19.35 42.02
CA LEU G 200 -7.01 20.36 43.04
C LEU G 200 -6.31 19.63 44.16
N VAL G 201 -5.29 20.26 44.68
CA VAL G 201 -4.51 19.64 45.71
C VAL G 201 -3.82 20.74 46.51
N ARG G 202 -3.71 20.53 47.81
CA ARG G 202 -3.04 21.50 48.68
C ARG G 202 -1.54 21.35 48.47
N MET G 203 -0.80 22.45 48.64
CA MET G 203 0.64 22.39 48.45
C MET G 203 1.44 22.04 49.69
N ALA G 204 2.73 21.77 49.45
CA ALA G 204 3.74 21.42 50.46
C ALA G 204 3.29 20.99 51.84
N PRO G 205 3.06 19.68 52.02
CA PRO G 205 3.20 18.64 51.00
C PRO G 205 1.93 18.59 50.18
N VAL G 206 1.97 17.79 49.13
CA VAL G 206 0.80 17.65 48.26
C VAL G 206 -0.29 16.82 48.95
N VAL G 207 -1.46 17.40 49.13
CA VAL G 207 -2.55 16.68 49.77
C VAL G 207 -3.86 16.93 49.05
N GLY G 208 -4.65 15.88 48.92
CA GLY G 208 -5.94 15.93 48.25
C GLY G 208 -6.89 16.94 48.86
N ALA G 209 -7.39 17.86 48.02
CA ALA G 209 -8.29 18.92 48.44
C ALA G 209 -9.37 18.50 49.43
N CYS G 210 -9.93 17.30 49.26
CA CYS G 210 -10.96 16.83 50.17
C CYS G 210 -10.36 16.57 51.53
N MET G 211 -9.49 15.57 51.59
CA MET G 211 -8.79 15.18 52.81
C MET G 211 -8.24 16.40 53.52
N ALA G 212 -7.39 17.15 52.84
CA ALA G 212 -6.80 18.33 53.44
C ALA G 212 -7.82 19.35 53.93
N ARG G 213 -8.94 19.46 53.23
CA ARG G 213 -9.98 20.44 53.58
C ARG G 213 -11.05 19.97 54.54
N GLN G 214 -11.26 18.66 54.64
CA GLN G 214 -12.30 18.12 55.52
C GLN G 214 -11.88 18.13 56.98
N ALA G 215 -10.57 18.25 57.20
CA ALA G 215 -9.96 18.28 58.53
C ALA G 215 -10.24 19.59 59.28
N GLU G 216 -10.32 20.68 58.53
CA GLU G 216 -10.56 22.00 59.11
C GLU G 216 -12.00 22.18 59.56
N SER G 217 -12.18 23.05 60.54
CA SER G 217 -13.48 23.35 61.08
C SER G 217 -13.41 24.70 61.78
N SER G 218 -14.44 25.02 62.56
CA SER G 218 -14.48 26.29 63.28
C SER G 218 -14.01 26.10 64.74
N GLU G 219 -12.71 26.30 64.96
CA GLU G 219 -12.11 26.18 66.29
C GLU G 219 -10.63 26.57 66.30
N GLU G 230 -9.02 31.20 57.79
CA GLU G 230 -8.53 31.75 56.53
C GLU G 230 -8.86 30.77 55.38
N ALA G 231 -8.66 31.23 54.15
CA ALA G 231 -8.93 30.43 52.95
C ALA G 231 -7.78 29.48 52.66
N MET G 232 -8.11 28.24 52.32
CA MET G 232 -7.12 27.19 52.01
C MET G 232 -6.67 27.24 50.54
N VAL G 233 -5.38 27.47 50.31
CA VAL G 233 -4.85 27.55 48.95
C VAL G 233 -4.87 26.19 48.28
N LEU G 234 -5.82 26.05 47.36
CA LEU G 234 -5.97 24.83 46.59
C LEU G 234 -5.42 25.14 45.22
N VAL G 235 -4.46 24.32 44.79
CA VAL G 235 -3.79 24.53 43.52
C VAL G 235 -3.97 23.32 42.57
N TYR G 236 -3.83 23.54 41.26
CA TYR G 236 -3.97 22.46 40.28
C TYR G 236 -2.70 21.64 40.11
N TYR G 237 -2.70 20.48 40.75
CA TYR G 237 -1.57 19.56 40.70
C TYR G 237 -0.82 19.62 39.38
N GLU G 238 -1.55 19.69 38.29
CA GLU G 238 -0.98 19.73 36.96
C GLU G 238 -0.16 20.98 36.71
N SER G 239 -0.69 22.13 37.10
CA SER G 239 0.02 23.36 36.84
C SER G 239 1.45 23.36 37.35
N ILE G 240 1.78 22.42 38.24
CA ILE G 240 3.14 22.36 38.76
C ILE G 240 3.84 20.99 38.72
N ALA G 241 3.08 19.92 38.44
CA ALA G 241 3.64 18.58 38.38
C ALA G 241 4.92 18.55 37.54
N TYR G 242 4.99 19.45 36.57
CA TYR G 242 6.16 19.56 35.71
C TYR G 242 6.72 20.96 35.99
N SER G 243 8.00 21.02 36.31
CA SER G 243 8.69 22.28 36.63
C SER G 243 8.68 23.34 35.52
N PHE G 244 8.69 24.62 35.91
CA PHE G 244 8.68 25.70 34.91
C PHE G 244 10.08 26.19 34.61
N THR H 1 -15.36 22.30 2.82
CA THR H 1 -16.17 22.95 3.85
C THR H 1 -16.16 24.49 3.67
N PRO H 2 -17.12 25.19 4.29
CA PRO H 2 -17.34 26.65 4.28
C PRO H 2 -16.72 27.47 5.41
N GLY H 3 -16.04 28.56 5.05
CA GLY H 3 -15.39 29.40 6.04
C GLY H 3 -13.92 29.21 5.78
N ILE H 4 -13.51 27.94 5.87
CA ILE H 4 -12.14 27.50 5.62
C ILE H 4 -11.17 28.44 4.98
N VAL H 5 -10.01 28.49 5.57
CA VAL H 5 -9.02 29.34 5.05
C VAL H 5 -8.36 28.56 3.97
N ILE H 6 -8.36 29.14 2.77
CA ILE H 6 -7.76 28.46 1.64
C ILE H 6 -6.29 28.80 1.34
N PRO H 7 -5.41 27.79 1.49
CA PRO H 7 -3.98 27.86 1.25
C PRO H 7 -3.79 28.53 -0.07
N PRO H 8 -3.01 29.62 -0.11
CA PRO H 8 -2.81 30.27 -1.40
C PRO H 8 -2.10 29.30 -2.34
N GLN H 9 -2.40 29.41 -3.63
CA GLN H 9 -1.85 28.57 -4.67
C GLN H 9 -0.41 28.18 -4.46
N GLU H 10 0.42 29.17 -4.20
CA GLU H 10 1.86 28.99 -3.99
C GLU H 10 2.35 28.13 -2.79
N GLN H 11 1.47 27.85 -1.84
CA GLN H 11 1.86 27.05 -0.70
C GLN H 11 2.14 25.62 -1.12
N ILE H 12 1.81 25.29 -2.35
CA ILE H 12 2.01 23.94 -2.81
C ILE H 12 3.42 23.55 -3.26
N THR H 13 3.82 22.37 -2.79
CA THR H 13 5.11 21.76 -3.09
C THR H 13 5.12 21.42 -4.57
N GLN H 14 6.28 21.51 -5.22
CA GLN H 14 6.33 21.18 -6.64
C GLN H 14 6.05 19.68 -6.83
N HIS H 15 6.85 18.83 -6.22
CA HIS H 15 6.65 17.40 -6.32
C HIS H 15 5.94 16.95 -5.07
N GLY H 16 4.92 16.12 -5.24
CA GLY H 16 4.18 15.61 -4.10
C GLY H 16 5.07 14.69 -3.32
N SER H 17 4.58 14.18 -2.20
CA SER H 17 5.39 13.30 -1.39
C SER H 17 4.79 11.92 -1.20
N PRO H 18 5.66 10.90 -1.12
CA PRO H 18 5.47 9.45 -0.95
C PRO H 18 5.01 8.94 0.40
N TYR H 19 4.55 7.69 0.40
CA TYR H 19 4.01 7.00 1.60
C TYR H 19 3.20 7.89 2.53
N GLY H 20 2.52 8.89 1.96
CA GLY H 20 1.74 9.78 2.80
C GLY H 20 2.57 10.57 3.80
N ARG H 21 3.88 10.49 3.67
CA ARG H 21 4.76 11.21 4.56
C ARG H 21 5.08 12.56 3.91
N CYS H 22 4.17 13.49 4.12
CA CYS H 22 4.36 14.83 3.61
C CYS H 22 5.60 15.37 4.34
N ALA H 23 6.57 15.84 3.58
CA ALA H 23 7.82 16.36 4.10
C ALA H 23 7.71 17.23 5.35
N ASN H 24 8.87 17.56 5.92
CA ASN H 24 8.92 18.40 7.12
C ASN H 24 8.55 19.86 6.84
N LYS H 25 7.84 20.47 7.78
CA LYS H 25 7.43 21.85 7.60
C LYS H 25 6.32 21.99 6.56
N THR H 26 5.86 20.85 6.04
CA THR H 26 4.78 20.81 5.03
C THR H 26 3.70 19.85 5.52
N ARG H 27 2.54 19.89 4.87
CA ARG H 27 1.44 19.03 5.28
C ARG H 27 0.49 18.63 4.15
N ALA H 28 -0.29 17.62 4.46
CA ALA H 28 -1.25 17.08 3.53
C ALA H 28 -2.22 18.18 3.15
N LEU H 29 -2.58 18.25 1.87
CA LEU H 29 -3.56 19.22 1.40
C LEU H 29 -4.92 18.55 1.56
N THR H 30 -5.95 19.31 1.89
CA THR H 30 -7.22 18.65 2.08
C THR H 30 -8.12 18.75 0.88
N VAL H 31 -9.14 17.90 0.92
CA VAL H 31 -10.15 17.82 -0.11
C VAL H 31 -10.80 19.18 -0.04
N ALA H 32 -11.49 19.41 1.07
CA ALA H 32 -12.21 20.65 1.32
C ALA H 32 -11.39 21.88 0.91
N GLU H 33 -10.08 21.77 1.07
CA GLU H 33 -9.22 22.86 0.72
C GLU H 33 -8.96 22.96 -0.77
N LEU H 34 -8.74 21.83 -1.44
CA LEU H 34 -8.47 21.87 -2.91
C LEU H 34 -9.74 22.29 -3.65
N ARG H 35 -10.86 21.69 -3.25
CA ARG H 35 -12.16 21.98 -3.84
C ARG H 35 -12.28 23.49 -3.83
N GLY H 36 -12.12 24.08 -2.65
CA GLY H 36 -12.24 25.52 -2.54
C GLY H 36 -11.25 26.33 -3.37
N SER H 37 -10.07 25.79 -3.70
CA SER H 37 -9.14 26.61 -4.45
C SER H 37 -9.23 26.42 -5.92
N GLY H 38 -9.72 27.46 -6.60
CA GLY H 38 -9.83 27.35 -8.04
C GLY H 38 -8.42 27.27 -8.55
N ASP H 39 -7.62 28.26 -8.18
CA ASP H 39 -6.24 28.37 -8.60
C ASP H 39 -5.51 27.06 -8.54
N LEU H 40 -5.79 26.30 -7.48
CA LEU H 40 -5.16 25.03 -7.25
C LEU H 40 -5.63 23.94 -8.22
N GLN H 41 -6.94 23.78 -8.33
CA GLN H 41 -7.46 22.77 -9.21
C GLN H 41 -6.91 23.02 -10.60
N GLU H 42 -6.83 24.28 -10.98
CA GLU H 42 -6.32 24.61 -12.30
C GLU H 42 -4.88 24.15 -12.43
N TYR H 43 -4.06 24.51 -11.44
CA TYR H 43 -2.64 24.14 -11.43
C TYR H 43 -2.47 22.64 -11.62
N LEU H 44 -3.19 21.87 -10.81
CA LEU H 44 -3.13 20.44 -10.89
C LEU H 44 -3.53 19.95 -12.27
N ARG H 45 -4.78 20.17 -12.69
CA ARG H 45 -5.22 19.67 -13.98
C ARG H 45 -4.31 20.12 -15.11
N HIS H 46 -3.79 21.33 -14.98
CA HIS H 46 -2.90 21.89 -15.98
C HIS H 46 -1.53 21.19 -15.92
N VAL H 47 -1.39 20.15 -15.08
CA VAL H 47 -0.12 19.44 -14.94
C VAL H 47 -0.22 17.93 -14.68
N THR H 48 -1.42 17.45 -14.37
CA THR H 48 -1.60 16.03 -14.10
C THR H 48 -1.76 15.26 -15.44
N ARG H 49 -0.88 14.29 -15.65
CA ARG H 49 -0.94 13.50 -16.87
C ARG H 49 -1.56 12.14 -16.57
N GLY H 50 -1.61 11.28 -17.58
CA GLY H 50 -2.13 9.93 -17.45
C GLY H 50 -3.33 9.64 -16.60
N TRP H 51 -3.52 8.36 -16.32
CA TRP H 51 -4.62 7.89 -15.51
C TRP H 51 -4.20 7.91 -14.07
N SER H 52 -3.62 9.04 -13.65
CA SER H 52 -3.09 9.23 -12.30
C SER H 52 -4.10 9.65 -11.22
N ILE H 53 -3.90 9.13 -10.02
CA ILE H 53 -4.72 9.52 -8.88
C ILE H 53 -3.78 9.96 -7.75
N PHE H 54 -4.22 10.90 -6.92
CA PHE H 54 -3.34 11.33 -5.86
C PHE H 54 -3.97 11.30 -4.48
N ALA H 55 -3.08 11.33 -3.50
CA ALA H 55 -3.46 11.32 -2.10
C ALA H 55 -3.68 12.70 -1.56
N LEU H 56 -4.74 12.82 -0.78
CA LEU H 56 -5.09 14.07 -0.08
C LEU H 56 -5.30 13.63 1.37
N TYR H 57 -5.11 14.54 2.32
CA TYR H 57 -5.27 14.11 3.71
C TYR H 57 -6.57 13.32 3.90
N ASP H 58 -7.66 13.88 3.37
CA ASP H 58 -8.98 13.25 3.49
C ASP H 58 -9.61 12.65 2.20
N GLY H 59 -8.82 12.52 1.14
CA GLY H 59 -9.38 11.98 -0.09
C GLY H 59 -8.41 11.72 -1.23
N THR H 60 -8.97 11.64 -2.44
CA THR H 60 -8.21 11.34 -3.66
C THR H 60 -8.40 12.28 -4.85
N TYR H 61 -7.38 12.37 -5.68
CA TYR H 61 -7.47 13.26 -6.82
C TYR H 61 -7.11 12.57 -8.10
N LEU H 62 -8.13 12.18 -8.85
CA LEU H 62 -7.98 11.50 -10.14
C LEU H 62 -7.75 12.62 -11.12
N GLY H 63 -6.55 12.67 -11.67
CA GLY H 63 -6.20 13.72 -12.62
C GLY H 63 -5.91 13.15 -13.99
N GLY H 64 -5.23 13.93 -14.82
CA GLY H 64 -4.90 13.48 -16.16
C GLY H 64 -6.14 13.04 -16.90
N GLU H 65 -6.03 11.88 -17.54
CA GLU H 65 -7.14 11.34 -18.30
C GLU H 65 -8.40 11.24 -17.47
N TYR H 66 -8.29 11.13 -16.14
CA TYR H 66 -9.50 11.04 -15.33
C TYR H 66 -10.23 12.38 -15.28
N GLY H 67 -9.58 13.43 -15.77
CA GLY H 67 -10.22 14.73 -15.78
C GLY H 67 -9.63 15.71 -14.79
N GLY H 68 -10.10 15.60 -13.55
CA GLY H 68 -9.61 16.45 -12.48
C GLY H 68 -10.57 16.26 -11.34
N VAL H 69 -10.95 15.02 -11.12
CA VAL H 69 -11.92 14.70 -10.10
C VAL H 69 -11.43 14.63 -8.63
N ILE H 70 -12.24 15.21 -7.76
CA ILE H 70 -11.93 15.22 -6.37
C ILE H 70 -12.84 14.23 -5.65
N LYS H 71 -12.38 13.01 -5.54
CA LYS H 71 -13.18 12.02 -4.84
C LYS H 71 -12.97 12.15 -3.34
N ASP H 72 -14.07 12.17 -2.60
CA ASP H 72 -14.02 12.25 -1.15
C ASP H 72 -13.21 11.07 -0.61
N GLY H 73 -13.15 10.99 0.71
CA GLY H 73 -12.40 9.90 1.30
C GLY H 73 -12.37 9.86 2.82
N THR H 74 -11.31 9.24 3.33
CA THR H 74 -11.06 9.05 4.75
C THR H 74 -9.65 9.57 5.04
N PRO H 75 -9.45 10.15 6.23
CA PRO H 75 -8.16 10.69 6.67
C PRO H 75 -7.09 9.59 6.62
N GLY H 76 -6.02 9.88 5.89
CA GLY H 76 -4.90 8.95 5.77
C GLY H 76 -5.15 7.72 4.93
N GLY H 77 -6.40 7.54 4.49
CA GLY H 77 -6.77 6.40 3.67
C GLY H 77 -6.06 6.42 2.32
N ALA H 78 -5.92 7.62 1.76
CA ALA H 78 -5.26 7.78 0.47
C ALA H 78 -3.77 7.65 0.52
N PHE H 79 -3.21 7.50 1.72
CA PHE H 79 -1.76 7.40 1.87
C PHE H 79 -1.23 6.13 1.26
N ASP H 80 -2.18 5.33 0.78
CA ASP H 80 -2.03 4.03 0.09
C ASP H 80 -1.23 4.17 -1.16
N LEU H 81 -1.48 5.29 -1.83
CA LEU H 81 -0.91 5.66 -3.10
C LEU H 81 0.54 6.04 -3.13
N LYS H 82 0.99 6.43 -4.31
CA LYS H 82 2.37 6.82 -4.52
C LYS H 82 2.65 8.30 -4.27
N THR H 83 1.65 9.16 -4.39
CA THR H 83 1.89 10.60 -4.19
C THR H 83 0.74 11.35 -3.49
N THR H 84 1.12 12.01 -2.40
CA THR H 84 0.21 12.79 -1.61
C THR H 84 0.60 14.23 -1.95
N PHE H 85 -0.39 15.09 -2.11
CA PHE H 85 -0.13 16.49 -2.41
C PHE H 85 0.17 17.22 -1.08
N CYS H 86 1.27 17.97 -1.04
CA CYS H 86 1.63 18.66 0.20
C CYS H 86 1.61 20.17 0.07
N ILE H 87 1.08 20.80 1.09
CA ILE H 87 1.03 22.23 1.11
C ILE H 87 2.09 22.68 2.12
N MET H 88 2.66 23.86 1.93
CA MET H 88 3.63 24.34 2.89
C MET H 88 2.80 25.14 3.89
N THR H 89 3.26 25.19 5.13
CA THR H 89 2.51 25.87 6.17
C THR H 89 2.88 27.29 6.47
N THR H 90 4.09 27.69 6.08
CA THR H 90 4.60 29.01 6.39
C THR H 90 4.48 30.04 5.29
N ARG H 91 3.69 31.09 5.53
CA ARG H 91 3.57 32.14 4.53
C ARG H 91 4.03 33.47 5.11
N ASN H 92 5.04 34.05 4.46
CA ASN H 92 5.60 35.33 4.86
C ASN H 92 4.71 36.44 4.44
N THR H 93 3.62 36.58 5.16
CA THR H 93 2.61 37.57 4.89
C THR H 93 3.07 38.92 4.35
N GLY H 94 4.26 39.36 4.75
CA GLY H 94 4.79 40.63 4.28
C GLY H 94 3.92 41.81 4.68
N GLN H 95 3.47 41.79 5.92
CA GLN H 95 2.62 42.84 6.44
C GLN H 95 3.39 43.65 7.50
N PRO H 96 2.69 44.54 8.23
CA PRO H 96 3.44 45.27 9.23
C PRO H 96 3.44 44.50 10.55
N ALA H 97 4.54 44.64 11.28
CA ALA H 97 4.64 44.01 12.59
C ALA H 97 3.79 44.91 13.48
N THR H 98 2.51 44.62 13.60
CA THR H 98 1.65 45.46 14.43
C THR H 98 1.01 44.57 15.48
N ASP H 99 0.89 45.06 16.70
CA ASP H 99 0.32 44.25 17.77
C ASP H 99 -1.17 44.02 17.69
N HIS H 100 -1.59 43.00 16.95
CA HIS H 100 -3.00 42.74 16.90
C HIS H 100 -3.17 41.93 18.16
N TYR H 101 -4.16 42.28 18.96
CA TYR H 101 -4.36 41.49 20.16
C TYR H 101 -5.79 41.01 20.22
N TYR H 102 -6.00 39.89 20.89
CA TYR H 102 -7.32 39.32 21.00
C TYR H 102 -7.50 39.05 22.46
N SER H 103 -8.46 39.75 23.04
CA SER H 103 -8.71 39.60 24.46
C SER H 103 -9.67 38.47 24.84
N ASN H 104 -9.71 38.16 26.11
CA ASN H 104 -10.62 37.13 26.64
C ASN H 104 -10.54 35.73 26.00
N VAL H 105 -9.50 35.48 25.22
CA VAL H 105 -9.35 34.20 24.59
C VAL H 105 -8.90 33.12 25.55
N THR H 106 -9.00 31.89 25.10
CA THR H 106 -8.61 30.74 25.89
C THR H 106 -7.85 29.86 24.88
N ALA H 107 -6.67 29.36 25.26
CA ALA H 107 -5.87 28.52 24.35
C ALA H 107 -6.35 27.06 24.29
N THR H 108 -6.48 26.50 23.05
CA THR H 108 -6.93 25.11 22.83
C THR H 108 -6.36 24.46 21.59
N ARG H 109 -6.69 23.16 21.44
CA ARG H 109 -6.27 22.29 20.32
C ARG H 109 -4.85 22.60 19.97
N LEU H 110 -3.91 21.95 20.64
CA LEU H 110 -2.50 22.20 20.40
C LEU H 110 -2.05 21.34 19.23
N LEU H 111 -1.13 21.86 18.44
CA LEU H 111 -0.58 21.16 17.30
C LEU H 111 0.90 21.18 17.36
N SER H 112 1.52 20.07 17.03
CA SER H 112 2.96 20.04 17.05
C SER H 112 3.43 19.15 15.91
N SER H 113 4.64 19.42 15.45
CA SER H 113 5.17 18.67 14.35
C SER H 113 6.67 18.66 14.44
N THR H 114 7.26 17.59 13.94
CA THR H 114 8.69 17.47 13.94
C THR H 114 9.24 18.70 13.28
N ASN H 115 10.33 19.21 13.83
CA ASN H 115 10.97 20.41 13.29
C ASN H 115 10.19 21.68 12.93
N SER H 116 8.93 21.78 13.34
CA SER H 116 8.22 23.01 13.04
C SER H 116 7.62 23.63 14.29
N ARG H 117 6.52 24.36 14.13
CA ARG H 117 5.90 25.04 15.23
C ARG H 117 4.94 24.30 16.17
N LEU H 118 4.64 25.03 17.25
CA LEU H 118 3.71 24.67 18.32
C LEU H 118 2.63 25.73 18.18
N CYS H 119 1.38 25.31 17.96
CA CYS H 119 0.26 26.26 17.80
C CYS H 119 -0.89 25.92 18.70
N ALA H 120 -1.80 26.88 18.82
CA ALA H 120 -3.00 26.74 19.60
C ALA H 120 -4.08 27.59 19.00
N VAL H 121 -5.27 27.04 19.16
CA VAL H 121 -6.48 27.65 18.66
C VAL H 121 -7.11 28.28 19.86
N PHE H 122 -7.03 29.61 19.88
CA PHE H 122 -7.59 30.45 20.95
C PHE H 122 -9.07 30.70 20.68
N VAL H 123 -9.89 30.18 21.57
CA VAL H 123 -11.33 30.32 21.45
C VAL H 123 -11.83 31.47 22.28
N ARG H 124 -13.15 31.63 22.27
CA ARG H 124 -13.89 32.63 23.03
C ARG H 124 -15.34 32.25 22.81
N SER H 125 -15.99 31.82 23.89
CA SER H 125 -17.38 31.39 23.81
C SER H 125 -17.42 30.13 22.94
N GLY H 126 -16.35 29.33 22.98
CA GLY H 126 -16.29 28.11 22.19
C GLY H 126 -15.85 28.33 20.76
N GLN H 127 -16.28 29.44 20.18
CA GLN H 127 -15.91 29.74 18.83
C GLN H 127 -14.49 30.21 18.81
N PRO H 128 -13.75 29.82 17.77
CA PRO H 128 -12.36 30.17 17.50
C PRO H 128 -12.21 31.69 17.41
N VAL H 129 -10.98 32.17 17.34
CA VAL H 129 -10.79 33.58 17.22
C VAL H 129 -9.49 33.80 16.50
N ILE H 130 -8.49 33.02 16.87
CA ILE H 130 -7.22 33.14 16.22
C ILE H 130 -6.39 31.94 16.65
N GLY H 131 -5.33 31.69 15.88
CA GLY H 131 -4.44 30.61 16.17
C GLY H 131 -3.08 31.26 16.21
N ALA H 132 -2.21 30.72 17.04
CA ALA H 132 -0.85 31.24 17.16
C ALA H 132 0.13 30.11 17.32
N CYS H 133 1.36 30.36 16.90
CA CYS H 133 2.37 29.33 16.98
C CYS H 133 3.70 29.90 17.45
N THR H 134 4.57 29.02 17.96
CA THR H 134 5.92 29.35 18.42
C THR H 134 6.87 28.23 17.99
N SER H 135 7.99 28.63 17.43
CA SER H 135 8.96 27.65 17.02
C SER H 135 10.30 28.20 17.28
N PRO H 136 11.20 27.33 17.69
CA PRO H 136 12.58 27.66 17.99
C PRO H 136 13.41 27.52 16.73
N TYR H 137 12.89 26.83 15.72
CA TYR H 137 13.68 26.65 14.50
C TYR H 137 13.42 27.69 13.44
N ASP H 138 12.16 27.91 13.12
CA ASP H 138 11.86 28.86 12.10
C ASP H 138 11.06 30.01 12.67
N GLY H 139 11.21 31.19 12.09
CA GLY H 139 10.44 32.34 12.56
C GLY H 139 11.28 33.58 12.72
N LYS H 140 10.63 34.69 13.06
CA LYS H 140 11.33 35.95 13.29
C LYS H 140 11.50 36.01 14.81
N TYR H 141 10.56 35.38 15.50
CA TYR H 141 10.57 35.34 16.95
C TYR H 141 10.94 33.96 17.45
N TRP H 142 12.13 33.49 17.08
CA TRP H 142 12.60 32.17 17.53
C TRP H 142 12.98 32.34 18.99
N SER H 143 13.57 33.49 19.27
CA SER H 143 14.01 33.85 20.63
C SER H 143 12.88 33.57 21.58
N MET H 144 11.84 34.36 21.42
CA MET H 144 10.66 34.27 22.22
C MET H 144 10.10 32.89 22.53
N TYR H 145 10.54 31.86 21.80
CA TYR H 145 9.99 30.52 22.00
C TYR H 145 10.09 30.02 23.44
N SER H 146 11.31 30.01 23.92
CA SER H 146 11.64 29.56 25.25
C SER H 146 10.71 30.07 26.35
N ARG H 147 10.36 31.34 26.28
CA ARG H 147 9.50 31.95 27.30
C ARG H 147 8.04 31.69 27.01
N LEU H 148 7.73 31.80 25.73
CA LEU H 148 6.38 31.61 25.26
C LEU H 148 5.84 30.23 25.57
N ARG H 149 6.69 29.23 25.42
CA ARG H 149 6.27 27.86 25.70
C ARG H 149 5.79 27.74 27.12
N LYS H 150 6.50 28.46 27.99
CA LYS H 150 6.25 28.50 29.44
C LYS H 150 4.87 29.04 29.78
N MET H 151 4.59 30.19 29.23
CA MET H 151 3.30 30.79 29.47
C MET H 151 2.16 29.93 28.89
N LEU H 152 2.35 29.49 27.62
CA LEU H 152 1.35 28.71 26.90
C LEU H 152 0.92 27.49 27.66
N TYR H 153 1.92 26.78 28.17
CA TYR H 153 1.66 25.59 28.94
C TYR H 153 0.77 25.91 30.17
N LEU H 154 1.11 26.96 30.92
CA LEU H 154 0.32 27.31 32.10
C LEU H 154 -1.15 27.58 31.78
N ILE H 155 -1.40 28.55 30.89
CA ILE H 155 -2.77 28.93 30.48
C ILE H 155 -3.57 27.79 29.93
N TYR H 156 -2.88 26.86 29.29
CA TYR H 156 -3.50 25.72 28.70
C TYR H 156 -4.08 24.76 29.70
N VAL H 157 -3.22 24.19 30.51
CA VAL H 157 -3.68 23.23 31.49
C VAL H 157 -4.54 23.84 32.58
N ALA H 158 -4.16 25.05 32.97
CA ALA H 158 -4.86 25.79 34.01
C ALA H 158 -6.23 26.30 33.54
N GLY H 159 -6.41 26.36 32.22
CA GLY H 159 -7.65 26.86 31.66
C GLY H 159 -7.68 28.35 31.94
N ILE H 160 -6.52 28.97 31.87
CA ILE H 160 -6.43 30.37 32.15
C ILE H 160 -6.83 31.20 30.96
N SER H 161 -7.82 32.06 31.21
CA SER H 161 -8.34 33.00 30.22
C SER H 161 -7.23 34.03 30.05
N VAL H 162 -7.03 34.52 28.84
CA VAL H 162 -5.92 35.42 28.61
C VAL H 162 -6.21 36.43 27.50
N ARG H 163 -5.16 37.13 27.06
CA ARG H 163 -5.18 38.14 26.00
C ARG H 163 -3.96 37.85 25.10
N VAL H 164 -4.17 37.16 23.99
CA VAL H 164 -3.04 36.84 23.15
C VAL H 164 -2.65 37.89 22.13
N HIS H 165 -1.37 37.99 21.86
CA HIS H 165 -0.85 38.97 20.95
C HIS H 165 -0.11 38.29 19.86
N VAL H 166 -0.31 38.76 18.65
CA VAL H 166 0.30 38.15 17.48
C VAL H 166 0.88 39.17 16.51
N SER H 167 1.67 38.67 15.56
CA SER H 167 2.26 39.50 14.53
C SER H 167 1.77 38.89 13.22
N LYS H 168 1.06 39.65 12.41
CA LYS H 168 0.57 39.08 11.18
C LYS H 168 1.59 38.91 10.08
N GLU H 169 2.84 39.25 10.34
CA GLU H 169 3.89 39.10 9.34
C GLU H 169 4.09 37.64 8.89
N GLU H 170 3.43 36.73 9.60
CA GLU H 170 3.51 35.30 9.27
C GLU H 170 2.13 34.57 9.37
N GLN H 171 1.86 33.84 8.31
CA GLN H 171 0.64 33.09 8.16
C GLN H 171 1.02 31.62 8.24
N TYR H 172 0.22 30.87 8.98
CA TYR H 172 0.43 29.46 9.16
C TYR H 172 -0.74 28.58 8.73
N TYR H 173 -0.48 27.71 7.77
CA TYR H 173 -1.50 26.81 7.27
C TYR H 173 -1.39 25.48 8.00
N ASP H 174 -0.78 25.47 9.18
CA ASP H 174 -0.63 24.22 9.91
C ASP H 174 -1.92 23.53 10.19
N TYR H 175 -3.00 24.29 10.40
CA TYR H 175 -4.29 23.63 10.68
C TYR H 175 -5.13 23.19 9.48
N GLU H 176 -5.62 21.96 9.58
CA GLU H 176 -6.46 21.36 8.58
C GLU H 176 -7.83 22.05 8.54
N ASP H 177 -8.15 22.71 7.43
CA ASP H 177 -9.46 23.33 7.27
C ASP H 177 -9.73 24.34 8.40
N ALA H 178 -8.80 25.28 8.43
CA ALA H 178 -8.82 26.32 9.42
C ALA H 178 -10.02 27.24 9.23
N THR H 179 -10.96 27.13 10.13
CA THR H 179 -12.12 27.98 10.07
C THR H 179 -11.69 29.35 10.61
N PHE H 180 -10.39 29.55 10.79
CA PHE H 180 -9.85 30.77 11.39
C PHE H 180 -8.43 30.96 10.92
N GLU H 181 -7.86 32.15 11.09
CA GLU H 181 -6.46 32.33 10.68
C GLU H 181 -5.50 31.78 11.74
N THR H 182 -4.21 31.79 11.43
CA THR H 182 -3.19 31.30 12.35
C THR H 182 -1.90 32.15 12.16
N TYR H 183 -1.56 32.96 13.15
CA TYR H 183 -0.36 33.79 13.03
C TYR H 183 0.65 33.55 14.14
N ALA H 184 1.75 34.28 14.04
CA ALA H 184 2.87 34.21 14.96
C ALA H 184 2.56 34.76 16.36
N LEU H 185 2.67 33.91 17.39
CA LEU H 185 2.42 34.31 18.77
C LEU H 185 3.47 35.31 19.13
N THR H 186 3.06 36.30 19.90
CA THR H 186 3.97 37.34 20.24
C THR H 186 3.94 37.72 21.70
N GLY H 187 2.80 37.49 22.33
CA GLY H 187 2.71 37.80 23.74
C GLY H 187 1.45 37.24 24.30
N ILE H 188 1.47 36.87 25.57
CA ILE H 188 0.29 36.30 26.23
C ILE H 188 0.17 37.04 27.57
N SER H 189 -1.02 37.54 27.86
CA SER H 189 -1.22 38.28 29.08
C SER H 189 -2.27 37.77 30.01
N ILE H 190 -1.87 37.23 31.17
CA ILE H 190 -2.82 36.77 32.19
C ILE H 190 -3.17 38.16 32.69
N CYS H 191 -4.38 38.59 32.35
CA CYS H 191 -4.83 39.93 32.60
C CYS H 191 -5.97 40.29 33.51
N ASN H 192 -5.91 41.56 33.91
CA ASN H 192 -6.94 42.16 34.73
C ASN H 192 -7.66 42.96 33.66
N PRO H 193 -9.00 42.86 33.64
CA PRO H 193 -9.79 43.59 32.66
C PRO H 193 -9.40 45.06 32.64
N GLY H 194 -8.90 45.51 31.50
CA GLY H 194 -8.51 46.91 31.37
C GLY H 194 -7.15 47.26 31.92
N SER H 195 -6.48 46.28 32.52
CA SER H 195 -5.17 46.53 33.08
C SER H 195 -4.20 47.00 31.99
N SER H 196 -3.26 47.82 32.41
CA SER H 196 -2.25 48.35 31.53
C SER H 196 -1.26 47.23 31.13
N LEU H 197 -1.48 46.04 31.66
CA LEU H 197 -0.62 44.89 31.38
C LEU H 197 -0.97 44.03 30.16
N CYS H 198 -2.25 44.02 29.80
CA CYS H 198 -2.71 43.25 28.67
C CYS H 198 -1.95 43.66 27.42
N GLY I 1 23.44 -5.19 54.28
CA GLY I 1 24.89 -4.99 54.23
C GLY I 1 25.23 -3.83 53.32
N ILE I 2 25.92 -2.85 53.87
CA ILE I 2 26.25 -1.68 53.07
C ILE I 2 27.31 -1.87 52.00
N VAL I 3 27.36 -0.85 51.14
CA VAL I 3 28.27 -0.77 50.02
C VAL I 3 29.56 -0.07 50.43
N ILE I 4 30.68 -0.67 50.06
CA ILE I 4 31.96 -0.13 50.42
C ILE I 4 32.81 0.44 49.31
N PRO I 5 32.99 1.77 49.31
CA PRO I 5 33.79 2.49 48.34
C PRO I 5 35.16 1.84 48.24
N PRO I 6 35.51 1.36 47.04
CA PRO I 6 36.82 0.73 46.88
C PRO I 6 37.96 1.72 47.03
N LYS I 7 39.03 1.22 47.65
CA LYS I 7 40.24 1.97 47.95
C LYS I 7 40.50 3.10 46.98
N ALA I 8 40.72 2.74 45.72
CA ALA I 8 41.05 3.69 44.69
C ALA I 8 40.37 5.07 44.74
N LEU I 9 39.14 5.11 45.24
CA LEU I 9 38.38 6.36 45.34
C LEU I 9 38.93 7.35 46.36
N PHE I 10 39.91 6.91 47.13
CA PHE I 10 40.51 7.73 48.16
C PHE I 10 41.21 8.96 47.62
N THR I 11 40.67 10.12 47.93
CA THR I 11 41.26 11.35 47.47
C THR I 11 42.58 11.50 48.19
N GLN I 12 43.65 11.56 47.43
CA GLN I 12 44.99 11.73 48.01
C GLN I 12 45.06 13.13 48.66
N GLN I 13 44.29 14.05 48.10
CA GLN I 13 44.20 15.43 48.57
C GLN I 13 42.95 15.50 49.45
N GLY I 14 43.15 15.28 50.74
CA GLY I 14 42.04 15.32 51.67
C GLY I 14 41.35 16.66 51.73
N GLY I 15 40.07 16.61 52.03
CA GLY I 15 39.30 17.82 52.15
C GLY I 15 39.73 18.49 53.45
N ALA I 16 39.56 19.81 53.50
CA ALA I 16 39.93 20.56 54.67
C ALA I 16 38.68 20.95 55.43
N TYR I 17 38.70 20.70 56.73
CA TYR I 17 37.61 21.04 57.62
C TYR I 17 36.25 20.59 57.17
N GLY I 18 36.21 19.36 56.70
CA GLY I 18 34.95 18.78 56.24
C GLY I 18 34.44 19.32 54.92
N ARG I 19 35.23 20.15 54.26
CA ARG I 19 34.84 20.68 52.98
C ARG I 19 35.51 19.81 51.93
N CYS I 20 34.97 18.62 51.74
CA CYS I 20 35.47 17.69 50.75
C CYS I 20 35.38 18.45 49.45
N PRO I 21 36.41 18.40 48.61
CA PRO I 21 36.38 19.13 47.34
C PRO I 21 35.19 18.71 46.48
N ASN I 22 34.98 19.42 45.39
CA ASN I 22 33.85 19.09 44.54
C ASN I 22 33.90 17.71 43.88
N GLY I 23 32.76 17.00 43.93
CA GLY I 23 32.65 15.68 43.33
C GLY I 23 33.05 14.55 44.26
N THR I 24 33.54 14.92 45.44
CA THR I 24 33.96 13.98 46.46
C THR I 24 33.14 14.15 47.69
N ARG I 25 33.07 13.07 48.46
CA ARG I 25 32.28 13.06 49.66
C ARG I 25 32.96 12.46 50.89
N ALA I 26 32.67 13.08 52.03
CA ALA I 26 33.22 12.69 53.31
C ALA I 26 33.05 11.20 53.54
N LEU I 27 34.14 10.45 53.61
CA LEU I 27 34.08 9.02 53.84
C LEU I 27 33.42 8.74 55.19
N THR I 28 32.62 7.69 55.30
CA THR I 28 32.02 7.40 56.59
C THR I 28 32.83 6.30 57.20
N VAL I 29 32.71 6.19 58.53
CA VAL I 29 33.40 5.16 59.31
C VAL I 29 32.91 3.78 58.92
N ALA I 30 31.60 3.57 58.94
CA ALA I 30 31.06 2.28 58.59
C ALA I 30 31.71 1.79 57.29
N GLU I 31 32.05 2.76 56.42
CA GLU I 31 32.69 2.47 55.16
C GLU I 31 34.16 2.13 55.34
N LEU I 32 34.91 3.00 56.03
CA LEU I 32 36.34 2.78 56.30
C LEU I 32 36.51 1.52 57.13
N ARG I 33 35.65 1.40 58.13
CA ARG I 33 35.61 0.26 59.00
C ARG I 33 35.49 -0.97 58.14
N GLY I 34 34.73 -0.88 57.05
CA GLY I 34 34.54 -2.01 56.15
C GLY I 34 35.61 -2.30 55.10
N ASN I 35 36.22 -1.26 54.53
CA ASN I 35 37.24 -1.42 53.48
C ASN I 35 38.63 -1.70 54.02
N ALA I 36 38.91 -2.98 54.24
CA ALA I 36 40.19 -3.47 54.77
C ALA I 36 41.43 -2.82 54.17
N GLU I 37 41.62 -3.01 52.87
CA GLU I 37 42.76 -2.44 52.16
C GLU I 37 42.89 -0.93 52.41
N LEU I 38 41.77 -0.22 52.50
CA LEU I 38 41.80 1.23 52.73
C LEU I 38 42.48 1.47 54.05
N GLN I 39 41.98 0.81 55.08
CA GLN I 39 42.52 0.92 56.42
C GLN I 39 44.03 0.68 56.35
N THR I 40 44.38 -0.45 55.75
CA THR I 40 45.75 -0.87 55.57
C THR I 40 46.54 0.20 54.83
N TYR I 41 45.95 0.73 53.77
CA TYR I 41 46.62 1.76 52.99
C TYR I 41 46.95 2.87 53.98
N LEU I 42 45.99 3.15 54.86
CA LEU I 42 46.10 4.18 55.89
C LEU I 42 47.24 4.01 56.90
N ARG I 43 47.35 2.82 57.48
CA ARG I 43 48.41 2.57 58.45
C ARG I 43 49.74 3.02 57.90
N GLN I 44 49.92 2.84 56.60
CA GLN I 44 51.17 3.21 55.95
C GLN I 44 51.31 4.65 55.48
N ILE I 45 50.25 5.45 55.57
CA ILE I 45 50.30 6.83 55.11
C ILE I 45 50.07 7.87 56.21
N THR I 46 49.47 7.43 57.30
CA THR I 46 49.19 8.31 58.44
C THR I 46 50.46 8.56 59.25
N PRO I 47 51.07 9.77 59.16
CA PRO I 47 52.29 9.98 59.97
C PRO I 47 51.83 9.91 61.41
N GLY I 48 52.78 9.78 62.32
CA GLY I 48 52.43 9.67 63.74
C GLY I 48 51.65 10.81 64.39
N TRP I 49 50.74 10.44 65.31
CA TRP I 49 49.92 11.36 66.09
C TRP I 49 48.95 12.30 65.37
N SER I 50 48.54 11.94 64.15
CA SER I 50 47.63 12.79 63.39
C SER I 50 46.15 12.39 63.52
N ILE I 51 45.31 13.38 63.71
CA ILE I 51 43.88 13.11 63.85
C ILE I 51 43.19 13.44 62.51
N TYR I 52 42.18 12.65 62.19
CA TYR I 52 41.48 12.82 60.94
C TYR I 52 39.99 12.86 61.06
N GLY I 53 39.41 13.77 60.27
CA GLY I 53 37.96 13.96 60.20
C GLY I 53 37.22 13.10 59.16
N LEU I 54 36.07 12.60 59.58
CA LEU I 54 35.20 11.78 58.77
C LEU I 54 33.78 12.33 58.93
N TYR I 55 32.82 11.93 58.10
CA TYR I 55 31.44 12.44 58.25
C TYR I 55 30.97 12.07 59.66
N ASP I 56 31.20 10.82 60.04
CA ASP I 56 30.87 10.38 61.38
C ASP I 56 32.03 10.68 62.31
N GLY I 57 32.73 9.62 62.71
CA GLY I 57 33.84 9.74 63.62
C GLY I 57 35.11 10.38 63.13
N THR I 58 36.16 10.06 63.89
CA THR I 58 37.50 10.56 63.66
C THR I 58 38.43 9.37 63.49
N TYR I 59 39.60 9.65 62.92
CA TYR I 59 40.59 8.62 62.72
C TYR I 59 41.91 9.17 63.23
N LEU I 60 42.43 8.47 64.23
CA LEU I 60 43.66 8.84 64.89
C LEU I 60 44.86 8.13 64.29
N GLY I 61 45.93 8.91 64.16
CA GLY I 61 47.16 8.44 63.58
C GLY I 61 47.65 7.19 64.26
N GLN I 62 48.31 6.33 63.50
CA GLN I 62 48.84 5.09 64.02
C GLN I 62 49.62 5.26 65.34
N ALA I 63 50.10 6.47 65.64
CA ALA I 63 50.83 6.72 66.89
C ALA I 63 49.89 6.52 68.05
N TYR I 64 48.61 6.77 67.81
CA TYR I 64 47.55 6.57 68.79
C TYR I 64 46.99 5.16 68.62
N GLY I 65 47.70 4.36 67.83
CA GLY I 65 47.26 3.02 67.55
C GLY I 65 46.50 3.00 66.22
N GLY I 66 46.30 4.18 65.64
CA GLY I 66 45.59 4.31 64.39
C GLY I 66 44.14 3.89 64.57
N ILE I 67 43.29 4.78 65.05
CA ILE I 67 41.91 4.35 65.25
C ILE I 67 40.74 5.14 64.67
N ILE I 68 39.76 4.35 64.23
CA ILE I 68 38.49 4.77 63.64
C ILE I 68 37.61 4.93 64.88
N LYS I 69 37.62 6.14 65.41
CA LYS I 69 36.84 6.46 66.59
C LYS I 69 35.59 7.04 66.08
N ASP I 70 34.47 6.55 66.59
CA ASP I 70 33.18 7.08 66.19
C ASP I 70 33.05 8.58 66.48
N ALA I 71 31.86 9.12 66.28
CA ALA I 71 31.56 10.53 66.51
C ALA I 71 30.33 10.84 65.66
N PRO I 72 29.60 11.89 66.01
CA PRO I 72 28.40 12.34 65.32
C PRO I 72 28.76 13.08 64.02
N PRO I 73 27.80 13.12 63.06
CA PRO I 73 27.86 13.75 61.75
C PRO I 73 28.44 15.15 61.71
N GLY I 74 29.48 15.27 60.89
CA GLY I 74 30.13 16.54 60.70
C GLY I 74 30.81 17.06 61.95
N ALA I 75 31.10 16.16 62.88
CA ALA I 75 31.77 16.54 64.09
C ALA I 75 33.29 16.57 63.74
N GLY I 76 33.75 15.51 63.08
CA GLY I 76 35.15 15.41 62.73
C GLY I 76 35.64 16.51 61.80
N PHE I 77 34.72 17.41 61.48
CA PHE I 77 35.06 18.47 60.59
C PHE I 77 35.93 19.50 61.28
N ILE I 78 35.90 19.51 62.62
CA ILE I 78 36.71 20.47 63.39
C ILE I 78 38.17 20.48 62.97
N TYR I 79 38.65 19.31 62.52
CA TYR I 79 40.04 19.13 62.11
C TYR I 79 40.22 19.41 60.62
N ARG I 80 41.44 19.82 60.24
CA ARG I 80 41.79 20.14 58.86
C ARG I 80 41.70 18.97 57.91
N GLU I 81 42.40 17.89 58.24
CA GLU I 81 42.37 16.73 57.38
C GLU I 81 41.04 15.98 57.39
N THR I 82 40.42 15.90 56.22
CA THR I 82 39.17 15.19 56.08
C THR I 82 39.30 14.14 54.98
N PHE I 83 38.87 12.90 55.28
CA PHE I 83 38.93 11.80 54.32
C PHE I 83 37.75 11.95 53.37
N CYS I 84 38.06 12.12 52.09
CA CYS I 84 37.07 12.28 51.03
C CYS I 84 37.22 11.18 49.99
N ILE I 85 36.14 10.88 49.29
CA ILE I 85 36.20 9.89 48.23
C ILE I 85 35.47 10.46 47.04
N THR I 86 35.94 10.11 45.84
CA THR I 86 35.27 10.57 44.62
C THR I 86 34.04 9.67 44.44
N THR I 87 32.94 10.25 43.95
CA THR I 87 31.70 9.50 43.80
C THR I 87 31.48 8.67 42.52
N ILE I 88 32.41 8.80 41.58
CA ILE I 88 32.29 8.09 40.32
C ILE I 88 33.28 6.98 40.14
N TYR I 89 32.77 5.79 39.98
CA TYR I 89 33.64 4.66 39.77
C TYR I 89 33.42 4.16 38.35
N LYS I 90 34.49 4.15 37.55
CA LYS I 90 34.41 3.66 36.18
C LYS I 90 34.46 2.15 36.32
N THR I 91 33.30 1.52 36.41
CA THR I 91 33.19 0.07 36.59
C THR I 91 33.93 -0.83 35.62
N GLY I 92 33.99 -0.44 34.35
CA GLY I 92 34.64 -1.29 33.38
C GLY I 92 33.59 -2.22 32.79
N GLN I 93 32.49 -2.41 33.50
CA GLN I 93 31.38 -3.25 33.04
C GLN I 93 30.95 -2.66 31.67
N PRO I 94 30.44 -3.48 30.74
CA PRO I 94 30.03 -2.98 29.41
C PRO I 94 28.74 -2.14 29.42
N ALA I 95 28.69 -1.13 28.56
CA ALA I 95 27.54 -0.24 28.45
C ALA I 95 26.32 -1.05 27.96
N ALA I 96 25.33 -1.22 28.81
CA ALA I 96 24.17 -2.00 28.42
C ALA I 96 22.98 -1.74 29.30
N ASP I 97 21.80 -1.96 28.74
CA ASP I 97 20.54 -1.74 29.44
C ASP I 97 20.26 -2.77 30.49
N HIS I 98 20.04 -2.30 31.71
CA HIS I 98 19.67 -3.13 32.83
C HIS I 98 18.52 -2.26 33.32
N TYR I 99 17.51 -2.85 33.93
CA TYR I 99 16.39 -2.06 34.38
C TYR I 99 15.62 -2.77 35.47
N TYR I 100 14.87 -2.01 36.23
CA TYR I 100 14.09 -2.58 37.30
C TYR I 100 12.79 -1.87 37.16
N SER I 101 11.71 -2.61 37.30
CA SER I 101 10.41 -2.01 37.14
C SER I 101 9.64 -1.94 38.45
N LYS I 102 8.54 -1.18 38.42
CA LYS I 102 7.61 -1.01 39.55
C LYS I 102 8.15 -0.17 40.70
N VAL I 103 9.23 0.54 40.41
CA VAL I 103 9.86 1.38 41.41
C VAL I 103 9.31 2.80 41.37
N THR I 104 9.64 3.56 42.40
CA THR I 104 9.23 4.95 42.52
C THR I 104 10.52 5.70 42.76
N ALA I 105 10.52 7.00 42.53
CA ALA I 105 11.74 7.76 42.79
C ALA I 105 11.68 8.40 44.20
N THR I 106 12.75 8.28 44.97
CA THR I 106 12.81 8.84 46.33
C THR I 106 14.25 9.18 46.65
N ARG I 107 14.43 9.82 47.82
CA ARG I 107 15.73 10.21 48.34
C ARG I 107 16.56 11.08 47.40
N LEU I 108 16.03 12.23 47.02
CA LEU I 108 16.78 13.11 46.14
C LEU I 108 18.08 13.54 46.81
N LEU I 109 19.17 13.47 46.06
CA LEU I 109 20.45 13.88 46.56
C LEU I 109 21.12 14.71 45.49
N ALA I 110 21.79 15.77 45.92
CA ALA I 110 22.48 16.64 44.99
C ALA I 110 23.78 17.21 45.55
N SER I 111 24.86 17.09 44.78
CA SER I 111 26.17 17.65 45.16
C SER I 111 26.16 19.03 44.53
N THR I 112 27.32 19.68 44.42
CA THR I 112 27.29 21.00 43.81
C THR I 112 27.45 20.93 42.30
N ASN I 113 28.56 20.41 41.83
CA ASN I 113 28.72 20.28 40.38
C ASN I 113 28.88 18.82 40.07
N SER I 114 27.90 18.09 40.57
CA SER I 114 27.86 16.65 40.38
C SER I 114 26.43 16.14 40.08
N ARG I 115 26.23 14.85 40.24
CA ARG I 115 24.94 14.30 39.93
C ARG I 115 23.83 14.66 40.84
N LEU I 116 22.65 14.57 40.24
CA LEU I 116 21.38 14.72 40.90
C LEU I 116 21.06 13.22 40.94
N CYS I 117 20.59 12.72 42.08
CA CYS I 117 20.33 11.28 42.19
C CYS I 117 19.04 10.94 42.83
N ALA I 118 18.69 9.67 42.75
CA ALA I 118 17.48 9.20 43.39
C ALA I 118 17.55 7.72 43.66
N VAL I 119 16.82 7.36 44.69
CA VAL I 119 16.75 6.00 45.12
C VAL I 119 15.42 5.50 44.73
N PHE I 120 15.41 4.45 43.92
CA PHE I 120 14.18 3.86 43.42
C PHE I 120 13.74 2.75 44.27
N VAL I 121 12.54 2.89 44.75
CA VAL I 121 12.06 1.94 45.68
C VAL I 121 10.87 1.10 45.28
N ARG I 122 11.00 -0.22 45.42
CA ARG I 122 9.88 -1.11 45.12
C ARG I 122 9.26 -1.53 46.44
N ASP I 123 7.93 -1.44 46.56
CA ASP I 123 7.18 -1.84 47.75
C ASP I 123 7.85 -1.73 49.14
N GLY I 124 8.59 -0.65 49.36
CA GLY I 124 9.25 -0.49 50.66
C GLY I 124 10.76 -0.72 50.64
N GLN I 125 11.18 -1.76 49.93
CA GLN I 125 12.59 -2.11 49.78
C GLN I 125 13.25 -1.17 48.74
N SER I 126 14.32 -0.50 49.10
CA SER I 126 14.99 0.36 48.11
C SER I 126 15.60 -0.61 47.10
N VAL I 127 15.49 -0.31 45.80
CA VAL I 127 16.04 -1.19 44.78
C VAL I 127 17.33 -0.72 44.15
N ILE I 128 17.31 0.44 43.51
CA ILE I 128 18.55 0.96 42.94
C ILE I 128 18.62 2.47 42.95
N GLY I 129 19.84 2.95 42.83
CA GLY I 129 20.07 4.37 42.79
C GLY I 129 20.56 4.69 41.40
N ALA I 130 20.05 5.80 40.87
CA ALA I 130 20.45 6.26 39.56
C ALA I 130 20.80 7.72 39.68
N CYS I 131 21.74 8.17 38.86
CA CYS I 131 22.13 9.57 38.95
C CYS I 131 22.24 10.21 37.57
N ALA I 132 22.31 11.55 37.55
CA ALA I 132 22.38 12.24 36.27
C ALA I 132 23.00 13.58 36.47
N SER I 133 24.10 13.83 35.80
CA SER I 133 24.79 15.11 35.91
C SER I 133 25.15 15.68 34.56
N PRO I 134 24.85 16.95 34.36
CA PRO I 134 25.18 17.59 33.10
C PRO I 134 26.64 18.00 33.04
N TYR I 135 27.48 17.42 33.89
CA TYR I 135 28.86 17.86 33.92
C TYR I 135 29.86 16.80 33.58
N GLU I 136 29.55 15.59 34.02
CA GLU I 136 30.42 14.45 33.78
C GLU I 136 29.51 13.24 33.56
N GLY I 137 30.03 12.22 32.88
CA GLY I 137 29.22 11.04 32.66
C GLY I 137 29.08 10.75 31.18
N ARG I 138 29.01 9.48 30.83
CA ARG I 138 28.88 9.05 29.44
C ARG I 138 27.57 9.55 28.83
N TYR I 139 26.65 9.98 29.70
CA TYR I 139 25.35 10.46 29.23
C TYR I 139 25.12 11.90 29.71
N ARG I 140 26.16 12.71 29.78
CA ARG I 140 25.94 14.06 30.28
C ARG I 140 24.97 14.90 29.44
N ASP I 141 24.67 14.43 28.23
CA ASP I 141 23.75 15.15 27.35
C ASP I 141 22.27 14.81 27.52
N MET I 142 22.02 13.69 28.18
CA MET I 142 20.64 13.26 28.44
C MET I 142 20.05 13.84 29.72
N TYR I 143 20.92 14.50 30.50
CA TYR I 143 20.55 15.10 31.78
C TYR I 143 19.30 15.97 31.71
N ASP I 144 19.42 17.08 31.00
CA ASP I 144 18.32 18.02 30.87
C ASP I 144 17.00 17.34 30.59
N ALA I 145 17.02 16.31 29.74
CA ALA I 145 15.80 15.60 29.43
C ALA I 145 15.35 14.80 30.66
N LEU I 146 16.17 13.82 31.02
CA LEU I 146 15.86 12.94 32.13
C LEU I 146 15.48 13.64 33.42
N ARG I 147 16.15 14.75 33.67
CA ARG I 147 15.94 15.51 34.89
C ARG I 147 14.50 15.97 35.01
N ARG I 148 13.97 16.45 33.89
CA ARG I 148 12.62 16.95 33.82
C ARG I 148 11.63 15.91 34.24
N LEU I 149 11.82 14.69 33.76
CA LEU I 149 10.93 13.56 34.06
C LEU I 149 11.19 12.98 35.43
N LEU I 150 12.48 12.92 35.79
CA LEU I 150 12.95 12.44 37.07
C LEU I 150 12.15 13.26 38.06
N TYR I 151 12.06 14.55 37.78
CA TYR I 151 11.30 15.47 38.58
C TYR I 151 9.79 15.12 38.67
N MET I 152 9.12 14.97 37.51
CA MET I 152 7.67 14.66 37.47
C MET I 152 7.29 13.36 38.19
N ILE I 153 8.01 12.25 37.91
CA ILE I 153 7.77 10.96 38.61
C ILE I 153 7.92 11.13 40.12
N TYR I 154 8.76 12.11 40.50
CA TYR I 154 9.06 12.43 41.89
C TYR I 154 7.90 13.03 42.66
N MET I 155 7.24 14.05 42.07
CA MET I 155 6.11 14.70 42.75
C MET I 155 4.94 13.76 42.77
N SER I 156 4.63 13.23 41.59
CA SER I 156 3.53 12.31 41.40
C SER I 156 3.97 10.99 41.97
N GLY I 157 3.05 10.24 42.56
CA GLY I 157 3.45 8.94 43.09
C GLY I 157 3.60 7.91 41.98
N LEU I 158 4.13 8.33 40.82
CA LEU I 158 4.24 7.48 39.63
C LEU I 158 5.31 6.43 39.59
N ALA I 159 4.85 5.21 39.33
CA ALA I 159 5.68 4.01 39.24
C ALA I 159 6.31 3.89 37.86
N VAL I 160 7.57 3.52 37.81
CA VAL I 160 8.23 3.39 36.53
C VAL I 160 9.24 2.28 36.37
N ARG I 161 9.65 2.14 35.14
CA ARG I 161 10.68 1.19 34.82
C ARG I 161 11.88 2.13 34.76
N VAL I 162 13.03 1.67 35.20
CA VAL I 162 14.15 2.55 35.11
C VAL I 162 15.36 1.85 34.54
N HIS I 163 15.78 2.41 33.42
CA HIS I 163 16.89 1.90 32.66
C HIS I 163 18.10 2.56 33.16
N VAL I 164 19.08 1.72 33.47
CA VAL I 164 20.37 2.13 34.00
C VAL I 164 21.53 1.41 33.32
N SER I 165 22.69 2.05 33.32
CA SER I 165 23.91 1.51 32.76
C SER I 165 24.78 1.23 33.97
N LYS I 166 25.58 0.17 33.89
CA LYS I 166 26.44 -0.15 35.00
C LYS I 166 27.86 0.16 34.61
N GLU I 167 28.02 1.05 33.64
CA GLU I 167 29.35 1.38 33.20
C GLU I 167 29.95 2.47 34.05
N GLU I 168 29.13 2.98 34.96
CA GLU I 168 29.53 4.00 35.92
C GLU I 168 28.79 3.73 37.23
N GLN I 169 29.57 3.58 38.30
CA GLN I 169 29.05 3.33 39.64
C GLN I 169 29.20 4.61 40.47
N TYR I 170 28.09 4.98 41.06
CA TYR I 170 28.06 6.18 41.84
C TYR I 170 28.00 5.90 43.31
N TYR I 171 28.80 6.68 44.03
CA TYR I 171 28.94 6.56 45.48
C TYR I 171 28.52 7.84 46.20
N ASP I 172 27.58 8.58 45.66
CA ASP I 172 27.20 9.79 46.32
C ASP I 172 26.47 9.52 47.61
N TYR I 173 25.81 8.38 47.70
CA TYR I 173 25.15 8.08 48.96
C TYR I 173 26.13 7.46 49.94
N GLU I 174 26.09 8.00 51.15
CA GLU I 174 26.92 7.51 52.24
C GLU I 174 26.26 6.25 52.85
N ASP I 175 27.03 5.17 53.03
CA ASP I 175 26.55 3.88 53.58
C ASP I 175 25.27 3.36 52.91
N ALA I 176 25.35 3.03 51.63
CA ALA I 176 24.15 2.57 50.96
C ALA I 176 23.95 1.05 51.03
N THR I 177 22.69 0.63 50.99
CA THR I 177 22.37 -0.78 50.99
C THR I 177 21.87 -1.06 49.60
N PHE I 178 22.33 -0.25 48.66
CA PHE I 178 21.94 -0.39 47.27
C PHE I 178 23.04 0.19 46.38
N GLN I 179 23.12 -0.30 45.16
CA GLN I 179 24.13 0.23 44.25
C GLN I 179 23.59 1.48 43.60
N THR I 180 24.47 2.23 42.96
CA THR I 180 24.00 3.41 42.28
C THR I 180 24.70 3.45 40.95
N TYR I 181 23.92 3.64 39.89
CA TYR I 181 24.45 3.68 38.53
C TYR I 181 23.96 4.84 37.69
N ALA I 182 24.48 4.92 36.46
CA ALA I 182 24.08 5.98 35.52
C ALA I 182 22.66 5.79 34.92
N LEU I 183 21.80 6.78 35.12
CA LEU I 183 20.42 6.76 34.63
C LEU I 183 20.48 6.89 33.13
N THR I 184 19.94 5.91 32.40
CA THR I 184 19.92 5.99 30.96
C THR I 184 18.51 6.38 30.55
N GLY I 185 17.53 5.88 31.29
CA GLY I 185 16.16 6.22 30.97
C GLY I 185 15.08 5.76 31.93
N ILE I 186 13.91 6.38 31.75
CA ILE I 186 12.71 6.13 32.54
C ILE I 186 11.56 5.88 31.52
N SER I 187 10.56 5.13 31.97
CA SER I 187 9.46 4.78 31.10
C SER I 187 8.32 4.48 32.04
N LEU I 188 7.33 5.38 32.07
CA LEU I 188 6.18 5.20 32.95
C LEU I 188 5.63 3.81 32.85
N CYS I 189 5.38 3.21 34.00
CA CYS I 189 4.87 1.87 34.01
C CYS I 189 3.56 1.81 33.25
N ASN I 190 3.44 0.82 32.36
CA ASN I 190 2.22 0.62 31.61
C ASN I 190 2.05 -0.86 31.48
N PRO I 191 1.16 -1.44 32.31
CA PRO I 191 0.85 -2.85 32.36
C PRO I 191 0.34 -3.36 31.03
N ALA I 192 -0.76 -2.79 30.58
CA ALA I 192 -1.35 -3.21 29.33
C ALA I 192 -0.36 -3.06 28.19
N ALA I 193 0.44 -2.01 28.21
CA ALA I 193 1.43 -1.82 27.15
C ALA I 193 2.58 -2.75 27.44
N SER I 194 2.39 -3.49 28.54
CA SER I 194 3.33 -4.47 29.02
C SER I 194 4.68 -3.87 29.33
N ILE I 195 4.65 -2.98 30.32
CA ILE I 195 5.82 -2.27 30.80
C ILE I 195 6.06 -2.71 32.25
N CYS I 196 5.01 -2.73 33.06
CA CYS I 196 5.20 -3.15 34.43
C CYS I 196 4.11 -4.09 34.87
N ASP J 1 10.66 -0.43 9.84
CA ASP J 1 9.86 0.54 9.07
C ASP J 1 8.48 -0.05 8.71
N VAL J 2 7.57 0.84 8.34
CA VAL J 2 6.25 0.44 7.92
C VAL J 2 6.16 1.10 6.55
N PRO J 3 5.30 0.58 5.64
CA PRO J 3 5.10 1.07 4.27
C PRO J 3 4.73 2.55 4.04
N TYR J 4 3.69 2.99 4.72
CA TYR J 4 3.20 4.35 4.55
C TYR J 4 2.68 4.89 5.87
N VAL J 5 2.56 6.21 5.94
CA VAL J 5 2.07 6.91 7.14
C VAL J 5 0.71 6.53 7.62
N LEU J 6 0.61 6.20 8.89
CA LEU J 6 -0.67 5.89 9.49
C LEU J 6 -1.20 7.13 10.20
N VAL J 7 -2.52 7.29 10.16
CA VAL J 7 -3.14 8.45 10.77
C VAL J 7 -4.21 7.96 11.74
N LYS J 8 -3.85 7.85 13.01
CA LYS J 8 -4.78 7.36 14.03
C LYS J 8 -5.47 8.53 14.66
N THR J 9 -6.74 8.35 14.99
CA THR J 9 -7.54 9.42 15.62
C THR J 9 -8.01 8.95 17.00
N ASN J 10 -8.52 9.88 17.81
CA ASN J 10 -9.00 9.52 19.14
C ASN J 10 -8.06 8.73 19.99
N MET J 11 -6.81 9.17 19.97
CA MET J 11 -5.74 8.57 20.72
C MET J 11 -5.53 9.41 21.96
N VAL J 12 -5.01 8.81 23.01
CA VAL J 12 -4.70 9.50 24.25
C VAL J 12 -3.37 8.88 24.62
N VAL J 13 -2.45 9.65 25.16
CA VAL J 13 -1.17 9.07 25.53
C VAL J 13 -1.27 8.61 26.97
N THR J 14 -1.06 7.33 27.22
CA THR J 14 -1.14 6.79 28.58
C THR J 14 0.20 6.54 29.33
N SER J 15 1.29 6.60 28.58
CA SER J 15 2.58 6.43 29.19
C SER J 15 3.35 7.57 28.58
N VAL J 16 4.64 7.57 28.80
CA VAL J 16 5.48 8.60 28.26
C VAL J 16 6.82 8.12 28.72
N ALA J 17 7.86 8.46 27.98
CA ALA J 17 9.16 8.00 28.37
C ALA J 17 10.28 8.63 27.55
N MET J 18 11.51 8.35 27.97
CA MET J 18 12.72 8.82 27.31
C MET J 18 13.68 7.67 27.30
N LYS J 19 14.61 7.72 26.35
CA LYS J 19 15.62 6.70 26.19
C LYS J 19 16.56 7.29 25.16
N PRO J 20 17.72 6.64 24.97
CA PRO J 20 18.73 7.11 24.00
C PRO J 20 18.50 6.67 22.56
N TYR J 21 19.14 7.36 21.61
CA TYR J 21 18.98 6.97 20.23
C TYR J 21 20.11 6.03 19.85
N GLU J 22 19.79 4.74 19.78
CA GLU J 22 20.75 3.69 19.47
C GLU J 22 21.70 3.98 18.33
N VAL J 23 21.37 4.97 17.52
CA VAL J 23 22.24 5.33 16.41
C VAL J 23 23.30 6.32 16.81
N THR J 24 22.92 7.33 17.60
CA THR J 24 23.83 8.38 18.03
C THR J 24 23.59 8.90 19.43
N PRO J 25 24.61 9.57 19.99
CA PRO J 25 24.64 10.18 21.32
C PRO J 25 24.33 11.69 21.20
N THR J 26 23.94 12.09 20.00
CA THR J 26 23.62 13.47 19.72
C THR J 26 22.11 13.66 19.70
N ARG J 27 21.38 12.57 19.93
CA ARG J 27 19.94 12.60 19.91
C ARG J 27 19.47 11.52 20.87
N MET J 28 18.17 11.54 21.15
CA MET J 28 17.57 10.58 22.04
C MET J 28 16.09 10.51 21.73
N LEU J 29 15.43 9.52 22.27
CA LEU J 29 14.02 9.34 22.02
C LEU J 29 13.17 9.77 23.17
N VAL J 30 11.90 10.00 22.85
CA VAL J 30 10.92 10.36 23.85
C VAL J 30 9.68 9.55 23.52
N CYS J 31 9.75 8.26 23.77
CA CYS J 31 8.63 7.38 23.47
C CYS J 31 7.39 7.59 24.31
N GLY J 32 6.40 6.70 24.11
CA GLY J 32 5.14 6.75 24.83
C GLY J 32 4.20 5.73 24.23
N ILE J 33 3.05 5.54 24.86
CA ILE J 33 2.04 4.60 24.37
C ILE J 33 0.72 5.35 24.20
N ALA J 34 0.00 5.09 23.11
CA ALA J 34 -1.28 5.74 22.88
C ALA J 34 -2.37 4.70 22.72
N ALA J 35 -3.55 5.04 23.21
CA ALA J 35 -4.70 4.17 23.13
C ALA J 35 -5.80 4.90 22.39
N LYS J 36 -6.54 4.18 21.56
CA LYS J 36 -7.63 4.78 20.83
C LYS J 36 -8.87 4.49 21.64
N LEU J 37 -9.72 5.48 21.83
CA LEU J 37 -10.96 5.28 22.58
C LEU J 37 -11.79 4.24 21.89
N GLY J 38 -12.55 3.48 22.68
CA GLY J 38 -13.38 2.43 22.13
C GLY J 38 -12.63 1.11 21.90
N ALA J 39 -11.46 1.17 21.28
CA ALA J 39 -10.66 -0.03 20.99
C ALA J 39 -10.56 -0.97 22.19
N ALA J 40 -10.91 -2.24 21.99
CA ALA J 40 -10.82 -3.22 23.07
C ALA J 40 -9.36 -3.64 23.23
N ALA J 41 -9.05 -4.29 24.35
CA ALA J 41 -7.67 -4.72 24.60
C ALA J 41 -7.13 -5.71 23.57
N SER J 42 -8.05 -6.39 22.88
CA SER J 42 -7.67 -7.34 21.83
C SER J 42 -7.20 -6.50 20.65
N SER J 43 -7.79 -5.32 20.52
CA SER J 43 -7.47 -4.38 19.47
C SER J 43 -6.03 -3.89 19.64
N PRO J 44 -5.27 -3.90 18.54
CA PRO J 44 -3.87 -3.46 18.55
C PRO J 44 -3.83 -1.94 18.70
N ASP J 45 -4.98 -1.30 18.55
CA ASP J 45 -5.06 0.15 18.67
C ASP J 45 -5.21 0.64 20.10
N ALA J 46 -5.33 -0.30 21.04
CA ALA J 46 -5.44 0.07 22.44
C ALA J 46 -4.04 0.21 23.07
N HIS J 47 -2.99 -0.09 22.32
CA HIS J 47 -1.65 -0.04 22.85
C HIS J 47 -0.65 0.44 21.83
N VAL J 48 -0.80 1.64 21.28
CA VAL J 48 0.15 2.08 20.28
C VAL J 48 1.39 2.93 20.66
N PRO J 49 2.56 2.30 20.66
CA PRO J 49 3.82 2.95 21.00
C PRO J 49 4.38 3.79 19.86
N PHE J 50 5.16 4.79 20.25
CA PHE J 50 5.78 5.72 19.32
C PHE J 50 6.89 6.40 20.05
N CYS J 51 7.64 7.21 19.33
CA CYS J 51 8.75 7.96 19.93
C CYS J 51 9.13 8.97 18.92
N PHE J 52 9.82 10.01 19.36
CA PHE J 52 10.30 10.95 18.41
C PHE J 52 11.69 11.35 18.81
N GLY J 53 12.42 11.91 17.87
CA GLY J 53 13.77 12.34 18.15
C GLY J 53 13.81 13.68 18.86
N LYS J 54 14.78 13.81 19.76
CA LYS J 54 15.02 15.04 20.51
C LYS J 54 16.50 15.33 20.36
N ASP J 55 16.84 16.47 19.75
CA ASP J 55 18.24 16.78 19.54
C ASP J 55 18.91 17.22 20.81
N LEU J 56 19.89 16.46 21.24
CA LEU J 56 20.57 16.79 22.48
C LEU J 56 21.53 17.95 22.35
N LYS J 57 21.67 18.49 21.14
CA LYS J 57 22.56 19.63 20.93
C LYS J 57 21.80 20.92 21.12
N ARG J 58 20.50 20.90 20.80
CA ARG J 58 19.64 22.07 20.95
C ARG J 58 18.92 21.88 22.28
N PRO J 59 19.47 22.48 23.35
CA PRO J 59 18.96 22.42 24.71
C PRO J 59 17.57 23.03 24.85
N GLY J 60 16.72 22.36 25.62
CA GLY J 60 15.39 22.90 25.83
C GLY J 60 14.34 21.86 25.51
N SER J 61 13.09 22.30 25.39
CA SER J 61 12.04 21.37 25.07
C SER J 61 11.44 21.64 23.69
N SER J 62 11.20 20.55 22.95
CA SER J 62 10.62 20.61 21.62
C SER J 62 9.12 20.93 21.68
N PRO J 63 8.58 21.49 20.59
CA PRO J 63 7.16 21.82 20.56
C PRO J 63 6.31 20.57 20.77
N MET J 64 6.85 19.44 20.30
CA MET J 64 6.14 18.18 20.46
C MET J 64 6.20 17.66 21.90
N GLU J 65 7.30 17.96 22.58
CA GLU J 65 7.50 17.57 23.97
C GLU J 65 6.48 18.41 24.73
N VAL J 66 6.63 19.72 24.56
CA VAL J 66 5.76 20.72 25.19
C VAL J 66 4.29 20.28 25.07
N MET J 67 3.91 19.84 23.87
CA MET J 67 2.54 19.41 23.63
C MET J 67 2.26 18.12 24.36
N LEU J 68 3.09 17.13 24.04
CA LEU J 68 2.98 15.80 24.62
C LEU J 68 2.75 15.86 26.12
N ARG J 69 3.49 16.73 26.77
CA ARG J 69 3.38 16.91 28.19
C ARG J 69 1.94 17.42 28.44
N ALA J 70 1.60 18.54 27.80
CA ALA J 70 0.30 19.14 27.98
C ALA J 70 -0.88 18.20 27.80
N VAL J 71 -0.91 17.49 26.67
CA VAL J 71 -1.99 16.54 26.31
C VAL J 71 -2.01 15.30 27.20
N PHE J 72 -0.82 14.86 27.60
CA PHE J 72 -0.68 13.71 28.46
C PHE J 72 -1.31 14.08 29.78
N MET J 73 -0.75 15.13 30.40
CA MET J 73 -1.19 15.62 31.69
C MET J 73 -2.71 15.75 31.74
N GLN J 74 -3.23 16.22 30.61
CA GLN J 74 -4.64 16.45 30.46
C GLN J 74 -5.52 15.34 29.89
N GLN J 75 -4.94 14.24 29.44
CA GLN J 75 -5.77 13.16 28.88
C GLN J 75 -6.67 13.66 27.75
N ARG J 76 -6.03 14.34 26.81
CA ARG J 76 -6.65 14.87 25.62
C ARG J 76 -6.52 13.82 24.54
N PRO J 77 -7.52 13.76 23.63
CA PRO J 77 -7.50 12.81 22.52
C PRO J 77 -6.73 13.49 21.39
N LEU J 78 -6.21 12.70 20.46
CA LEU J 78 -5.44 13.30 19.38
C LEU J 78 -5.37 12.52 18.09
N ARG J 79 -5.15 13.28 17.03
CA ARG J 79 -5.02 12.79 15.68
C ARG J 79 -3.52 12.67 15.56
N MET J 80 -3.00 11.51 15.17
CA MET J 80 -1.56 11.33 15.12
C MET J 80 -1.08 10.82 13.79
N PHE J 81 0.04 11.37 13.33
CA PHE J 81 0.66 10.95 12.10
C PHE J 81 1.93 10.18 12.49
N LEU J 82 1.85 8.85 12.41
CA LEU J 82 2.98 7.95 12.73
C LEU J 82 3.40 7.07 11.53
N GLY J 83 4.69 6.76 11.45
CA GLY J 83 5.21 5.98 10.34
C GLY J 83 5.99 6.94 9.46
N PRO J 84 6.57 6.46 8.35
CA PRO J 84 6.49 5.06 7.97
C PRO J 84 7.42 4.31 8.93
N LYS J 85 8.44 5.04 9.39
CA LYS J 85 9.51 4.57 10.30
C LYS J 85 9.16 3.96 11.62
N GLN J 86 9.90 2.92 11.92
CA GLN J 86 9.72 2.27 13.18
C GLN J 86 11.03 2.47 13.93
N LEU J 87 10.86 2.72 15.23
CA LEU J 87 11.91 2.98 16.21
C LEU J 87 11.74 1.94 17.29
N THR J 88 12.83 1.62 18.01
CA THR J 88 12.77 0.63 19.08
C THR J 88 12.66 1.28 20.44
N PHE J 89 11.69 0.84 21.21
CA PHE J 89 11.47 1.41 22.51
C PHE J 89 10.91 0.31 23.32
N GLU J 90 11.62 0.03 24.40
CA GLU J 90 11.26 -1.02 25.32
C GLU J 90 11.41 -2.35 24.59
N GLY J 91 12.45 -2.36 23.75
CA GLY J 91 12.83 -3.53 22.96
C GLY J 91 11.87 -4.03 21.90
N LYS J 92 10.94 -3.17 21.51
CA LYS J 92 9.97 -3.51 20.48
C LYS J 92 9.96 -2.35 19.50
N PRO J 93 9.40 -2.59 18.33
CA PRO J 93 9.35 -1.49 17.37
C PRO J 93 8.26 -0.49 17.81
N ALA J 94 8.39 0.75 17.36
CA ALA J 94 7.41 1.75 17.72
C ALA J 94 7.42 2.79 16.62
N LEU J 95 6.23 3.26 16.26
CA LEU J 95 6.07 4.20 15.17
C LEU J 95 6.52 5.64 15.42
N GLU J 96 7.53 6.09 14.68
CA GLU J 96 8.00 7.48 14.83
C GLU J 96 6.88 8.48 14.57
N LEU J 97 6.56 9.30 15.54
CA LEU J 97 5.53 10.34 15.42
C LEU J 97 6.11 11.57 14.70
N ILE J 98 5.42 12.05 13.67
CA ILE J 98 5.90 13.18 12.91
C ILE J 98 5.07 14.40 13.09
N ARG J 99 3.86 14.22 13.61
CA ARG J 99 2.95 15.34 13.79
C ARG J 99 1.70 14.84 14.48
N MET J 100 1.15 15.65 15.36
CA MET J 100 -0.08 15.26 16.07
C MET J 100 -0.88 16.53 16.26
N VAL J 101 -2.20 16.40 16.32
CA VAL J 101 -3.04 17.55 16.54
C VAL J 101 -4.16 17.08 17.44
N GLU J 102 -4.50 17.94 18.40
CA GLU J 102 -5.55 17.66 19.38
C GLU J 102 -6.89 17.43 18.65
N CYS J 103 -7.72 16.52 19.17
CA CYS J 103 -9.02 16.27 18.55
C CYS J 103 -10.03 17.30 18.96
N SER J 104 -10.71 17.87 17.96
CA SER J 104 -11.73 18.88 18.16
C SER J 104 -13.12 18.23 18.33
N GLY J 105 -13.34 17.15 17.59
CA GLY J 105 -14.60 16.44 17.65
C GLY J 105 -14.56 15.37 16.58
N LYS J 106 -15.65 14.61 16.42
CA LYS J 106 -15.72 13.55 15.42
C LYS J 106 -15.52 14.10 14.01
N GLN J 107 -15.78 15.40 13.89
CA GLN J 107 -15.62 16.10 12.63
C GLN J 107 -14.20 15.98 12.07
N ASP J 108 -13.22 15.82 12.96
CA ASP J 108 -11.81 15.69 12.55
C ASP J 108 -11.14 14.50 13.18
N CYS J 109 -11.87 13.87 14.09
CA CYS J 109 -11.44 12.67 14.80
C CYS J 109 -12.66 11.78 14.88
N PRO J 110 -12.96 11.09 13.77
CA PRO J 110 -14.06 10.17 13.52
C PRO J 110 -14.14 8.99 14.50
N ASP K 1 32.07 34.23 57.29
CA ASP K 1 32.34 32.80 57.12
C ASP K 1 32.54 32.05 58.44
N VAL K 2 32.51 30.74 58.35
CA VAL K 2 32.70 29.88 59.50
C VAL K 2 33.98 29.10 59.20
N PRO K 3 34.67 28.59 60.22
CA PRO K 3 35.92 27.83 59.96
C PRO K 3 35.74 26.45 59.33
N TYR K 4 34.59 25.82 59.57
CA TYR K 4 34.33 24.49 59.03
C TYR K 4 32.89 24.26 58.54
N VAL K 5 32.67 23.08 57.99
CA VAL K 5 31.36 22.71 57.45
C VAL K 5 30.33 22.20 58.46
N LEU K 6 29.27 22.97 58.60
CA LEU K 6 28.20 22.62 59.50
C LEU K 6 27.44 21.55 58.78
N VAL K 7 26.61 20.85 59.50
CA VAL K 7 25.87 19.81 58.88
C VAL K 7 24.57 19.76 59.63
N LYS K 8 23.56 20.40 59.06
CA LYS K 8 22.24 20.39 59.68
C LYS K 8 21.50 19.05 59.41
N THR K 9 20.31 18.92 59.97
CA THR K 9 19.57 17.69 59.84
C THR K 9 18.13 18.04 60.00
N ASN K 10 17.24 17.19 59.51
CA ASN K 10 15.80 17.43 59.60
C ASN K 10 15.36 18.84 59.18
N MET K 11 16.16 19.43 58.31
CA MET K 11 15.93 20.77 57.79
C MET K 11 14.94 20.68 56.67
N VAL K 12 13.99 21.60 56.65
CA VAL K 12 13.00 21.65 55.58
C VAL K 12 13.34 22.96 54.91
N VAL K 13 13.20 23.05 53.58
CA VAL K 13 13.47 24.35 52.99
C VAL K 13 12.13 25.02 53.05
N THR K 14 12.15 26.12 53.79
CA THR K 14 10.97 26.89 54.04
C THR K 14 10.70 27.99 53.05
N SER K 15 11.73 28.54 52.42
CA SER K 15 11.45 29.61 51.49
C SER K 15 12.56 29.86 50.52
N VAL K 16 12.20 30.18 49.28
CA VAL K 16 13.17 30.42 48.21
C VAL K 16 13.18 31.80 47.63
N ALA K 17 14.34 32.13 47.08
CA ALA K 17 14.53 33.41 46.47
C ALA K 17 15.57 33.32 45.38
N MET K 18 15.52 34.28 44.48
CA MET K 18 16.48 34.33 43.41
C MET K 18 16.92 35.77 43.42
N LYS K 19 18.24 35.94 43.47
CA LYS K 19 18.83 37.26 43.51
C LYS K 19 20.08 37.24 42.68
N PRO K 20 20.51 38.42 42.23
CA PRO K 20 21.71 38.56 41.41
C PRO K 20 22.93 38.41 42.32
N TYR K 21 24.02 37.93 41.74
CA TYR K 21 25.23 37.76 42.51
C TYR K 21 25.97 39.09 42.43
N GLU K 22 25.65 39.96 43.37
CA GLU K 22 26.24 41.31 43.47
C GLU K 22 27.67 41.44 42.98
N VAL K 23 28.44 40.41 43.22
CA VAL K 23 29.82 40.40 42.82
C VAL K 23 29.98 40.00 41.35
N THR K 24 29.41 38.85 41.00
CA THR K 24 29.52 38.31 39.64
C THR K 24 28.21 38.34 38.83
N PRO K 25 28.27 38.90 37.61
CA PRO K 25 27.17 39.05 36.64
C PRO K 25 26.82 37.80 35.81
N THR K 26 27.73 36.84 35.72
CA THR K 26 27.46 35.62 34.95
C THR K 26 26.70 34.65 35.83
N ARG K 27 26.59 34.98 37.11
CA ARG K 27 25.91 34.13 38.07
C ARG K 27 24.90 34.92 38.85
N MET K 28 24.11 34.20 39.62
CA MET K 28 23.07 34.77 40.47
C MET K 28 23.00 33.76 41.61
N LEU K 29 22.19 34.03 42.62
CA LEU K 29 22.15 33.09 43.72
C LEU K 29 20.78 32.54 43.87
N VAL K 30 20.74 31.32 44.38
CA VAL K 30 19.48 30.67 44.69
C VAL K 30 19.57 30.63 46.21
N CYS K 31 18.77 31.44 46.88
CA CYS K 31 18.82 31.50 48.32
C CYS K 31 17.56 30.97 48.97
N GLY K 32 17.74 30.40 50.15
CA GLY K 32 16.61 29.84 50.85
C GLY K 32 16.75 29.89 52.33
N ILE K 33 15.70 29.45 52.99
CA ILE K 33 15.64 29.43 54.42
C ILE K 33 15.28 28.02 54.92
N ALA K 34 16.29 27.22 55.25
CA ALA K 34 16.04 25.90 55.77
C ALA K 34 15.75 26.10 57.24
N ALA K 35 15.03 25.17 57.84
CA ALA K 35 14.69 25.29 59.24
C ALA K 35 14.52 23.90 59.78
N LYS K 36 15.20 23.59 60.87
CA LYS K 36 15.07 22.27 61.48
C LYS K 36 13.62 21.98 61.86
N LEU K 37 13.15 20.81 61.48
CA LEU K 37 11.79 20.41 61.77
C LEU K 37 11.51 20.41 63.29
N GLY K 38 10.32 20.90 63.67
CA GLY K 38 9.89 20.95 65.07
C GLY K 38 10.47 21.99 66.04
N ALA K 39 11.77 22.19 65.93
CA ALA K 39 12.52 23.13 66.76
C ALA K 39 11.71 24.35 67.20
N ALA K 40 11.90 24.73 68.45
CA ALA K 40 11.23 25.90 69.02
C ALA K 40 11.68 27.10 68.22
N ALA K 41 10.81 28.09 68.12
CA ALA K 41 11.08 29.31 67.38
C ALA K 41 12.38 29.94 67.87
N SER K 42 12.69 29.65 69.13
CA SER K 42 13.90 30.13 69.79
C SER K 42 15.20 29.50 69.25
N SER K 43 15.18 28.19 69.01
CA SER K 43 16.35 27.44 68.52
C SER K 43 17.14 28.14 67.42
N PRO K 44 18.47 27.92 67.41
CA PRO K 44 19.41 28.50 66.42
C PRO K 44 19.19 27.91 65.04
N ASP K 45 18.71 26.67 65.03
CA ASP K 45 18.44 25.94 63.81
C ASP K 45 17.00 26.11 63.32
N ALA K 46 16.31 27.16 63.76
CA ALA K 46 14.92 27.38 63.36
C ALA K 46 14.79 28.43 62.27
N HIS K 47 15.93 28.86 61.74
CA HIS K 47 15.96 29.86 60.70
C HIS K 47 17.37 29.94 60.18
N VAL K 48 17.67 29.05 59.23
CA VAL K 48 19.01 28.97 58.65
C VAL K 48 19.06 29.46 57.22
N PRO K 49 19.67 30.63 57.00
CA PRO K 49 19.77 31.17 55.65
C PRO K 49 20.89 30.52 54.84
N PHE K 50 20.59 30.16 53.60
CA PHE K 50 21.58 29.57 52.71
C PHE K 50 21.39 30.09 51.29
N CYS K 51 22.43 29.91 50.50
CA CYS K 51 22.43 30.32 49.11
C CYS K 51 23.37 29.41 48.39
N PHE K 52 23.33 29.49 47.08
CA PHE K 52 24.23 28.75 46.21
C PHE K 52 24.22 29.44 44.89
N GLY K 53 25.37 29.33 44.23
CA GLY K 53 25.53 29.97 42.95
C GLY K 53 25.01 29.18 41.76
N LYS K 54 24.34 29.91 40.86
CA LYS K 54 23.77 29.38 39.61
C LYS K 54 24.40 30.15 38.45
N ASP K 55 25.16 29.44 37.63
CA ASP K 55 25.79 30.10 36.51
C ASP K 55 24.74 30.42 35.43
N LEU K 56 24.70 31.69 35.05
CA LEU K 56 23.81 32.18 34.03
C LEU K 56 24.34 32.05 32.62
N LYS K 57 25.28 31.14 32.40
CA LYS K 57 25.81 30.94 31.05
C LYS K 57 25.38 29.58 30.55
N ARG K 58 25.40 28.57 31.43
CA ARG K 58 24.97 27.22 31.06
C ARG K 58 23.44 27.14 31.17
N PRO K 59 22.79 26.54 30.16
CA PRO K 59 21.33 26.43 30.18
C PRO K 59 20.88 25.23 31.03
N GLY K 60 19.61 25.21 31.36
CA GLY K 60 19.10 24.11 32.16
C GLY K 60 18.96 24.50 33.60
N SER K 61 19.04 23.51 34.47
CA SER K 61 18.92 23.75 35.90
C SER K 61 19.78 22.76 36.67
N SER K 62 20.79 23.30 37.35
CA SER K 62 21.72 22.53 38.16
C SER K 62 20.95 21.51 38.99
N PRO K 63 21.57 20.35 39.23
CA PRO K 63 20.90 19.31 40.01
C PRO K 63 20.32 19.88 41.29
N MET K 64 21.14 20.66 41.99
CA MET K 64 20.74 21.29 43.25
C MET K 64 19.45 22.08 43.10
N GLU K 65 19.38 22.81 42.00
CA GLU K 65 18.24 23.64 41.69
C GLU K 65 16.95 22.81 41.58
N VAL K 66 17.06 21.66 40.91
CA VAL K 66 15.94 20.75 40.71
C VAL K 66 15.55 20.14 42.05
N MET K 67 16.55 19.73 42.81
CA MET K 67 16.32 19.16 44.12
C MET K 67 15.65 20.17 45.09
N LEU K 68 16.25 21.36 45.15
CA LEU K 68 15.76 22.45 45.98
C LEU K 68 14.28 22.63 45.73
N ARG K 69 13.97 22.78 44.43
CA ARG K 69 12.63 22.97 43.94
C ARG K 69 11.74 21.79 44.30
N ALA K 70 12.26 20.59 44.11
CA ALA K 70 11.48 19.41 44.44
C ALA K 70 11.16 19.33 45.93
N VAL K 71 12.21 19.33 46.75
CA VAL K 71 12.06 19.23 48.20
C VAL K 71 11.27 20.38 48.85
N PHE K 72 11.27 21.54 48.21
CA PHE K 72 10.53 22.69 48.72
C PHE K 72 9.04 22.43 48.65
N MET K 73 8.58 22.10 47.44
CA MET K 73 7.17 21.87 47.19
C MET K 73 6.66 20.70 47.99
N GLN K 74 7.52 19.72 48.18
CA GLN K 74 7.09 18.59 48.95
C GLN K 74 7.44 18.72 50.43
N GLN K 75 8.22 19.74 50.77
CA GLN K 75 8.68 20.00 52.15
C GLN K 75 9.26 18.71 52.72
N ARG K 76 10.37 18.30 52.10
CA ARG K 76 11.08 17.09 52.48
C ARG K 76 12.27 17.44 53.37
N PRO K 77 12.46 16.69 54.47
CA PRO K 77 13.56 16.88 55.42
C PRO K 77 14.91 16.55 54.78
N LEU K 78 15.89 17.44 55.00
CA LEU K 78 17.23 17.28 54.43
C LEU K 78 18.38 17.00 55.44
N ARG K 79 19.58 17.15 54.92
CA ARG K 79 20.80 17.00 55.67
C ARG K 79 21.65 17.91 54.81
N MET K 80 21.54 19.19 55.08
CA MET K 80 22.26 20.18 54.33
C MET K 80 23.70 20.36 54.82
N PHE K 81 24.65 20.33 53.89
CA PHE K 81 26.05 20.54 54.24
C PHE K 81 26.23 22.01 53.96
N LEU K 82 26.25 22.77 55.05
CA LEU K 82 26.38 24.23 55.07
C LEU K 82 27.77 24.79 55.31
N GLY K 83 27.98 26.00 54.82
CA GLY K 83 29.26 26.65 54.95
C GLY K 83 30.25 25.93 54.06
N PRO K 84 31.56 26.17 54.22
CA PRO K 84 32.06 27.13 55.21
C PRO K 84 31.82 28.57 54.76
N LYS K 85 31.86 28.77 53.44
CA LYS K 85 31.66 30.09 52.85
C LYS K 85 30.29 30.64 53.19
N GLN K 86 30.13 31.94 53.00
CA GLN K 86 28.86 32.59 53.28
C GLN K 86 28.72 33.72 52.30
N LEU K 87 27.47 33.96 51.90
CA LEU K 87 27.12 35.04 50.98
C LEU K 87 26.20 35.91 51.80
N THR K 88 25.41 36.73 51.13
CA THR K 88 24.52 37.61 51.86
C THR K 88 23.10 37.77 51.33
N PHE K 89 22.27 36.79 51.62
CA PHE K 89 20.87 36.87 51.22
C PHE K 89 20.19 37.61 52.36
N GLU K 90 19.28 38.52 52.02
CA GLU K 90 18.56 39.32 53.01
C GLU K 90 19.45 40.28 53.79
N GLY K 91 20.61 40.64 53.23
CA GLY K 91 21.51 41.56 53.92
C GLY K 91 22.37 40.91 54.99
N LYS K 92 21.72 40.09 55.82
CA LYS K 92 22.41 39.33 56.85
C LYS K 92 23.16 38.26 56.09
N PRO K 93 24.25 37.73 56.67
CA PRO K 93 24.97 36.69 55.93
C PRO K 93 24.16 35.39 55.87
N ALA K 94 24.60 34.49 55.02
CA ALA K 94 23.95 33.22 54.86
C ALA K 94 25.05 32.31 54.36
N LEU K 95 25.04 31.08 54.82
CA LEU K 95 26.06 30.13 54.42
C LEU K 95 25.78 29.58 53.06
N GLU K 96 26.83 29.14 52.42
CA GLU K 96 26.73 28.55 51.11
C GLU K 96 26.31 27.09 51.35
N LEU K 97 25.41 26.58 50.51
CA LEU K 97 24.93 25.20 50.58
C LEU K 97 25.76 24.47 49.54
N ILE K 98 26.34 23.34 49.91
CA ILE K 98 27.17 22.63 48.96
C ILE K 98 26.78 21.20 48.67
N ARG K 99 25.79 20.68 49.38
CA ARG K 99 25.30 19.29 49.23
C ARG K 99 24.13 19.04 50.13
N MET K 100 23.15 18.32 49.64
CA MET K 100 21.97 18.02 50.44
C MET K 100 21.57 16.62 50.09
N VAL K 101 20.84 15.98 50.97
CA VAL K 101 20.39 14.62 50.74
C VAL K 101 19.12 14.54 51.53
N GLU K 102 18.14 13.81 51.05
CA GLU K 102 16.91 13.70 51.79
C GLU K 102 17.18 12.80 52.98
N CYS K 103 16.46 13.07 54.06
CA CYS K 103 16.56 12.25 55.25
C CYS K 103 15.83 10.95 54.99
N SER K 104 16.50 9.83 55.23
CA SER K 104 15.89 8.52 55.06
C SER K 104 15.04 8.26 56.31
N GLY K 105 15.56 8.69 57.46
CA GLY K 105 14.86 8.52 58.72
C GLY K 105 15.74 8.89 59.89
N LYS K 106 15.30 8.49 61.08
CA LYS K 106 16.04 8.74 62.32
C LYS K 106 17.50 8.26 62.22
N GLN K 107 17.72 7.23 61.40
CA GLN K 107 19.04 6.63 61.20
C GLN K 107 20.07 7.66 60.73
N ASP K 108 19.86 8.23 59.54
CA ASP K 108 20.80 9.22 58.97
C ASP K 108 20.41 10.63 59.35
N CYS K 109 19.18 10.79 59.84
CA CYS K 109 18.65 12.08 60.24
C CYS K 109 17.96 12.06 61.59
N PRO K 110 18.68 12.50 62.64
CA PRO K 110 18.22 12.56 64.03
C PRO K 110 18.00 14.01 64.50
N LEU L 1 18.41 55.05 42.76
CA LEU L 1 17.52 53.92 42.49
C LEU L 1 16.80 53.45 43.77
N PRO L 2 15.89 54.29 44.30
CA PRO L 2 15.12 53.98 45.52
C PRO L 2 14.39 52.64 45.49
N THR L 3 15.13 51.60 45.84
CA THR L 3 14.63 50.25 45.87
C THR L 3 13.65 50.08 47.02
N HIS L 4 12.74 49.13 46.92
CA HIS L 4 11.78 48.91 47.99
C HIS L 4 11.54 47.44 48.10
N LEU L 5 10.77 47.06 49.10
CA LEU L 5 10.48 45.65 49.30
C LEU L 5 9.04 45.52 49.74
N TYR L 6 8.35 44.59 49.08
CA TYR L 6 6.94 44.36 49.33
C TYR L 6 6.76 42.90 49.70
N LYS L 7 6.38 42.68 50.95
CA LYS L 7 6.20 41.33 51.48
C LYS L 7 4.76 40.84 51.55
N ASN L 8 4.62 39.52 51.51
CA ASN L 8 3.32 38.88 51.63
C ASN L 8 2.32 39.31 50.58
N PHE L 9 2.86 39.70 49.42
CA PHE L 9 2.10 40.13 48.25
C PHE L 9 1.81 38.96 47.31
N THR L 10 0.63 38.95 46.70
CA THR L 10 0.25 37.90 45.75
C THR L 10 0.33 38.43 44.31
N VAL L 11 0.68 37.58 43.35
CA VAL L 11 0.74 38.00 41.95
C VAL L 11 -0.71 37.88 41.45
N GLN L 12 -1.26 38.99 40.98
CA GLN L 12 -2.64 39.02 40.45
C GLN L 12 -2.62 39.04 38.93
N GLU L 13 -1.57 39.63 38.37
CA GLU L 13 -1.40 39.72 36.91
C GLU L 13 0.01 39.33 36.49
N LEU L 14 0.09 38.51 35.44
CA LEU L 14 1.36 38.07 34.88
C LEU L 14 1.20 38.20 33.36
N ALA L 15 2.22 38.71 32.69
CA ALA L 15 2.09 38.88 31.25
C ALA L 15 3.45 39.01 30.62
N LEU L 16 3.61 38.42 29.45
CA LEU L 16 4.88 38.45 28.72
C LEU L 16 4.59 39.03 27.33
N LYS L 17 5.33 40.08 26.94
CA LYS L 17 5.10 40.75 25.64
C LYS L 17 6.37 41.23 25.02
N LEU L 18 6.20 42.00 23.96
CA LEU L 18 7.35 42.55 23.29
C LEU L 18 7.52 44.00 23.71
N LYS L 19 8.77 44.46 23.65
CA LYS L 19 9.13 45.83 23.98
C LYS L 19 10.26 46.14 23.01
N GLY L 20 9.87 46.57 21.82
CA GLY L 20 10.87 46.87 20.80
C GLY L 20 11.47 45.54 20.40
N LYS L 21 12.80 45.46 20.35
CA LYS L 21 13.43 44.21 20.00
C LYS L 21 13.30 43.27 21.20
N ASN L 22 13.55 43.85 22.36
CA ASN L 22 13.53 43.13 23.62
C ASN L 22 12.13 42.77 24.07
N GLN L 23 12.02 41.69 24.83
CA GLN L 23 10.74 41.26 25.36
C GLN L 23 10.90 41.39 26.83
N GLU L 24 9.79 41.43 27.55
CA GLU L 24 9.84 41.60 28.98
C GLU L 24 8.64 40.94 29.58
N PHE L 25 8.61 40.90 30.89
CA PHE L 25 7.46 40.37 31.60
C PHE L 25 7.20 41.27 32.76
N CYS L 26 5.98 41.24 33.27
CA CYS L 26 5.61 42.10 34.38
C CYS L 26 4.60 41.41 35.24
N LEU L 27 4.54 41.88 36.48
CA LEU L 27 3.63 41.32 37.43
C LEU L 27 2.99 42.40 38.22
N THR L 28 1.79 42.08 38.66
CA THR L 28 1.02 42.96 39.49
C THR L 28 0.99 42.14 40.76
N ALA L 29 1.69 42.62 41.78
CA ALA L 29 1.74 41.99 43.10
C ALA L 29 0.74 42.80 43.87
N PHE L 30 -0.08 42.14 44.63
CA PHE L 30 -1.07 42.88 45.33
C PHE L 30 -1.33 42.46 46.77
N MET L 31 -1.56 43.46 47.61
CA MET L 31 -1.87 43.25 49.01
C MET L 31 -3.22 43.91 49.24
N SER L 32 -4.08 43.24 49.99
CA SER L 32 -5.42 43.74 50.27
C SER L 32 -5.61 45.26 50.51
N GLY L 33 -5.34 45.73 51.72
CA GLY L 33 -5.51 47.14 51.99
C GLY L 33 -4.70 48.01 51.04
N ARG L 34 -3.45 47.62 50.83
CA ARG L 34 -2.49 48.34 50.00
C ARG L 34 -2.82 48.39 48.51
N SER L 35 -1.91 48.99 47.76
CA SER L 35 -2.07 49.13 46.33
C SER L 35 -1.50 47.95 45.52
N LEU L 36 -1.21 48.24 44.26
CA LEU L 36 -0.64 47.26 43.36
C LEU L 36 0.81 47.60 43.19
N VAL L 37 1.61 46.57 43.00
CA VAL L 37 3.00 46.80 42.78
C VAL L 37 3.25 46.27 41.37
N ARG L 38 3.66 47.15 40.46
CA ARG L 38 3.93 46.72 39.09
C ARG L 38 5.44 46.72 38.85
N ALA L 39 5.96 45.57 38.44
CA ALA L 39 7.37 45.44 38.18
C ALA L 39 7.56 44.63 36.94
N CYS L 40 8.57 45.01 36.15
CA CYS L 40 8.85 44.34 34.88
C CYS L 40 10.32 43.99 34.81
N LEU L 41 10.65 43.08 33.90
CA LEU L 41 12.03 42.62 33.69
C LEU L 41 12.19 42.47 32.17
N SER L 42 13.29 42.95 31.61
CA SER L 42 13.50 42.88 30.16
C SER L 42 14.78 42.16 29.74
N ASP L 43 14.97 41.95 28.44
CA ASP L 43 16.18 41.28 27.91
C ASP L 43 17.40 42.12 28.29
N ALA L 44 18.35 41.49 28.98
CA ALA L 44 19.57 42.15 29.42
C ALA L 44 20.50 42.53 28.28
N GLY L 45 20.06 42.30 27.04
CA GLY L 45 20.87 42.62 25.88
C GLY L 45 21.96 41.57 25.71
N HIS L 46 22.78 41.42 26.75
CA HIS L 46 23.87 40.45 26.80
C HIS L 46 23.22 39.08 26.60
N GLU L 47 23.55 38.40 25.50
CA GLU L 47 22.94 37.10 25.29
C GLU L 47 23.71 35.88 25.73
N HIS L 48 23.08 35.22 26.69
CA HIS L 48 23.50 33.99 27.39
C HIS L 48 22.73 34.11 28.70
N ASP L 49 22.52 35.35 29.11
CA ASP L 49 21.84 35.75 30.33
C ASP L 49 20.60 34.91 30.62
N THR L 50 20.80 33.77 31.26
CA THR L 50 19.73 32.86 31.62
C THR L 50 18.71 33.58 32.49
N TRP L 51 19.16 34.66 33.12
CA TRP L 51 18.35 35.46 34.04
C TRP L 51 16.87 35.66 33.68
N PHE L 52 16.59 36.22 32.51
CA PHE L 52 15.19 36.47 32.13
C PHE L 52 14.37 35.20 32.24
N ASP L 53 14.85 34.15 31.57
CA ASP L 53 14.19 32.86 31.56
C ASP L 53 13.96 32.41 32.98
N THR L 54 15.06 32.29 33.71
CA THR L 54 15.12 31.87 35.12
C THR L 54 14.14 32.64 35.99
N MET L 55 14.29 33.96 35.97
CA MET L 55 13.44 34.83 36.74
C MET L 55 11.98 34.64 36.34
N LEU L 56 11.76 34.59 35.03
CA LEU L 56 10.41 34.45 34.48
C LEU L 56 9.74 33.22 35.07
N GLY L 57 10.42 32.10 34.89
CA GLY L 57 9.92 30.83 35.40
C GLY L 57 9.53 30.99 36.84
N PHE L 58 10.49 31.51 37.62
CA PHE L 58 10.34 31.75 39.06
C PHE L 58 8.99 32.43 39.38
N ALA L 59 8.77 33.52 38.64
CA ALA L 59 7.58 34.32 38.76
C ALA L 59 6.33 33.49 38.43
N ILE L 60 6.44 32.67 37.38
CA ILE L 60 5.33 31.83 36.93
C ILE L 60 4.92 30.78 37.97
N SER L 61 5.91 30.18 38.64
CA SER L 61 5.66 29.16 39.66
C SER L 61 5.04 29.82 40.83
N ALA L 62 5.44 31.07 41.04
CA ALA L 62 4.89 31.85 42.12
C ALA L 62 3.40 32.05 41.78
N TYR L 63 3.19 32.45 40.53
CA TYR L 63 1.84 32.69 40.03
C TYR L 63 1.04 31.42 40.17
N ALA L 64 1.70 30.34 39.78
CA ALA L 64 1.15 29.01 39.77
C ALA L 64 0.77 28.51 41.14
N LEU L 65 1.76 28.51 42.02
CA LEU L 65 1.62 28.03 43.38
C LEU L 65 0.62 28.81 44.19
N LYS L 66 0.37 30.05 43.76
CA LYS L 66 -0.58 30.93 44.43
C LYS L 66 -0.11 31.24 45.84
N SER L 67 1.19 31.44 45.98
CA SER L 67 1.78 31.71 47.29
C SER L 67 2.16 33.16 47.36
N ARG L 68 2.24 33.68 48.58
CA ARG L 68 2.62 35.06 48.78
C ARG L 68 4.07 35.24 48.37
N ILE L 69 4.46 36.45 48.01
CA ILE L 69 5.83 36.69 47.62
C ILE L 69 6.42 37.97 48.20
N ALA L 70 7.72 38.09 48.02
CA ALA L 70 8.41 39.24 48.49
C ALA L 70 9.12 39.78 47.27
N LEU L 71 8.85 41.01 46.93
CA LEU L 71 9.52 41.54 45.75
C LEU L 71 10.27 42.79 46.08
N THR L 72 11.49 42.83 45.61
CA THR L 72 12.36 43.97 45.82
C THR L 72 12.46 44.70 44.49
N VAL L 73 11.54 45.64 44.30
CA VAL L 73 11.46 46.43 43.08
C VAL L 73 12.25 47.71 43.19
N GLU L 74 13.05 47.98 42.16
CA GLU L 74 13.84 49.18 42.10
C GLU L 74 12.86 50.29 41.81
N ASP L 75 13.33 51.42 41.33
CA ASP L 75 12.34 52.44 41.12
C ASP L 75 12.08 52.97 39.76
N SER L 76 10.79 53.27 39.56
CA SER L 76 10.23 53.81 38.33
C SER L 76 10.67 55.26 38.10
N PRO L 77 11.46 55.48 37.05
CA PRO L 77 11.97 56.82 36.71
C PRO L 77 10.89 57.84 36.40
N TYR L 78 9.69 57.36 36.05
CA TYR L 78 8.58 58.22 35.70
C TYR L 78 7.30 57.52 36.14
N PRO L 79 6.44 58.21 36.91
CA PRO L 79 5.17 57.69 37.43
C PRO L 79 4.34 56.97 36.37
N GLY L 80 3.53 56.01 36.80
CA GLY L 80 2.72 55.24 35.87
C GLY L 80 3.53 54.03 35.44
N THR L 81 4.77 54.28 35.04
CA THR L 81 5.71 53.24 34.62
C THR L 81 6.04 52.33 35.81
N PRO L 82 5.88 51.00 35.64
CA PRO L 82 6.16 50.00 36.67
C PRO L 82 7.67 49.95 36.98
N GLY L 83 7.99 49.49 38.18
CA GLY L 83 9.38 49.43 38.58
C GLY L 83 10.14 48.23 38.09
N ASP L 84 11.44 48.40 37.91
CA ASP L 84 12.31 47.32 37.48
C ASP L 84 12.51 46.35 38.66
N LEU L 85 12.08 45.10 38.50
CA LEU L 85 12.23 44.07 39.52
C LEU L 85 13.66 43.48 39.48
N LEU L 86 14.22 43.27 40.68
CA LEU L 86 15.58 42.73 40.80
C LEU L 86 15.67 41.53 41.74
N GLU L 87 14.63 41.29 42.54
CA GLU L 87 14.67 40.19 43.49
C GLU L 87 13.30 39.58 43.67
N LEU L 88 13.26 38.26 43.80
CA LEU L 88 12.00 37.55 43.99
C LEU L 88 12.17 36.47 45.08
N GLN L 89 11.10 36.20 45.84
CA GLN L 89 11.13 35.22 46.90
C GLN L 89 9.77 34.65 47.20
N ILE L 90 9.70 33.33 47.18
CA ILE L 90 8.44 32.65 47.44
C ILE L 90 8.20 32.36 48.93
N CYS L 91 7.28 33.12 49.52
CA CYS L 91 6.92 32.95 50.92
C CYS L 91 6.47 31.53 51.15
N PRO L 92 6.88 30.95 52.30
CA PRO L 92 6.53 29.60 52.70
C PRO L 92 5.09 29.29 52.34
N LEU L 93 4.96 28.24 51.56
CA LEU L 93 3.66 27.79 51.09
C LEU L 93 2.70 27.66 52.27
N ASN L 94 1.58 28.39 52.18
CA ASN L 94 0.54 28.39 53.20
C ASN L 94 0.76 29.46 54.25
N GLY L 95 2.03 29.84 54.44
CA GLY L 95 2.39 30.84 55.44
C GLY L 95 2.75 32.19 54.86
N TYR L 96 3.43 33.03 55.64
CA TYR L 96 3.82 34.36 55.18
C TYR L 96 5.31 34.54 55.29
N CYS L 97 5.89 35.41 54.47
CA CYS L 97 7.33 35.62 54.64
C CYS L 97 7.40 36.42 55.93
N GLU L 98 8.34 36.03 56.79
CA GLU L 98 8.51 36.74 58.05
C GLU L 98 9.31 38.01 57.73
#